data_7RZW
#
_entry.id   7RZW
#
_cell.length_a   1.00
_cell.length_b   1.00
_cell.length_c   1.00
_cell.angle_alpha   90.00
_cell.angle_beta   90.00
_cell.angle_gamma   90.00
#
_symmetry.space_group_name_H-M   'P 1'
#
loop_
_entity.id
_entity.type
_entity.pdbx_description
1 polymer 'Phytochrome B'
2 non-polymer '3-[5-[[(3~{R},4~{R})-3-ethyl-4-methyl-5-oxidanylidene-3,4-dihydropyrrol-2-yl]methyl]-2-[[5-[(4-ethyl-3-methyl-5-oxidanylidene-pyrrol-2-yl)methyl]-3-(3-hydroxy-3-oxopropyl)-4-methyl-1~{H}-pyrrol-2-yl]methyl]-4-methyl-1~{H}-pyrrol-3-yl]propanoic acid'
#
_entity_poly.entity_id   1
_entity_poly.type   'polypeptide(L)'
_entity_poly.pdbx_seq_one_letter_code
;MVSGVGGSGGGRGGGRGGEEEPSSSHTPNNRRGGEQAQSSGTKSLRPRSNTESMSKAIQQYTVDARLHAVFEQSGESGKS
FDYSQSLKTTTYGSSVPEQQITAYLSRIQRGGYIQPFGCMIAVDESSFRIIGYSENAREMLGIMPQSVPTLEKPEILAMG
TDVRSLFTSSSSILLERAFVAREITLLNPVWIHSKNTGKPFYAILHRIDVGVVIDLEPARTEDPALSIAGAVQSQKLAVR
AISQLQALPGGDIKLLCDTVVESVRDLTGYDRVMVYKFHEDEHGEVVAESKRDDLEPYIGLHYPATDIPQASRFLFKQNR
VRMIVDCNATPVLVVQDDRLTQSMCLVGSTLRAPHGCHSQYMANMGSIASLAMAVIINGNEDDGSNVASGRSSMRLWGLV
VCHHTSSRCIPFPLRYACEFLMQAFGLQLNMELQLALQMSEKRVLRTQTLLCDMLLRDSPAGIVTQSPSIMDLVKCDGAA
FLYHGKYYPLGVAPSEVQIKDVVEWLLANHADSTGLSTDSLGDAGYPGAAALGDAVCGMAVAYITKRDFLFWFRSHTAKE
IKWGGAKHHPEDKDDGQRMHPRSSFQAFLEVVKSRSQPWETAEMDAIHSLQLILRDSFKESEAAMNSKVVDGVVQPCRDM
AGEQGIDELGAVAREMVRLIETATVPIFAVDAGGCINGWNAKIAELTGLSVEEAMGKSLVSDLIYKENEATVNKLLSRAL
RGDEEKNVEVKLKTFSPELQGKAVFVVVNACSSKDYLNNIVGVCFVGQDVTSQKIVMDKFINIQGDYKAIVHSPNPLIPP
IFAADENTCCLEWNMAMEKLTGWSRSEVIGKMIVGEVFGSCCMLKGPDALTKFMIVLHNAIGGQDTDKFPFPFFDRNGKF
VQALLTANKRVSLEGKVIGAFCFLQIPSPELQQALAVQRRQDTECFTKAKELAYICQVIKNPLSGMRFANSLLEATDLNE
DQKQLLETSVSCEKQISRIVGDMDLESIEDGSFVLKREEFFLGSVINAIVSQAMFLLRDRGLQLIRDIPEEIKSIEVFGD
QIRIQQLLAEFLLSIIRYAPSQEWVEIHLSQLSKQMADGFAAIRTEFRMACPGEGLPPELVRDMFHSSRWTSPEGLGLSV
CRKILKLMNGEVQYIRESERSYFLIILELPVPRKRPLSTASGSGDMMLMMPY
;
_entity_poly.pdbx_strand_id   A,B
#
loop_
_chem_comp.id
_chem_comp.type
_chem_comp.name
_chem_comp.formula
O6E non-polymer '3-[5-[[(3~{R},4~{R})-3-ethyl-4-methyl-5-oxidanylidene-3,4-dihydropyrrol-2-yl]methyl]-2-[[5-[(4-ethyl-3-methyl-5-oxidanylidene-pyrrol-2-yl)methyl]-3-(3-hydroxy-3-oxopropyl)-4-methyl-1~{H}-pyrrol-2-yl]methyl]-4-methyl-1~{H}-pyrrol-3-yl]propanoic acid' 'C33 H38 N4 O6'
#
# COMPACT_ATOMS: atom_id res chain seq x y z
N THR A 102 8.24 -10.56 -45.78
CA THR A 102 9.30 -10.28 -44.82
C THR A 102 10.65 -10.76 -45.37
N ALA A 103 11.56 -9.80 -45.52
CA ALA A 103 12.89 -10.08 -46.07
C ALA A 103 13.69 -10.99 -45.14
N TYR A 104 14.40 -11.94 -45.75
CA TYR A 104 15.32 -12.95 -45.21
C TYR A 104 14.60 -14.10 -44.52
N LEU A 105 13.28 -14.04 -44.33
CA LEU A 105 12.56 -15.11 -43.63
C LEU A 105 12.60 -16.42 -44.42
N SER A 106 12.42 -16.34 -45.74
CA SER A 106 12.53 -17.52 -46.60
C SER A 106 13.94 -18.07 -46.61
N ARG A 107 14.96 -17.19 -46.57
CA ARG A 107 16.34 -17.64 -46.71
C ARG A 107 16.88 -18.29 -45.44
N ILE A 108 16.80 -17.57 -44.30
CA ILE A 108 17.37 -18.05 -43.03
C ILE A 108 16.79 -19.38 -42.62
N GLN A 109 15.46 -19.45 -42.51
CA GLN A 109 14.77 -20.63 -42.02
C GLN A 109 14.98 -21.84 -42.94
N ARG A 110 14.87 -21.64 -44.24
CA ARG A 110 14.93 -22.74 -45.20
C ARG A 110 16.30 -22.96 -45.81
N GLY A 111 17.30 -22.17 -45.43
CA GLY A 111 18.62 -22.34 -46.00
C GLY A 111 19.36 -23.52 -45.38
N GLY A 112 19.62 -24.54 -46.19
CA GLY A 112 20.21 -25.76 -45.67
C GLY A 112 21.72 -25.77 -45.60
N TYR A 113 22.31 -24.90 -44.78
CA TYR A 113 23.75 -24.87 -44.61
C TYR A 113 24.07 -24.85 -43.11
N ILE A 114 24.96 -25.73 -42.68
CA ILE A 114 25.34 -25.76 -41.27
C ILE A 114 26.83 -25.47 -41.16
N GLN A 115 27.33 -25.41 -39.93
CA GLN A 115 28.70 -25.13 -39.52
C GLN A 115 29.47 -26.44 -39.36
N PRO A 116 30.79 -26.44 -39.58
CA PRO A 116 31.53 -27.71 -39.58
C PRO A 116 31.82 -28.28 -38.21
N PHE A 117 31.49 -27.57 -37.13
CA PHE A 117 31.76 -28.09 -35.80
C PHE A 117 30.78 -29.20 -35.41
N GLY A 118 29.63 -29.29 -36.08
CA GLY A 118 28.62 -30.25 -35.71
C GLY A 118 28.11 -31.02 -36.91
N CYS A 119 27.27 -32.02 -36.63
CA CYS A 119 26.66 -32.87 -37.65
C CYS A 119 25.18 -32.99 -37.36
N MET A 120 24.34 -32.54 -38.30
CA MET A 120 22.89 -32.65 -38.16
C MET A 120 22.38 -33.84 -38.95
N ILE A 121 21.44 -34.57 -38.36
CA ILE A 121 20.88 -35.78 -38.96
C ILE A 121 19.37 -35.75 -38.79
N ALA A 122 18.65 -35.41 -39.86
CA ALA A 122 17.19 -35.41 -39.82
C ALA A 122 16.70 -36.85 -39.95
N VAL A 123 16.13 -37.37 -38.87
CA VAL A 123 15.53 -38.70 -38.85
C VAL A 123 14.08 -38.60 -38.40
N ASP A 124 13.20 -39.31 -39.09
CA ASP A 124 11.83 -39.43 -38.62
C ASP A 124 11.79 -40.43 -37.47
N GLU A 125 11.04 -40.07 -36.43
CA GLU A 125 11.04 -40.83 -35.18
C GLU A 125 10.45 -42.23 -35.31
N SER A 126 9.67 -42.49 -36.36
CA SER A 126 8.92 -43.74 -36.48
C SER A 126 9.84 -44.96 -36.57
N SER A 127 10.84 -44.92 -37.46
CA SER A 127 11.69 -46.09 -37.65
C SER A 127 13.15 -45.73 -37.82
N PHE A 128 13.57 -44.58 -37.27
CA PHE A 128 14.93 -44.05 -37.34
C PHE A 128 15.44 -43.92 -38.77
N ARG A 129 14.55 -43.53 -39.69
CA ARG A 129 14.89 -43.41 -41.10
C ARG A 129 15.36 -41.99 -41.40
N ILE A 130 16.57 -41.89 -41.99
CA ILE A 130 17.16 -40.61 -42.35
C ILE A 130 16.32 -39.91 -43.42
N ILE A 131 16.00 -38.65 -43.17
CA ILE A 131 15.48 -37.76 -44.20
C ILE A 131 16.38 -36.54 -44.40
N GLY A 132 17.58 -36.56 -43.81
CA GLY A 132 18.56 -35.51 -43.98
C GLY A 132 19.83 -35.79 -43.21
N TYR A 133 20.94 -35.23 -43.66
CA TYR A 133 22.26 -35.44 -43.05
C TYR A 133 23.17 -34.33 -43.52
N SER A 134 24.47 -34.44 -43.21
CA SER A 134 25.43 -33.41 -43.61
C SER A 134 26.71 -34.06 -44.11
N GLU A 135 27.56 -33.23 -44.72
CA GLU A 135 28.77 -33.72 -45.36
C GLU A 135 29.86 -34.04 -44.35
N ASN A 136 29.99 -33.24 -43.30
CA ASN A 136 31.02 -33.46 -42.28
C ASN A 136 30.67 -34.58 -41.32
N ALA A 137 29.43 -35.09 -41.36
CA ALA A 137 29.09 -36.25 -40.54
C ALA A 137 29.85 -37.49 -40.98
N ARG A 138 30.17 -37.60 -42.29
CA ARG A 138 30.96 -38.70 -42.80
C ARG A 138 32.39 -38.72 -42.24
N GLU A 139 32.90 -37.56 -41.84
CA GLU A 139 34.23 -37.52 -41.24
C GLU A 139 34.15 -37.60 -39.72
N MET A 140 33.28 -36.80 -39.11
CA MET A 140 33.25 -36.71 -37.66
C MET A 140 32.60 -37.93 -37.00
N LEU A 141 31.85 -38.74 -37.75
CA LEU A 141 31.42 -40.03 -37.23
C LEU A 141 32.38 -41.16 -37.57
N GLY A 142 33.11 -41.04 -38.67
CA GLY A 142 33.91 -42.14 -39.15
C GLY A 142 33.15 -43.13 -39.99
N ILE A 143 31.94 -42.77 -40.43
CA ILE A 143 31.08 -43.67 -41.19
C ILE A 143 31.58 -43.87 -42.61
N MET A 144 32.47 -42.98 -43.09
CA MET A 144 33.14 -43.05 -44.40
C MET A 144 32.17 -43.11 -45.58
N ILE A 156 27.96 -46.87 -43.42
CA ILE A 156 26.95 -46.74 -44.46
C ILE A 156 25.91 -45.71 -44.05
N LEU A 157 25.68 -44.72 -44.92
CA LEU A 157 24.74 -43.63 -44.63
C LEU A 157 24.02 -43.28 -45.91
N ALA A 158 22.70 -43.37 -45.89
CA ALA A 158 21.85 -42.92 -46.99
C ALA A 158 20.45 -42.67 -46.45
N MET A 159 19.55 -42.25 -47.34
CA MET A 159 18.15 -42.00 -47.00
C MET A 159 17.47 -43.33 -46.68
N GLY A 160 17.24 -43.59 -45.40
CA GLY A 160 16.75 -44.89 -44.96
C GLY A 160 17.66 -45.61 -43.99
N THR A 161 18.83 -45.05 -43.67
CA THR A 161 19.75 -45.68 -42.75
C THR A 161 19.24 -45.58 -41.31
N ASP A 162 19.19 -46.72 -40.63
CA ASP A 162 18.80 -46.79 -39.22
C ASP A 162 19.93 -46.25 -38.36
N VAL A 163 19.78 -45.01 -37.87
CA VAL A 163 20.83 -44.40 -37.05
C VAL A 163 20.81 -44.89 -35.61
N ARG A 164 19.79 -45.65 -35.22
CA ARG A 164 19.78 -46.24 -33.88
C ARG A 164 20.87 -47.29 -33.73
N SER A 165 21.24 -47.94 -34.84
CA SER A 165 22.33 -48.91 -34.85
C SER A 165 23.67 -48.29 -35.27
N LEU A 166 23.80 -46.97 -35.19
CA LEU A 166 25.06 -46.30 -35.51
C LEU A 166 25.82 -45.89 -34.26
N PHE A 167 25.27 -46.17 -33.08
CA PHE A 167 25.87 -45.80 -31.81
C PHE A 167 25.76 -46.98 -30.86
N THR A 168 26.21 -46.75 -29.62
CA THR A 168 26.16 -47.77 -28.58
C THR A 168 24.70 -48.09 -28.23
N SER A 169 24.48 -49.33 -27.77
CA SER A 169 23.14 -49.80 -27.41
C SER A 169 22.52 -48.93 -26.32
N SER A 170 23.34 -48.50 -25.34
CA SER A 170 22.88 -47.55 -24.34
C SER A 170 22.38 -46.26 -24.98
N SER A 171 23.12 -45.75 -25.96
CA SER A 171 22.69 -44.52 -26.63
C SER A 171 21.58 -44.78 -27.64
N SER A 172 21.45 -46.01 -28.13
CA SER A 172 20.28 -46.41 -28.91
C SER A 172 19.00 -46.28 -28.09
N ILE A 173 18.95 -46.94 -26.93
CA ILE A 173 17.74 -46.89 -26.10
C ILE A 173 17.56 -45.50 -25.51
N LEU A 174 18.65 -44.75 -25.31
CA LEU A 174 18.54 -43.35 -24.90
C LEU A 174 17.90 -42.49 -25.99
N LEU A 175 18.27 -42.72 -27.26
CA LEU A 175 17.70 -41.95 -28.34
C LEU A 175 16.24 -42.27 -28.58
N GLU A 176 15.86 -43.55 -28.49
CA GLU A 176 14.43 -43.85 -28.66
C GLU A 176 13.62 -43.49 -27.42
N ARG A 177 14.27 -43.38 -26.25
CA ARG A 177 13.60 -42.80 -25.08
C ARG A 177 13.37 -41.31 -25.29
N ALA A 178 14.36 -40.61 -25.84
CA ALA A 178 14.24 -39.18 -26.07
C ALA A 178 13.34 -38.83 -27.24
N PHE A 179 13.08 -39.78 -28.15
CA PHE A 179 12.05 -39.57 -29.16
C PHE A 179 10.66 -39.49 -28.55
N VAL A 180 10.30 -40.47 -27.72
CA VAL A 180 8.93 -40.55 -27.16
C VAL A 180 8.95 -39.77 -25.85
N ALA A 181 8.78 -38.46 -25.98
CA ALA A 181 8.61 -37.60 -24.82
C ALA A 181 7.53 -36.56 -25.10
N ARG A 182 7.03 -35.95 -24.02
CA ARG A 182 6.14 -34.80 -24.17
C ARG A 182 6.93 -33.59 -24.67
N GLU A 183 7.89 -33.12 -23.88
CA GLU A 183 8.86 -32.12 -24.29
C GLU A 183 10.24 -32.75 -24.33
N ILE A 184 11.00 -32.44 -25.39
CA ILE A 184 12.33 -32.99 -25.57
C ILE A 184 13.42 -32.02 -25.12
N THR A 185 13.03 -30.82 -24.69
CA THR A 185 13.98 -29.81 -24.21
C THR A 185 14.69 -30.26 -22.94
N LEU A 186 13.96 -30.97 -22.07
CA LEU A 186 14.52 -31.47 -20.79
C LEU A 186 15.60 -32.51 -21.07
N LEU A 187 15.40 -33.34 -22.08
CA LEU A 187 16.32 -34.42 -22.41
C LEU A 187 17.67 -33.90 -22.91
N ASN A 188 17.65 -32.83 -23.70
CA ASN A 188 18.88 -32.27 -24.26
C ASN A 188 19.81 -31.75 -23.17
N PRO A 189 21.11 -32.05 -23.23
CA PRO A 189 21.71 -32.94 -24.23
C PRO A 189 21.97 -34.38 -23.76
N VAL A 190 21.38 -35.33 -24.48
CA VAL A 190 21.63 -36.74 -24.18
C VAL A 190 23.07 -37.07 -24.55
N TRP A 191 23.73 -37.83 -23.68
CA TRP A 191 25.12 -38.22 -23.92
C TRP A 191 25.12 -39.47 -24.79
N ILE A 192 25.63 -39.35 -26.01
CA ILE A 192 25.62 -40.43 -26.99
C ILE A 192 27.07 -40.80 -27.32
N HIS A 193 27.38 -42.09 -27.23
CA HIS A 193 28.69 -42.61 -27.56
C HIS A 193 28.61 -43.24 -28.94
N SER A 194 29.52 -42.84 -29.84
CA SER A 194 29.51 -43.37 -31.19
C SER A 194 30.18 -44.74 -31.23
N LYS A 195 30.04 -45.42 -32.37
CA LYS A 195 30.51 -46.78 -32.50
C LYS A 195 31.60 -46.96 -33.53
N ASN A 196 31.54 -46.22 -34.64
CA ASN A 196 32.51 -46.39 -35.71
C ASN A 196 33.89 -45.83 -35.33
N THR A 197 33.95 -44.87 -34.41
CA THR A 197 35.22 -44.45 -33.82
C THR A 197 35.22 -44.46 -32.31
N GLY A 198 34.06 -44.43 -31.64
CA GLY A 198 33.97 -44.56 -30.21
C GLY A 198 33.97 -43.26 -29.43
N LYS A 199 34.01 -42.12 -30.11
CA LYS A 199 34.10 -40.85 -29.43
C LYS A 199 32.69 -40.40 -29.01
N PRO A 200 32.49 -39.96 -27.76
CA PRO A 200 31.15 -39.52 -27.34
C PRO A 200 30.75 -38.20 -27.97
N PHE A 201 29.44 -38.08 -28.26
CA PHE A 201 28.86 -36.90 -28.91
C PHE A 201 27.62 -36.40 -28.19
N TYR A 202 27.55 -35.10 -27.96
CA TYR A 202 26.32 -34.46 -27.47
C TYR A 202 25.28 -34.52 -28.56
N ALA A 203 24.01 -34.72 -28.19
CA ALA A 203 22.95 -34.95 -29.18
C ALA A 203 21.72 -34.07 -28.90
N ILE A 204 21.70 -32.88 -29.49
CA ILE A 204 20.65 -31.90 -29.27
C ILE A 204 19.44 -32.23 -30.15
N LEU A 205 18.50 -32.99 -29.59
CA LEU A 205 17.26 -33.30 -30.29
C LEU A 205 16.30 -32.11 -30.30
N HIS A 206 15.62 -31.92 -31.43
CA HIS A 206 14.49 -30.99 -31.51
C HIS A 206 13.61 -31.39 -32.68
N ARG A 207 12.30 -31.21 -32.51
CA ARG A 207 11.33 -31.57 -33.53
C ARG A 207 11.17 -30.47 -34.58
N ILE A 208 11.07 -30.88 -35.83
CA ILE A 208 10.85 -29.96 -36.95
C ILE A 208 9.51 -30.27 -37.59
N ASP A 209 9.26 -29.64 -38.75
CA ASP A 209 7.95 -29.65 -39.41
C ASP A 209 7.40 -31.05 -39.67
N VAL A 210 8.26 -32.00 -40.03
CA VAL A 210 7.84 -33.35 -40.35
C VAL A 210 8.36 -34.37 -39.34
N GLY A 211 9.62 -34.26 -38.92
CA GLY A 211 10.22 -35.20 -38.01
C GLY A 211 10.97 -34.49 -36.91
N VAL A 212 12.04 -35.15 -36.44
CA VAL A 212 13.00 -34.56 -35.54
C VAL A 212 14.34 -34.51 -36.27
N VAL A 213 15.30 -33.80 -35.70
CA VAL A 213 16.65 -33.75 -36.25
C VAL A 213 17.64 -33.59 -35.12
N ILE A 214 18.65 -34.46 -35.09
CA ILE A 214 19.67 -34.45 -34.05
C ILE A 214 20.74 -33.45 -34.47
N ASP A 215 21.62 -33.08 -33.55
CA ASP A 215 22.70 -32.13 -33.82
C ASP A 215 23.93 -32.59 -33.05
N LEU A 216 24.76 -33.41 -33.69
CA LEU A 216 25.85 -34.06 -32.98
C LEU A 216 27.07 -33.14 -32.87
N GLU A 217 27.42 -32.77 -31.64
CA GLU A 217 28.59 -31.95 -31.36
C GLU A 217 29.58 -32.76 -30.54
N PRO A 218 30.83 -32.88 -30.99
CA PRO A 218 31.83 -33.65 -30.24
C PRO A 218 32.14 -33.02 -28.88
N ALA A 219 32.36 -33.87 -27.89
CA ALA A 219 32.63 -33.44 -26.53
C ALA A 219 34.11 -33.62 -26.20
N ARG A 220 34.75 -32.54 -25.77
CA ARG A 220 36.16 -32.58 -25.38
C ARG A 220 36.38 -33.47 -24.17
N THR A 221 35.49 -33.39 -23.17
CA THR A 221 35.59 -34.20 -21.97
C THR A 221 34.21 -34.38 -21.33
N SER A 227 29.66 -35.50 -16.68
CA SER A 227 28.70 -36.02 -17.63
C SER A 227 27.33 -35.37 -17.45
N ILE A 228 26.85 -34.74 -18.51
CA ILE A 228 25.55 -34.06 -18.51
C ILE A 228 24.56 -34.92 -19.27
N ALA A 229 23.54 -35.41 -18.57
CA ALA A 229 22.53 -36.28 -19.16
C ALA A 229 21.22 -35.57 -19.45
N GLY A 230 21.08 -34.30 -19.08
CA GLY A 230 19.81 -33.63 -19.29
C GLY A 230 19.92 -32.15 -19.04
N ALA A 231 18.75 -31.48 -19.13
CA ALA A 231 18.69 -30.04 -18.93
C ALA A 231 19.04 -29.64 -17.51
N VAL A 232 18.58 -30.40 -16.52
CA VAL A 232 18.76 -30.02 -15.12
C VAL A 232 20.24 -29.99 -14.72
N GLN A 233 21.03 -30.96 -15.22
CA GLN A 233 22.47 -30.99 -14.96
C GLN A 233 23.16 -29.78 -15.58
N SER A 234 22.75 -29.40 -16.79
CA SER A 234 23.30 -28.22 -17.45
C SER A 234 22.90 -26.94 -16.71
N GLN A 235 21.66 -26.88 -16.23
CA GLN A 235 21.16 -25.72 -15.51
C GLN A 235 21.82 -25.56 -14.14
N LYS A 236 22.36 -26.65 -13.58
CA LYS A 236 23.10 -26.58 -12.32
C LYS A 236 24.31 -25.66 -12.42
N LEU A 237 24.96 -25.60 -13.59
CA LEU A 237 26.02 -24.62 -13.79
C LEU A 237 25.47 -23.20 -13.72
N ALA A 238 24.29 -22.99 -14.32
CA ALA A 238 23.68 -21.66 -14.39
C ALA A 238 23.22 -21.14 -13.04
N VAL A 239 22.70 -22.02 -12.18
CA VAL A 239 21.95 -21.60 -10.98
C VAL A 239 22.80 -20.77 -10.01
N ARG A 240 24.12 -20.99 -9.96
CA ARG A 240 24.98 -20.15 -9.12
C ARG A 240 24.99 -18.70 -9.59
N ALA A 241 25.18 -18.49 -10.90
CA ALA A 241 25.13 -17.15 -11.48
C ALA A 241 23.73 -16.55 -11.36
N ILE A 242 22.71 -17.38 -11.53
CA ILE A 242 21.32 -16.93 -11.38
C ILE A 242 21.05 -16.47 -9.97
N SER A 243 21.55 -17.20 -8.97
CA SER A 243 21.38 -16.82 -7.57
C SER A 243 22.09 -15.51 -7.27
N GLN A 244 23.28 -15.31 -7.84
CA GLN A 244 23.95 -14.01 -7.71
C GLN A 244 23.13 -12.90 -8.37
N LEU A 245 22.55 -13.20 -9.53
CA LEU A 245 21.76 -12.19 -10.30
C LEU A 245 20.47 -11.82 -9.55
N GLN A 246 19.78 -12.79 -8.96
CA GLN A 246 18.51 -12.53 -8.30
C GLN A 246 18.68 -11.68 -7.05
N ALA A 247 19.76 -11.89 -6.29
CA ALA A 247 20.00 -11.12 -5.08
C ALA A 247 20.64 -9.78 -5.46
N LEU A 248 19.82 -8.94 -6.10
CA LEU A 248 20.20 -7.61 -6.54
C LEU A 248 19.10 -6.63 -6.17
N PRO A 249 19.47 -5.42 -5.70
CA PRO A 249 18.46 -4.37 -5.51
C PRO A 249 17.80 -3.99 -6.82
N GLY A 250 16.49 -3.76 -6.76
CA GLY A 250 15.73 -3.40 -7.93
C GLY A 250 15.86 -1.95 -8.32
N GLY A 251 15.18 -1.59 -9.40
CA GLY A 251 15.14 -0.22 -9.88
C GLY A 251 16.39 0.28 -10.56
N ASP A 252 17.21 -0.60 -11.11
CA ASP A 252 18.39 -0.19 -11.89
C ASP A 252 18.69 -1.31 -12.90
N ILE A 253 18.23 -1.10 -14.14
CA ILE A 253 18.43 -2.07 -15.21
C ILE A 253 19.91 -2.21 -15.54
N LYS A 254 20.66 -1.10 -15.45
CA LYS A 254 22.08 -1.09 -15.81
C LYS A 254 22.92 -2.00 -14.91
N LEU A 255 22.65 -1.99 -13.60
CA LEU A 255 23.36 -2.88 -12.68
C LEU A 255 23.06 -4.35 -12.98
N LEU A 256 21.80 -4.64 -13.31
CA LEU A 256 21.39 -5.99 -13.68
C LEU A 256 22.09 -6.46 -14.94
N CYS A 257 22.18 -5.58 -15.95
CA CYS A 257 22.87 -5.90 -17.19
C CYS A 257 24.36 -6.12 -16.96
N ASP A 258 24.98 -5.31 -16.09
CA ASP A 258 26.38 -5.51 -15.74
C ASP A 258 26.59 -6.85 -15.03
N THR A 259 25.65 -7.24 -14.17
CA THR A 259 25.71 -8.55 -13.53
C THR A 259 25.62 -9.67 -14.55
N VAL A 260 24.73 -9.50 -15.55
CA VAL A 260 24.56 -10.51 -16.59
C VAL A 260 25.81 -10.66 -17.44
N VAL A 261 26.42 -9.54 -17.86
CA VAL A 261 27.64 -9.65 -18.67
C VAL A 261 28.79 -10.23 -17.88
N GLU A 262 28.92 -9.89 -16.58
CA GLU A 262 29.96 -10.53 -15.77
C GLU A 262 29.72 -12.03 -15.63
N SER A 263 28.47 -12.45 -15.40
CA SER A 263 28.16 -13.86 -15.26
C SER A 263 28.39 -14.62 -16.56
N VAL A 264 28.01 -14.03 -17.69
CA VAL A 264 28.17 -14.70 -18.98
C VAL A 264 29.64 -14.74 -19.39
N ARG A 265 30.40 -13.71 -19.02
CA ARG A 265 31.84 -13.72 -19.26
C ARG A 265 32.55 -14.80 -18.45
N ASP A 266 32.23 -14.90 -17.15
CA ASP A 266 32.85 -15.91 -16.32
C ASP A 266 32.29 -17.32 -16.55
N LEU A 267 31.15 -17.46 -17.22
CA LEU A 267 30.68 -18.78 -17.63
C LEU A 267 31.31 -19.21 -18.95
N THR A 268 31.08 -18.41 -20.01
CA THR A 268 31.38 -18.84 -21.37
C THR A 268 32.87 -18.80 -21.69
N GLY A 269 33.60 -17.88 -21.09
CA GLY A 269 34.99 -17.66 -21.46
C GLY A 269 35.18 -16.91 -22.76
N TYR A 270 34.19 -16.17 -23.21
CA TYR A 270 34.33 -15.37 -24.42
C TYR A 270 35.13 -14.11 -24.11
N ASP A 271 35.60 -13.45 -25.17
CA ASP A 271 36.41 -12.25 -25.01
C ASP A 271 35.56 -11.05 -24.60
N ARG A 272 34.46 -10.82 -25.31
CA ARG A 272 33.62 -9.64 -25.10
C ARG A 272 32.17 -10.05 -25.22
N VAL A 273 31.46 -10.02 -24.10
CA VAL A 273 30.01 -10.17 -24.12
C VAL A 273 29.37 -8.81 -23.89
N MET A 274 28.15 -8.64 -24.39
CA MET A 274 27.48 -7.35 -24.31
C MET A 274 25.97 -7.57 -24.33
N VAL A 275 25.24 -6.58 -23.86
CA VAL A 275 23.78 -6.61 -23.88
C VAL A 275 23.33 -5.59 -24.93
N TYR A 276 22.95 -6.10 -26.10
CA TYR A 276 22.32 -5.29 -27.12
C TYR A 276 20.86 -5.12 -26.74
N LYS A 277 20.36 -3.89 -26.83
CA LYS A 277 18.98 -3.59 -26.42
C LYS A 277 18.28 -2.82 -27.53
N PHE A 278 17.23 -3.41 -28.09
CA PHE A 278 16.45 -2.72 -29.11
C PHE A 278 15.64 -1.59 -28.48
N HIS A 279 15.54 -0.47 -29.20
CA HIS A 279 14.73 0.65 -28.76
C HIS A 279 13.34 0.56 -29.38
N GLU A 280 12.55 1.63 -29.23
CA GLU A 280 11.23 1.68 -29.82
C GLU A 280 11.28 1.90 -31.32
N ASP A 281 12.43 2.34 -31.83
CA ASP A 281 12.65 2.60 -33.25
C ASP A 281 13.04 1.35 -34.02
N GLU A 282 13.10 0.20 -33.34
CA GLU A 282 13.65 -1.10 -33.73
C GLU A 282 15.17 -1.09 -33.88
N HIS A 283 15.84 0.05 -33.70
CA HIS A 283 17.28 0.11 -33.69
C HIS A 283 17.77 -0.18 -32.28
N GLY A 284 18.99 -0.71 -32.18
CA GLY A 284 19.51 -1.18 -30.93
C GLY A 284 20.60 -0.29 -30.32
N GLU A 285 21.01 -0.68 -29.13
CA GLU A 285 22.10 -0.01 -28.42
C GLU A 285 22.76 -0.99 -27.46
N VAL A 286 24.09 -1.06 -27.49
CA VAL A 286 24.83 -1.88 -26.54
C VAL A 286 24.80 -1.19 -25.18
N VAL A 287 24.12 -1.78 -24.20
CA VAL A 287 23.90 -1.14 -22.91
C VAL A 287 24.74 -1.75 -21.79
N ALA A 288 25.54 -2.77 -22.07
CA ALA A 288 26.43 -3.34 -21.07
C ALA A 288 27.61 -3.99 -21.75
N GLU A 289 28.67 -4.22 -20.98
CA GLU A 289 29.87 -4.86 -21.53
C GLU A 289 30.69 -5.45 -20.41
N SER A 290 31.34 -6.58 -20.72
CA SER A 290 32.33 -7.20 -19.85
C SER A 290 33.51 -7.68 -20.69
N LYS A 291 34.03 -6.79 -21.53
CA LYS A 291 35.05 -7.13 -22.51
C LYS A 291 36.36 -7.55 -21.85
N ARG A 292 37.15 -8.30 -22.62
CA ARG A 292 38.56 -8.46 -22.30
C ARG A 292 39.26 -7.12 -22.51
N ASP A 293 40.07 -6.71 -21.53
CA ASP A 293 40.48 -5.32 -21.39
C ASP A 293 41.45 -4.84 -22.47
N ASP A 294 41.97 -5.72 -23.32
CA ASP A 294 42.80 -5.29 -24.44
C ASP A 294 42.00 -5.06 -25.72
N LEU A 295 40.71 -4.74 -25.59
CA LEU A 295 39.85 -4.46 -26.73
C LEU A 295 39.24 -3.07 -26.57
N GLU A 296 38.31 -2.73 -27.45
CA GLU A 296 37.71 -1.40 -27.42
C GLU A 296 36.30 -1.45 -26.85
N PRO A 297 35.91 -0.43 -26.07
CA PRO A 297 34.56 -0.46 -25.46
C PRO A 297 33.48 -0.18 -26.48
N TYR A 298 32.43 -1.00 -26.45
CA TYR A 298 31.28 -0.88 -27.33
C TYR A 298 30.07 -0.26 -26.65
N ILE A 299 30.21 0.17 -25.39
CA ILE A 299 29.06 0.62 -24.62
C ILE A 299 28.63 2.00 -25.12
N GLY A 300 27.34 2.16 -25.38
CA GLY A 300 26.79 3.36 -25.94
C GLY A 300 26.59 3.34 -27.44
N LEU A 301 27.21 2.39 -28.14
CA LEU A 301 27.17 2.38 -29.59
C LEU A 301 25.81 1.91 -30.08
N HIS A 302 25.11 2.79 -30.80
CA HIS A 302 23.82 2.46 -31.39
C HIS A 302 24.00 1.94 -32.81
N TYR A 303 23.23 0.92 -33.15
CA TYR A 303 23.27 0.27 -34.43
C TYR A 303 21.89 0.37 -35.10
N PRO A 304 21.83 0.41 -36.43
CA PRO A 304 20.54 0.59 -37.11
C PRO A 304 19.60 -0.58 -36.92
N ALA A 305 18.32 -0.34 -37.26
CA ALA A 305 17.33 -1.40 -37.21
C ALA A 305 17.56 -2.42 -38.31
N THR A 306 17.92 -1.95 -39.51
CA THR A 306 18.18 -2.83 -40.65
C THR A 306 19.44 -3.66 -40.49
N ASP A 307 20.26 -3.37 -39.46
CA ASP A 307 21.42 -4.20 -39.14
C ASP A 307 20.98 -5.61 -38.73
N ILE A 308 19.89 -5.71 -37.98
CA ILE A 308 19.34 -7.02 -37.63
C ILE A 308 17.88 -7.09 -38.06
N PRO A 309 17.59 -7.84 -39.12
CA PRO A 309 16.23 -7.86 -39.68
C PRO A 309 15.20 -8.45 -38.72
N GLN A 310 13.94 -8.04 -38.92
CA GLN A 310 12.82 -8.53 -38.12
C GLN A 310 12.64 -10.05 -38.25
N ALA A 311 13.06 -10.63 -39.37
CA ALA A 311 13.07 -12.08 -39.49
C ALA A 311 14.03 -12.70 -38.49
N SER A 312 15.20 -12.07 -38.30
CA SER A 312 16.16 -12.55 -37.31
C SER A 312 15.65 -12.36 -35.89
N ARG A 313 14.83 -11.34 -35.66
CA ARG A 313 14.32 -11.11 -34.31
C ARG A 313 13.16 -12.02 -33.97
N PHE A 314 12.31 -12.38 -34.95
CA PHE A 314 11.31 -13.42 -34.71
C PHE A 314 11.98 -14.79 -34.59
N LEU A 315 13.04 -15.01 -35.37
CA LEU A 315 13.91 -16.16 -35.21
C LEU A 315 14.45 -16.29 -33.80
N PHE A 316 14.87 -15.17 -33.20
CA PHE A 316 15.35 -15.20 -31.82
C PHE A 316 14.21 -15.31 -30.82
N LYS A 317 13.01 -14.85 -31.18
CA LYS A 317 11.85 -15.09 -30.33
C LYS A 317 11.54 -16.58 -30.23
N GLN A 318 11.72 -17.31 -31.33
CA GLN A 318 11.46 -18.75 -31.31
C GLN A 318 12.63 -19.59 -30.84
N ASN A 319 13.87 -19.17 -31.11
CA ASN A 319 15.06 -20.01 -30.94
C ASN A 319 15.84 -19.71 -29.67
N ARG A 320 16.06 -18.42 -29.38
CA ARG A 320 16.42 -17.86 -28.07
C ARG A 320 17.87 -18.11 -27.63
N VAL A 321 18.61 -18.95 -28.35
CA VAL A 321 20.07 -19.03 -28.19
C VAL A 321 20.67 -19.54 -29.50
N ARG A 322 21.76 -18.91 -29.92
CA ARG A 322 22.31 -19.15 -31.25
C ARG A 322 23.80 -18.82 -31.23
N MET A 323 24.64 -19.84 -31.27
CA MET A 323 26.08 -19.65 -31.35
C MET A 323 26.58 -19.86 -32.78
N ILE A 324 27.75 -19.28 -33.07
CA ILE A 324 28.60 -19.74 -34.16
C ILE A 324 30.00 -19.98 -33.59
N VAL A 325 30.76 -20.83 -34.28
CA VAL A 325 32.12 -21.13 -33.87
C VAL A 325 33.14 -20.36 -34.70
N ASP A 326 32.99 -20.36 -36.02
CA ASP A 326 33.88 -19.64 -36.92
C ASP A 326 33.05 -18.99 -38.02
N CYS A 327 33.19 -17.67 -38.18
CA CYS A 327 32.54 -17.01 -39.30
C CYS A 327 33.27 -17.26 -40.61
N ASN A 328 34.57 -17.53 -40.54
CA ASN A 328 35.38 -17.86 -41.72
C ASN A 328 35.37 -19.34 -42.04
N ALA A 329 34.38 -20.09 -41.55
CA ALA A 329 34.27 -21.51 -41.83
C ALA A 329 33.29 -21.74 -42.97
N THR A 330 33.51 -22.82 -43.71
CA THR A 330 32.70 -23.08 -44.89
C THR A 330 31.33 -23.61 -44.49
N PRO A 331 30.25 -23.10 -45.10
CA PRO A 331 28.91 -23.59 -44.75
C PRO A 331 28.66 -24.99 -45.27
N VAL A 332 28.60 -25.96 -44.37
CA VAL A 332 28.39 -27.35 -44.75
C VAL A 332 26.92 -27.54 -45.14
N LEU A 333 26.69 -27.84 -46.40
CA LEU A 333 25.32 -27.97 -46.89
C LEU A 333 24.74 -29.31 -46.47
N VAL A 334 23.44 -29.31 -46.18
CA VAL A 334 22.73 -30.52 -45.87
C VAL A 334 22.09 -31.07 -47.15
N VAL A 335 21.77 -32.35 -47.12
CA VAL A 335 21.16 -33.03 -48.25
C VAL A 335 19.66 -33.15 -47.97
N GLN A 336 18.88 -32.27 -48.59
CA GLN A 336 17.43 -32.31 -48.47
C GLN A 336 16.87 -33.53 -49.19
N ASP A 337 15.78 -34.07 -48.66
CA ASP A 337 15.09 -35.19 -49.28
C ASP A 337 14.57 -34.76 -50.64
N ASP A 338 14.82 -35.60 -51.64
CA ASP A 338 14.40 -35.32 -53.02
C ASP A 338 12.87 -35.34 -53.14
N ARG A 339 12.21 -36.20 -52.37
CA ARG A 339 10.76 -36.37 -52.45
C ARG A 339 10.01 -35.10 -52.06
N LEU A 340 10.45 -34.43 -51.00
CA LEU A 340 9.82 -33.19 -50.56
C LEU A 340 10.56 -32.01 -51.17
N THR A 341 9.86 -31.26 -52.02
CA THR A 341 10.47 -30.14 -52.75
C THR A 341 10.89 -29.02 -51.79
N GLN A 342 10.04 -28.69 -50.81
CA GLN A 342 10.32 -27.62 -49.88
C GLN A 342 11.51 -27.95 -48.98
N SER A 343 12.39 -26.98 -48.81
CA SER A 343 13.59 -27.17 -47.99
C SER A 343 13.21 -27.24 -46.51
N MET A 344 14.11 -27.81 -45.72
CA MET A 344 13.90 -27.99 -44.29
C MET A 344 13.79 -26.63 -43.58
N CYS A 345 12.76 -26.50 -42.75
CA CYS A 345 12.50 -25.25 -42.02
C CYS A 345 13.18 -25.30 -40.65
N LEU A 346 14.52 -25.44 -40.69
CA LEU A 346 15.29 -25.59 -39.42
C LEU A 346 15.46 -24.25 -38.71
N VAL A 347 14.70 -24.04 -37.64
CA VAL A 347 14.79 -22.85 -36.80
C VAL A 347 15.50 -23.13 -35.50
N GLY A 348 15.20 -24.27 -34.88
CA GLY A 348 15.72 -24.59 -33.57
C GLY A 348 16.98 -25.44 -33.61
N SER A 349 17.65 -25.45 -34.75
CA SER A 349 18.94 -26.12 -34.85
C SER A 349 20.04 -25.22 -34.33
N THR A 350 20.92 -25.81 -33.53
CA THR A 350 22.08 -25.10 -32.98
C THR A 350 23.26 -25.09 -33.92
N LEU A 351 23.09 -25.63 -35.13
CA LEU A 351 24.20 -25.91 -36.04
C LEU A 351 24.15 -25.15 -37.34
N ARG A 352 22.98 -24.64 -37.75
CA ARG A 352 22.81 -23.99 -39.05
C ARG A 352 23.69 -22.75 -39.21
N ALA A 353 24.35 -22.62 -40.36
CA ALA A 353 25.28 -21.50 -40.58
C ALA A 353 24.51 -20.18 -40.76
N PRO A 354 25.09 -19.02 -40.34
CA PRO A 354 24.43 -17.72 -40.50
C PRO A 354 24.35 -17.27 -41.97
N HIS A 355 23.52 -16.26 -42.25
CA HIS A 355 23.37 -15.73 -43.64
C HIS A 355 24.71 -15.21 -44.16
N GLY A 356 24.90 -15.25 -45.49
CA GLY A 356 26.13 -14.74 -46.10
C GLY A 356 26.38 -13.29 -45.69
N CYS A 357 25.30 -12.56 -45.36
CA CYS A 357 25.45 -11.17 -44.96
C CYS A 357 25.93 -11.07 -43.52
N HIS A 358 25.39 -11.89 -42.63
CA HIS A 358 25.82 -11.87 -41.21
C HIS A 358 27.24 -12.42 -41.07
N SER A 359 27.60 -13.43 -41.87
CA SER A 359 28.96 -14.03 -41.81
C SER A 359 30.01 -12.98 -42.19
N GLN A 360 29.82 -12.29 -43.33
CA GLN A 360 30.77 -11.23 -43.76
C GLN A 360 30.75 -10.10 -42.73
N TYR A 361 29.57 -9.79 -42.17
CA TYR A 361 29.44 -8.74 -41.16
C TYR A 361 30.35 -9.02 -39.97
N MET A 362 30.37 -10.27 -39.51
CA MET A 362 31.22 -10.64 -38.38
C MET A 362 32.69 -10.66 -38.76
N ALA A 363 32.99 -11.01 -40.02
CA ALA A 363 34.37 -10.90 -40.50
C ALA A 363 34.83 -9.45 -40.51
N ASN A 364 33.93 -8.52 -40.87
CA ASN A 364 34.26 -7.10 -40.79
C ASN A 364 34.28 -6.59 -39.35
N MET A 365 33.58 -7.24 -38.41
CA MET A 365 33.51 -6.75 -37.05
C MET A 365 34.79 -6.98 -36.25
N GLY A 366 35.58 -7.97 -36.63
CA GLY A 366 36.78 -8.30 -35.89
C GLY A 366 36.47 -9.24 -34.75
N SER A 367 35.54 -10.17 -35.00
CA SER A 367 35.15 -11.16 -34.00
C SER A 367 34.57 -12.34 -34.76
N ILE A 368 35.30 -13.46 -34.77
CA ILE A 368 34.95 -14.59 -35.64
C ILE A 368 34.10 -15.63 -34.93
N ALA A 369 33.81 -15.46 -33.64
CA ALA A 369 32.92 -16.35 -32.92
C ALA A 369 31.90 -15.52 -32.17
N SER A 370 30.62 -15.81 -32.39
CA SER A 370 29.53 -15.04 -31.80
C SER A 370 28.52 -16.01 -31.19
N LEU A 371 28.23 -15.82 -29.90
CA LEU A 371 27.13 -16.49 -29.22
C LEU A 371 26.11 -15.43 -28.85
N ALA A 372 24.99 -15.40 -29.54
CA ALA A 372 23.92 -14.46 -29.25
C ALA A 372 22.70 -15.22 -28.75
N MET A 373 22.12 -14.74 -27.65
CA MET A 373 20.96 -15.35 -27.03
C MET A 373 19.95 -14.27 -26.65
N ALA A 374 18.68 -14.59 -26.80
CA ALA A 374 17.62 -13.59 -26.77
C ALA A 374 17.16 -13.29 -25.34
N VAL A 375 16.95 -12.01 -25.05
CA VAL A 375 16.43 -11.58 -23.76
C VAL A 375 14.93 -11.36 -23.91
N ILE A 376 14.17 -12.45 -23.90
CA ILE A 376 12.71 -12.37 -24.01
C ILE A 376 12.14 -11.76 -22.73
N ILE A 377 11.19 -10.83 -22.88
CA ILE A 377 10.41 -10.32 -21.78
C ILE A 377 8.95 -10.65 -22.06
N ASN A 378 8.34 -11.40 -21.15
CA ASN A 378 6.97 -11.87 -21.33
C ASN A 378 5.94 -10.87 -20.81
N SER A 393 3.33 -10.01 -24.84
CA SER A 393 3.27 -11.43 -24.56
C SER A 393 4.65 -12.08 -24.65
N MET A 394 5.37 -11.77 -25.72
CA MET A 394 6.71 -12.33 -25.94
C MET A 394 7.63 -11.26 -26.51
N ARG A 395 7.64 -10.09 -25.88
CA ARG A 395 8.45 -8.96 -26.35
C ARG A 395 9.94 -9.30 -26.34
N LEU A 396 10.60 -9.07 -27.47
CA LEU A 396 12.06 -9.20 -27.57
C LEU A 396 12.68 -7.90 -27.11
N TRP A 397 13.05 -7.84 -25.83
CA TRP A 397 13.65 -6.64 -25.28
C TRP A 397 15.04 -6.40 -25.86
N GLY A 398 15.88 -7.40 -25.84
CA GLY A 398 17.22 -7.23 -26.33
C GLY A 398 17.88 -8.53 -26.71
N LEU A 399 19.21 -8.49 -26.72
CA LEU A 399 20.05 -9.62 -27.08
C LEU A 399 21.31 -9.56 -26.25
N VAL A 400 21.68 -10.65 -25.60
CA VAL A 400 23.00 -10.76 -25.01
C VAL A 400 23.91 -11.40 -26.05
N VAL A 401 24.84 -10.61 -26.57
CA VAL A 401 25.70 -11.03 -27.68
C VAL A 401 27.12 -11.19 -27.15
N CYS A 402 27.67 -12.39 -27.34
CA CYS A 402 29.05 -12.68 -26.98
C CYS A 402 29.93 -12.62 -28.22
N HIS A 403 31.19 -12.20 -28.02
CA HIS A 403 32.14 -12.09 -29.12
C HIS A 403 33.48 -12.66 -28.68
N HIS A 404 34.07 -13.50 -29.53
CA HIS A 404 35.40 -14.04 -29.30
C HIS A 404 36.28 -13.73 -30.50
N THR A 405 37.51 -13.27 -30.23
CA THR A 405 38.42 -12.92 -31.31
C THR A 405 38.96 -14.16 -32.04
N SER A 406 39.15 -15.26 -31.32
CA SER A 406 39.49 -16.53 -31.94
C SER A 406 38.22 -17.36 -32.10
N SER A 407 38.36 -18.53 -32.72
CA SER A 407 37.22 -19.40 -33.00
C SER A 407 36.91 -20.21 -31.75
N ARG A 408 35.85 -19.82 -31.04
CA ARG A 408 35.49 -20.41 -29.75
C ARG A 408 34.32 -21.38 -29.92
N CYS A 409 34.51 -22.61 -29.48
CA CYS A 409 33.40 -23.51 -29.25
C CYS A 409 33.11 -23.61 -27.76
N ILE A 410 31.92 -24.10 -27.43
CA ILE A 410 31.47 -24.16 -26.05
C ILE A 410 30.48 -25.32 -25.97
N PRO A 411 30.51 -26.15 -24.92
CA PRO A 411 29.61 -27.29 -24.87
C PRO A 411 28.15 -26.87 -24.72
N PHE A 412 27.27 -27.67 -25.30
CA PHE A 412 25.83 -27.41 -25.17
C PHE A 412 25.29 -27.40 -23.75
N PRO A 413 25.81 -28.15 -22.76
CA PRO A 413 25.42 -27.86 -21.38
C PRO A 413 25.69 -26.43 -20.93
N LEU A 414 26.82 -25.85 -21.33
CA LEU A 414 27.06 -24.46 -20.94
C LEU A 414 26.19 -23.51 -21.72
N ARG A 415 25.81 -23.88 -22.95
CA ARG A 415 24.93 -23.03 -23.74
C ARG A 415 23.51 -23.05 -23.22
N TYR A 416 23.02 -24.23 -22.78
CA TYR A 416 21.71 -24.28 -22.17
C TYR A 416 21.71 -23.63 -20.78
N ALA A 417 22.88 -23.64 -20.11
CA ALA A 417 23.02 -22.88 -18.88
C ALA A 417 22.87 -21.38 -19.14
N CYS A 418 23.49 -20.89 -20.21
CA CYS A 418 23.33 -19.46 -20.51
C CYS A 418 21.95 -19.12 -21.07
N GLU A 419 21.26 -20.07 -21.68
CA GLU A 419 19.86 -19.84 -22.02
C GLU A 419 18.99 -19.75 -20.77
N PHE A 420 19.28 -20.56 -19.75
CA PHE A 420 18.57 -20.46 -18.48
C PHE A 420 18.93 -19.17 -17.75
N LEU A 421 20.17 -18.73 -17.90
CA LEU A 421 20.59 -17.43 -17.38
C LEU A 421 19.86 -16.29 -18.09
N MET A 422 19.56 -16.46 -19.38
CA MET A 422 18.75 -15.46 -20.08
C MET A 422 17.29 -15.51 -19.65
N GLN A 423 16.80 -16.70 -19.27
CA GLN A 423 15.48 -16.81 -18.68
C GLN A 423 15.40 -16.02 -17.37
N ALA A 424 16.42 -16.14 -16.52
CA ALA A 424 16.44 -15.37 -15.28
C ALA A 424 16.65 -13.87 -15.54
N PHE A 425 17.37 -13.53 -16.60
CA PHE A 425 17.53 -12.13 -17.00
C PHE A 425 16.18 -11.54 -17.41
N GLY A 426 15.44 -12.26 -18.26
CA GLY A 426 14.10 -11.84 -18.62
C GLY A 426 13.17 -11.77 -17.43
N LEU A 427 13.37 -12.65 -16.44
CA LEU A 427 12.56 -12.65 -15.23
C LEU A 427 12.75 -11.36 -14.43
N GLN A 428 13.99 -11.01 -14.13
CA GLN A 428 14.25 -9.77 -13.39
C GLN A 428 13.91 -8.53 -14.20
N LEU A 429 14.18 -8.58 -15.51
CA LEU A 429 13.90 -7.44 -16.37
C LEU A 429 12.40 -7.17 -16.49
N ASN A 430 11.58 -8.22 -16.60
CA ASN A 430 10.13 -8.03 -16.55
C ASN A 430 9.69 -7.54 -15.18
N MET A 431 10.31 -8.05 -14.11
CA MET A 431 10.01 -7.58 -12.76
C MET A 431 10.38 -6.11 -12.54
N GLU A 432 11.26 -5.55 -13.38
CA GLU A 432 11.59 -4.13 -13.26
C GLU A 432 10.86 -3.24 -14.26
N LEU A 433 10.54 -3.76 -15.46
CA LEU A 433 9.71 -2.99 -16.38
C LEU A 433 8.27 -2.89 -15.89
N GLN A 434 7.76 -3.91 -15.19
CA GLN A 434 6.44 -3.79 -14.59
C GLN A 434 6.43 -2.75 -13.47
N LEU A 435 7.53 -2.65 -12.72
CA LEU A 435 7.63 -1.62 -11.70
C LEU A 435 7.73 -0.22 -12.32
N ALA A 436 8.46 -0.10 -13.45
CA ALA A 436 8.52 1.18 -14.14
C ALA A 436 7.17 1.59 -14.72
N LEU A 437 6.42 0.63 -15.25
CA LEU A 437 5.09 0.92 -15.77
C LEU A 437 4.10 1.25 -14.65
N GLN A 438 4.29 0.66 -13.47
CA GLN A 438 3.45 1.00 -12.32
C GLN A 438 3.77 2.40 -11.80
N MET A 439 5.05 2.78 -11.82
CA MET A 439 5.40 4.16 -11.48
C MET A 439 4.85 5.15 -12.51
N SER A 440 4.78 4.74 -13.78
CA SER A 440 4.16 5.60 -14.79
C SER A 440 2.66 5.74 -14.55
N GLU A 441 2.00 4.66 -14.13
CA GLU A 441 0.57 4.74 -13.79
C GLU A 441 0.33 5.63 -12.56
N LYS A 442 1.22 5.55 -11.56
CA LYS A 442 1.12 6.44 -10.40
C LYS A 442 1.31 7.90 -10.80
N ARG A 443 2.20 8.14 -11.77
CA ARG A 443 2.40 9.50 -12.27
C ARG A 443 1.18 10.01 -13.04
N VAL A 444 0.51 9.12 -13.78
CA VAL A 444 -0.74 9.48 -14.43
C VAL A 444 -1.84 9.75 -13.41
N LEU A 445 -1.84 9.02 -12.29
CA LEU A 445 -2.79 9.32 -11.20
C LEU A 445 -2.54 10.69 -10.59
N ARG A 446 -1.26 11.06 -10.42
CA ARG A 446 -0.91 12.41 -9.96
C ARG A 446 -1.37 13.46 -10.96
N THR A 447 -1.25 13.17 -12.25
CA THR A 447 -1.72 14.10 -13.27
C THR A 447 -3.24 14.26 -13.21
N GLN A 448 -3.96 13.17 -12.90
CA GLN A 448 -5.41 13.24 -12.74
C GLN A 448 -5.80 14.11 -11.54
N THR A 449 -5.07 13.97 -10.42
CA THR A 449 -5.32 14.87 -9.29
C THR A 449 -4.99 16.31 -9.63
N LEU A 450 -4.00 16.53 -10.49
CA LEU A 450 -3.67 17.90 -10.89
C LEU A 450 -4.76 18.49 -11.79
N LEU A 451 -5.35 17.68 -12.66
CA LEU A 451 -6.47 18.17 -13.48
C LEU A 451 -7.70 18.45 -12.64
N CYS A 452 -7.92 17.68 -11.56
CA CYS A 452 -8.99 18.04 -10.63
C CYS A 452 -8.65 19.31 -9.85
N ASP A 453 -7.37 19.57 -9.59
CA ASP A 453 -6.97 20.86 -9.03
C ASP A 453 -7.29 22.00 -9.99
N MET A 454 -7.02 21.80 -11.29
CA MET A 454 -7.32 22.85 -12.28
C MET A 454 -8.81 23.03 -12.47
N LEU A 455 -9.62 22.00 -12.24
CA LEU A 455 -11.06 22.16 -12.32
C LEU A 455 -11.61 23.04 -11.20
N LEU A 456 -10.95 23.06 -10.05
CA LEU A 456 -11.37 23.89 -8.92
C LEU A 456 -10.57 25.20 -8.90
N ARG A 457 -10.74 25.97 -9.96
CA ARG A 457 -10.14 27.30 -10.06
C ARG A 457 -11.16 28.25 -10.67
N ASP A 458 -11.20 29.47 -10.13
CA ASP A 458 -12.27 30.40 -10.49
C ASP A 458 -12.12 30.92 -11.91
N SER A 459 -10.89 31.14 -12.35
CA SER A 459 -10.59 31.65 -13.67
C SER A 459 -9.51 30.79 -14.30
N PRO A 460 -9.42 30.77 -15.63
CA PRO A 460 -8.22 30.19 -16.26
C PRO A 460 -6.95 30.99 -16.03
N ALA A 461 -7.06 32.26 -15.65
CA ALA A 461 -5.89 33.04 -15.25
C ALA A 461 -5.30 32.53 -13.93
N GLY A 462 -6.13 31.89 -13.09
CA GLY A 462 -5.67 31.34 -11.84
C GLY A 462 -4.65 30.22 -12.00
N ILE A 463 -4.72 29.50 -13.13
CA ILE A 463 -3.85 28.36 -13.41
C ILE A 463 -2.38 28.78 -13.39
N VAL A 464 -2.05 29.83 -14.13
CA VAL A 464 -0.68 30.33 -14.17
C VAL A 464 -0.29 30.96 -12.84
N THR A 465 -1.22 31.70 -12.24
CA THR A 465 -0.94 32.44 -11.00
C THR A 465 -0.64 31.51 -9.83
N GLN A 466 -1.41 30.44 -9.70
CA GLN A 466 -1.28 29.58 -8.52
C GLN A 466 -0.11 28.61 -8.70
N SER A 467 0.25 27.95 -7.60
CA SER A 467 1.50 27.20 -7.49
C SER A 467 1.51 25.88 -8.26
N PRO A 468 0.45 25.02 -8.24
CA PRO A 468 0.53 23.91 -9.21
C PRO A 468 0.05 24.32 -10.59
N SER A 469 0.96 24.92 -11.35
CA SER A 469 0.65 25.62 -12.58
C SER A 469 0.66 24.66 -13.76
N ILE A 470 0.63 25.20 -14.98
CA ILE A 470 0.66 24.37 -16.19
C ILE A 470 2.04 23.82 -16.51
N MET A 471 3.08 24.25 -15.80
CA MET A 471 4.40 23.69 -16.03
C MET A 471 4.70 22.52 -15.09
N ASP A 472 3.78 22.17 -14.20
CA ASP A 472 3.88 20.96 -13.41
C ASP A 472 2.98 19.85 -13.93
N LEU A 473 2.05 20.15 -14.82
CA LEU A 473 1.30 19.14 -15.53
C LEU A 473 2.22 18.28 -16.40
N VAL A 474 3.15 18.92 -17.10
CA VAL A 474 4.04 18.26 -18.05
C VAL A 474 5.47 18.52 -17.61
N LYS A 475 6.33 17.50 -17.77
CA LYS A 475 7.77 17.73 -17.70
C LYS A 475 8.18 18.66 -18.84
N CYS A 476 8.54 19.89 -18.50
CA CYS A 476 8.89 20.90 -19.49
C CYS A 476 9.83 21.90 -18.83
N ASP A 477 10.08 23.00 -19.53
CA ASP A 477 10.93 24.07 -19.02
C ASP A 477 10.24 25.43 -19.00
N GLY A 478 9.24 25.64 -19.84
CA GLY A 478 8.43 26.83 -19.78
C GLY A 478 6.98 26.49 -20.05
N ALA A 479 6.10 27.44 -19.74
CA ALA A 479 4.69 27.26 -20.02
C ALA A 479 4.03 28.61 -20.22
N ALA A 480 3.15 28.69 -21.20
CA ALA A 480 2.51 29.96 -21.51
C ALA A 480 0.99 29.80 -21.60
N PHE A 481 0.30 30.89 -21.35
CA PHE A 481 -1.16 30.92 -21.49
C PHE A 481 -1.56 32.26 -22.06
N LEU A 482 -2.17 32.26 -23.24
CA LEU A 482 -2.69 33.47 -23.86
C LEU A 482 -4.20 33.49 -23.65
N TYR A 483 -4.69 34.50 -22.91
CA TYR A 483 -6.10 34.59 -22.52
C TYR A 483 -6.64 35.99 -22.85
N HIS A 484 -7.07 36.17 -24.11
CA HIS A 484 -7.53 37.46 -24.66
C HIS A 484 -6.46 38.53 -24.51
N GLY A 485 -5.23 38.18 -24.83
CA GLY A 485 -4.11 39.05 -24.53
C GLY A 485 -3.67 38.81 -23.11
N LYS A 486 -2.81 39.71 -22.60
CA LYS A 486 -2.26 39.66 -21.24
C LYS A 486 -1.58 38.30 -21.03
N TYR A 487 -0.78 37.94 -22.04
CA TYR A 487 -0.02 36.70 -22.10
C TYR A 487 0.76 36.40 -20.81
N TYR A 488 0.60 35.16 -20.32
CA TYR A 488 1.16 34.71 -19.05
C TYR A 488 2.29 33.73 -19.28
N PRO A 489 3.55 34.14 -19.11
CA PRO A 489 4.68 33.21 -19.25
C PRO A 489 5.23 32.67 -17.93
N LEU A 490 5.75 31.45 -17.97
CA LEU A 490 6.41 30.79 -16.86
C LEU A 490 7.70 30.17 -17.37
N GLY A 491 8.79 30.37 -16.61
CA GLY A 491 10.09 29.84 -16.99
C GLY A 491 10.62 30.46 -18.27
N VAL A 492 11.21 29.63 -19.13
CA VAL A 492 11.82 30.08 -20.37
C VAL A 492 10.73 30.07 -21.45
N ALA A 493 10.05 31.20 -21.57
CA ALA A 493 8.97 31.40 -22.52
C ALA A 493 9.23 32.63 -23.36
N PRO A 494 8.91 32.58 -24.66
CA PRO A 494 9.08 33.76 -25.54
C PRO A 494 8.27 34.97 -25.08
N SER A 495 8.79 36.15 -25.44
CA SER A 495 8.08 37.38 -25.16
C SER A 495 6.82 37.49 -26.03
N GLU A 496 6.00 38.51 -25.73
CA GLU A 496 4.68 38.65 -26.33
C GLU A 496 4.75 38.81 -27.85
N VAL A 497 5.71 39.57 -28.37
CA VAL A 497 5.89 39.69 -29.82
C VAL A 497 6.29 38.35 -30.43
N GLN A 498 7.22 37.66 -29.78
CA GLN A 498 7.69 36.35 -30.26
C GLN A 498 6.57 35.32 -30.24
N ILE A 499 5.76 35.32 -29.18
CA ILE A 499 4.65 34.37 -29.11
C ILE A 499 3.55 34.76 -30.10
N LYS A 500 3.39 36.06 -30.42
CA LYS A 500 2.47 36.45 -31.50
C LYS A 500 2.95 35.93 -32.85
N ASP A 501 4.27 35.93 -33.07
CA ASP A 501 4.82 35.31 -34.28
C ASP A 501 4.52 33.82 -34.30
N VAL A 502 4.65 33.15 -33.15
CA VAL A 502 4.34 31.72 -33.05
C VAL A 502 2.86 31.47 -33.30
N VAL A 503 1.98 32.29 -32.73
CA VAL A 503 0.54 32.16 -32.91
C VAL A 503 0.16 32.39 -34.37
N GLU A 504 0.75 33.39 -35.01
CA GLU A 504 0.49 33.66 -36.42
C GLU A 504 0.96 32.53 -37.32
N TRP A 505 2.06 31.87 -36.96
CA TRP A 505 2.47 30.69 -37.71
C TRP A 505 1.50 29.53 -37.49
N LEU A 506 0.98 29.40 -36.26
CA LEU A 506 0.02 28.35 -35.93
C LEU A 506 -1.33 28.57 -36.59
N LEU A 507 -1.69 29.82 -36.90
CA LEU A 507 -2.93 30.04 -37.62
C LEU A 507 -2.77 29.76 -39.10
N ALA A 508 -1.66 30.18 -39.70
CA ALA A 508 -1.45 30.00 -41.13
C ALA A 508 -1.23 28.53 -41.48
N ASN A 509 -0.33 27.85 -40.76
CA ASN A 509 -0.07 26.43 -40.95
C ASN A 509 -0.57 25.67 -39.74
N HIS A 510 -1.05 24.44 -39.98
CA HIS A 510 -1.76 23.61 -39.00
C HIS A 510 -2.99 24.34 -38.46
N ALA A 511 -3.75 24.94 -39.38
CA ALA A 511 -4.95 25.68 -39.01
C ALA A 511 -6.03 24.79 -38.42
N ASP A 512 -6.24 23.61 -39.01
CA ASP A 512 -7.29 22.71 -38.54
C ASP A 512 -6.95 22.10 -37.18
N SER A 513 -5.70 21.63 -37.01
CA SER A 513 -5.35 20.83 -35.85
C SER A 513 -5.24 21.70 -34.60
N THR A 514 -5.98 21.32 -33.56
CA THR A 514 -5.98 22.06 -32.30
C THR A 514 -4.64 21.96 -31.58
N GLY A 515 -3.98 20.82 -31.65
CA GLY A 515 -2.74 20.60 -30.92
C GLY A 515 -1.56 20.25 -31.81
N LEU A 516 -0.42 20.86 -31.52
CA LEU A 516 0.83 20.56 -32.20
C LEU A 516 1.86 20.17 -31.14
N SER A 517 2.57 19.07 -31.38
CA SER A 517 3.60 18.61 -30.44
C SER A 517 4.89 18.40 -31.22
N THR A 518 5.56 19.51 -31.53
CA THR A 518 6.81 19.44 -32.28
C THR A 518 7.99 19.19 -31.35
N ASP A 519 8.80 18.19 -31.70
CA ASP A 519 10.08 17.98 -31.01
C ASP A 519 10.96 19.22 -31.16
N SER A 520 11.12 19.70 -32.39
CA SER A 520 11.89 20.90 -32.70
C SER A 520 11.06 21.82 -33.56
N LEU A 521 11.04 23.11 -33.20
CA LEU A 521 10.33 24.12 -33.97
C LEU A 521 10.96 24.34 -35.35
N GLY A 522 12.28 24.19 -35.45
CA GLY A 522 12.93 24.31 -36.75
C GLY A 522 12.49 23.25 -37.75
N ASP A 523 12.36 22.00 -37.28
CA ASP A 523 11.87 20.93 -38.14
C ASP A 523 10.39 21.16 -38.49
N ALA A 524 9.62 21.72 -37.55
CA ALA A 524 8.20 21.99 -37.77
C ALA A 524 7.97 22.97 -38.91
N GLY A 525 8.89 23.92 -39.11
CA GLY A 525 8.77 24.89 -40.18
C GLY A 525 8.44 26.30 -39.76
N TYR A 526 8.43 26.60 -38.47
CA TYR A 526 8.18 27.96 -38.00
C TYR A 526 9.37 28.85 -38.31
N PRO A 527 9.21 29.93 -39.06
CA PRO A 527 10.32 30.88 -39.25
C PRO A 527 10.62 31.62 -37.97
N GLY A 528 11.89 31.90 -37.74
CA GLY A 528 12.29 32.51 -36.48
C GLY A 528 12.67 31.52 -35.40
N ALA A 529 12.65 30.22 -35.71
CA ALA A 529 13.11 29.19 -34.77
C ALA A 529 14.56 29.42 -34.34
N ALA A 530 15.41 29.86 -35.28
CA ALA A 530 16.79 30.23 -34.92
C ALA A 530 16.81 31.45 -34.01
N ALA A 531 15.93 32.43 -34.27
CA ALA A 531 15.80 33.58 -33.37
C ALA A 531 15.28 33.17 -32.00
N LEU A 532 14.36 32.20 -31.97
CA LEU A 532 13.87 31.66 -30.71
C LEU A 532 14.98 30.96 -29.94
N GLY A 533 15.85 30.24 -30.65
CA GLY A 533 17.01 29.63 -30.05
C GLY A 533 16.77 28.21 -29.57
N ASP A 534 17.83 27.63 -29.02
CA ASP A 534 17.78 26.28 -28.47
C ASP A 534 16.94 26.21 -27.20
N ALA A 535 16.79 27.33 -26.49
CA ALA A 535 16.04 27.36 -25.23
C ALA A 535 14.56 27.04 -25.44
N VAL A 536 13.99 27.47 -26.56
CA VAL A 536 12.57 27.28 -26.82
C VAL A 536 12.42 26.41 -28.08
N CYS A 537 13.32 25.44 -28.23
CA CYS A 537 13.28 24.59 -29.42
C CYS A 537 12.02 23.73 -29.48
N GLY A 538 11.61 23.17 -28.35
CA GLY A 538 10.46 22.28 -28.30
C GLY A 538 9.21 23.00 -27.83
N MET A 539 8.10 22.76 -28.51
CA MET A 539 6.86 23.46 -28.20
C MET A 539 5.67 22.52 -28.37
N ALA A 540 4.83 22.46 -27.34
CA ALA A 540 3.54 21.78 -27.41
C ALA A 540 2.44 22.81 -27.24
N VAL A 541 1.49 22.85 -28.17
CA VAL A 541 0.43 23.85 -28.11
C VAL A 541 -0.92 23.15 -28.06
N ALA A 542 -1.89 23.81 -27.43
CA ALA A 542 -3.27 23.35 -27.39
C ALA A 542 -4.18 24.54 -27.67
N TYR A 543 -5.09 24.38 -28.63
CA TYR A 543 -5.99 25.46 -29.01
C TYR A 543 -7.20 25.51 -28.11
N ILE A 544 -7.48 26.68 -27.55
CA ILE A 544 -8.71 26.97 -26.84
C ILE A 544 -9.48 27.91 -27.76
N THR A 545 -10.79 28.00 -27.57
CA THR A 545 -11.64 28.80 -28.43
C THR A 545 -11.36 30.29 -28.28
N LYS A 546 -11.75 31.06 -29.31
CA LYS A 546 -11.63 32.51 -29.39
C LYS A 546 -10.17 32.98 -29.37
N ARG A 547 -9.33 32.29 -30.15
CA ARG A 547 -7.91 32.61 -30.36
C ARG A 547 -7.11 32.66 -29.06
N ASP A 548 -7.41 31.75 -28.14
CA ASP A 548 -6.66 31.59 -26.91
C ASP A 548 -5.88 30.29 -26.98
N PHE A 549 -4.60 30.34 -26.60
CA PHE A 549 -3.67 29.24 -26.82
C PHE A 549 -2.94 28.87 -25.53
N LEU A 550 -2.75 27.57 -25.33
CA LEU A 550 -1.95 27.04 -24.23
C LEU A 550 -0.64 26.50 -24.77
N PHE A 551 0.48 26.87 -24.14
CA PHE A 551 1.79 26.48 -24.65
C PHE A 551 2.63 25.82 -23.57
N TRP A 552 3.50 24.91 -24.00
CA TRP A 552 4.53 24.30 -23.16
C TRP A 552 5.83 24.30 -23.95
N PHE A 553 6.93 24.64 -23.27
CA PHE A 553 8.20 24.84 -23.94
C PHE A 553 9.29 23.98 -23.30
N ARG A 554 10.18 23.47 -24.16
CA ARG A 554 11.28 22.61 -23.75
C ARG A 554 12.58 23.09 -24.39
N SER A 555 13.64 23.12 -23.58
CA SER A 555 14.97 23.45 -24.03
C SER A 555 15.64 22.25 -24.69
N HIS A 556 16.73 22.53 -25.40
CA HIS A 556 17.45 21.50 -26.15
C HIS A 556 18.20 20.56 -25.22
N THR A 557 18.13 19.26 -25.54
CA THR A 557 18.85 18.22 -24.80
C THR A 557 20.14 17.87 -25.52
N ALA A 558 21.25 17.97 -24.80
CA ALA A 558 22.59 17.75 -25.36
C ALA A 558 22.91 16.25 -25.36
N LYS A 559 22.31 15.52 -26.29
CA LYS A 559 22.54 14.09 -26.40
C LYS A 559 23.33 13.80 -27.67
N GLU A 560 24.41 13.05 -27.53
CA GLU A 560 25.22 12.60 -28.65
C GLU A 560 25.16 11.08 -28.76
N ILE A 561 24.83 10.60 -29.95
CA ILE A 561 24.69 9.17 -30.20
C ILE A 561 25.88 8.69 -31.00
N LYS A 562 26.67 7.78 -30.45
CA LYS A 562 27.87 7.25 -31.12
C LYS A 562 27.46 6.09 -32.03
N TRP A 563 26.86 6.42 -33.17
CA TRP A 563 26.39 5.39 -34.10
C TRP A 563 27.54 4.53 -34.63
N GLY A 564 27.29 3.23 -34.72
CA GLY A 564 28.31 2.34 -35.24
C GLY A 564 28.08 2.05 -36.71
N GLY A 565 29.00 2.51 -37.55
CA GLY A 565 28.93 2.28 -38.97
C GLY A 565 27.89 3.10 -39.72
N ALA A 566 26.61 2.90 -39.43
CA ALA A 566 25.53 3.62 -40.10
C ALA A 566 24.52 4.11 -39.08
N LYS A 567 24.13 5.38 -39.20
CA LYS A 567 23.06 5.91 -38.37
C LYS A 567 21.74 5.30 -38.84
N HIS A 568 20.84 5.04 -37.88
CA HIS A 568 19.53 4.49 -38.22
C HIS A 568 18.72 5.46 -39.06
N HIS A 569 18.16 4.95 -40.15
CA HIS A 569 17.30 5.72 -41.03
C HIS A 569 15.88 5.27 -40.83
N PRO A 570 14.97 6.15 -40.42
CA PRO A 570 13.57 5.71 -40.20
C PRO A 570 12.86 5.31 -41.48
N GLU A 571 13.35 5.72 -42.65
CA GLU A 571 12.83 5.25 -43.92
C GLU A 571 13.37 3.88 -44.32
N ASP A 572 14.34 3.34 -43.58
CA ASP A 572 14.94 2.06 -43.93
C ASP A 572 13.98 0.93 -43.60
N LYS A 573 13.50 0.24 -44.62
CA LYS A 573 12.79 -1.01 -44.45
C LYS A 573 13.77 -2.16 -44.66
N ASP A 574 13.28 -3.38 -44.51
CA ASP A 574 14.12 -4.55 -44.67
C ASP A 574 14.41 -4.76 -46.14
N ASP A 575 15.68 -4.76 -46.51
CA ASP A 575 16.10 -4.86 -47.91
C ASP A 575 16.79 -6.21 -48.09
N GLY A 576 16.01 -7.23 -48.42
CA GLY A 576 16.55 -8.56 -48.66
C GLY A 576 17.40 -8.69 -49.90
N GLN A 577 17.33 -7.72 -50.81
CA GLN A 577 18.18 -7.71 -51.99
C GLN A 577 19.55 -7.09 -51.75
N ARG A 578 19.86 -6.68 -50.53
CA ARG A 578 21.19 -6.17 -50.22
C ARG A 578 22.13 -7.34 -49.97
N MET A 579 23.20 -7.42 -50.76
CA MET A 579 24.13 -8.54 -50.65
C MET A 579 25.01 -8.40 -49.41
N HIS A 580 25.78 -7.31 -49.34
CA HIS A 580 26.85 -7.22 -48.37
C HIS A 580 26.61 -6.12 -47.36
N PRO A 581 27.18 -6.24 -46.16
CA PRO A 581 27.11 -5.15 -45.18
C PRO A 581 28.33 -4.26 -45.24
N ARG A 582 28.14 -3.02 -44.77
CA ARG A 582 29.21 -2.03 -44.71
C ARG A 582 30.42 -2.53 -43.91
N SER A 583 31.60 -2.24 -44.42
CA SER A 583 32.85 -2.69 -43.80
C SER A 583 33.28 -1.82 -42.63
N SER A 584 32.72 -0.62 -42.50
CA SER A 584 33.15 0.33 -41.49
C SER A 584 32.31 0.18 -40.23
N PHE A 585 32.98 0.13 -39.08
CA PHE A 585 32.30 0.12 -37.79
C PHE A 585 32.88 1.15 -36.82
N GLN A 586 33.71 2.07 -37.30
CA GLN A 586 34.16 3.18 -36.48
C GLN A 586 32.98 4.05 -36.08
N ALA A 587 32.75 4.15 -34.78
CA ALA A 587 31.59 4.87 -34.28
C ALA A 587 31.76 6.36 -34.52
N PHE A 588 30.75 6.97 -35.14
CA PHE A 588 30.73 8.40 -35.39
C PHE A 588 29.64 9.01 -34.53
N LEU A 589 30.02 9.99 -33.72
CA LEU A 589 29.06 10.70 -32.89
C LEU A 589 28.16 11.55 -33.78
N GLU A 590 26.86 11.44 -33.55
CA GLU A 590 25.85 12.25 -34.22
C GLU A 590 25.19 13.07 -33.14
N VAL A 591 25.17 14.38 -33.33
CA VAL A 591 24.63 15.31 -32.34
C VAL A 591 23.36 15.92 -32.89
N VAL A 592 22.30 15.87 -32.10
CA VAL A 592 21.05 16.52 -32.44
C VAL A 592 21.22 18.01 -32.19
N LYS A 593 20.90 18.83 -33.19
CA LYS A 593 21.32 20.21 -33.11
C LYS A 593 20.39 21.04 -32.23
N SER A 594 19.10 21.05 -32.54
CA SER A 594 18.18 21.98 -31.90
C SER A 594 16.86 21.31 -31.55
N ARG A 595 16.90 20.16 -30.88
CA ARG A 595 15.66 19.49 -30.49
C ARG A 595 15.71 19.04 -29.05
N SER A 596 14.52 18.88 -28.48
CA SER A 596 14.26 18.68 -27.07
C SER A 596 14.00 17.21 -26.75
N GLN A 597 13.55 16.96 -25.52
CA GLN A 597 12.97 15.67 -25.18
C GLN A 597 11.71 15.42 -26.02
N PRO A 598 11.43 14.17 -26.37
CA PRO A 598 10.21 13.88 -27.12
C PRO A 598 8.98 14.06 -26.25
N TRP A 599 7.89 14.47 -26.90
CA TRP A 599 6.59 14.56 -26.23
C TRP A 599 5.89 13.21 -26.38
N GLU A 600 5.60 12.55 -25.26
CA GLU A 600 4.98 11.25 -25.34
C GLU A 600 3.47 11.41 -25.55
N THR A 601 2.78 10.27 -25.59
CA THR A 601 1.32 10.30 -25.64
C THR A 601 0.71 10.67 -24.30
N ALA A 602 1.43 10.43 -23.19
CA ALA A 602 0.89 10.74 -21.87
C ALA A 602 0.87 12.24 -21.62
N GLU A 603 1.94 12.94 -21.99
CA GLU A 603 1.99 14.38 -21.77
C GLU A 603 1.03 15.12 -22.70
N MET A 604 0.95 14.71 -23.96
CA MET A 604 -0.05 15.27 -24.86
C MET A 604 -1.46 14.91 -24.43
N ASP A 605 -1.63 13.73 -23.81
CA ASP A 605 -2.91 13.33 -23.23
C ASP A 605 -3.32 14.30 -22.12
N ALA A 606 -2.37 14.63 -21.23
CA ALA A 606 -2.63 15.60 -20.17
C ALA A 606 -2.93 16.99 -20.72
N ILE A 607 -2.18 17.39 -21.75
CA ILE A 607 -2.36 18.70 -22.38
C ILE A 607 -3.74 18.79 -23.01
N HIS A 608 -4.16 17.75 -23.73
CA HIS A 608 -5.48 17.74 -24.34
C HIS A 608 -6.59 17.72 -23.31
N SER A 609 -6.39 17.01 -22.20
CA SER A 609 -7.38 16.98 -21.13
C SER A 609 -7.57 18.35 -20.49
N LEU A 610 -6.47 19.06 -20.19
CA LEU A 610 -6.58 20.40 -19.63
C LEU A 610 -7.17 21.38 -20.63
N GLN A 611 -6.82 21.22 -21.92
CA GLN A 611 -7.43 22.03 -22.97
C GLN A 611 -8.93 21.79 -23.05
N LEU A 612 -9.35 20.53 -22.87
CA LEU A 612 -10.76 20.18 -22.87
C LEU A 612 -11.50 20.84 -21.71
N ILE A 613 -10.93 20.79 -20.50
CA ILE A 613 -11.60 21.42 -19.36
C ILE A 613 -11.61 22.94 -19.49
N LEU A 614 -10.57 23.54 -20.08
CA LEU A 614 -10.57 24.99 -20.26
C LEU A 614 -11.60 25.42 -21.31
N ARG A 615 -11.74 24.64 -22.39
CA ARG A 615 -12.79 24.94 -23.35
C ARG A 615 -14.19 24.71 -22.77
N ASP A 616 -14.34 23.75 -21.84
CA ASP A 616 -15.62 23.58 -21.15
C ASP A 616 -15.92 24.77 -20.25
N SER A 617 -14.90 25.30 -19.57
CA SER A 617 -15.06 26.52 -18.78
C SER A 617 -15.41 27.72 -19.68
N PHE A 618 -14.84 27.76 -20.89
CA PHE A 618 -15.16 28.82 -21.86
C PHE A 618 -16.62 28.81 -22.25
N LYS A 619 -17.20 27.63 -22.45
CA LYS A 619 -18.63 27.51 -22.74
C LYS A 619 -19.48 28.01 -21.58
N GLU A 620 -19.03 27.76 -20.34
CA GLU A 620 -19.75 28.24 -19.17
C GLU A 620 -19.76 29.76 -19.08
N SER A 621 -18.62 30.40 -19.34
CA SER A 621 -18.52 31.85 -19.19
C SER A 621 -17.54 32.44 -20.20
N MET A 777 -13.38 16.26 -33.03
CA MET A 777 -13.36 17.68 -32.71
C MET A 777 -11.93 18.17 -32.51
N ASP A 778 -11.14 17.39 -31.79
CA ASP A 778 -9.77 17.75 -31.47
C ASP A 778 -8.80 16.90 -32.27
N LYS A 779 -7.91 17.57 -33.00
CA LYS A 779 -6.88 16.93 -33.80
C LYS A 779 -5.52 17.35 -33.25
N PHE A 780 -4.59 16.40 -33.17
CA PHE A 780 -3.27 16.67 -32.62
C PHE A 780 -2.22 16.17 -33.58
N ILE A 781 -1.24 17.04 -33.89
CA ILE A 781 -0.18 16.74 -34.85
C ILE A 781 1.11 16.54 -34.07
N ASN A 782 1.74 15.39 -34.25
CA ASN A 782 3.00 15.07 -33.59
C ASN A 782 4.12 15.12 -34.61
N ILE A 783 5.07 16.02 -34.40
CA ILE A 783 6.22 16.19 -35.28
C ILE A 783 7.49 15.87 -34.51
N GLN A 784 8.25 14.90 -34.99
CA GLN A 784 9.53 14.52 -34.43
C GLN A 784 10.57 14.63 -35.53
N GLY A 785 11.84 14.74 -35.13
CA GLY A 785 12.90 14.92 -36.12
C GLY A 785 13.10 13.73 -37.03
N ASP A 786 13.06 12.52 -36.48
CA ASP A 786 13.30 11.31 -37.26
C ASP A 786 12.21 11.06 -38.31
N TYR A 787 10.94 11.22 -37.97
CA TYR A 787 9.88 10.95 -38.94
C TYR A 787 9.10 12.23 -39.27
N LYS A 788 7.88 12.10 -39.79
CA LYS A 788 7.13 13.23 -40.31
C LYS A 788 5.80 13.37 -39.59
N ALA A 789 5.22 14.57 -39.73
CA ALA A 789 3.96 14.97 -39.09
C ALA A 789 2.85 13.95 -39.23
N ILE A 790 2.43 13.41 -38.08
CA ILE A 790 1.33 12.45 -38.02
C ILE A 790 0.20 13.07 -37.20
N VAL A 791 -1.03 12.92 -37.70
CA VAL A 791 -2.22 13.43 -37.01
C VAL A 791 -2.84 12.29 -36.21
N HIS A 792 -2.93 12.48 -34.89
CA HIS A 792 -3.49 11.49 -34.00
C HIS A 792 -4.49 12.16 -33.06
N SER A 793 -5.62 11.50 -32.82
CA SER A 793 -6.60 12.03 -31.87
C SER A 793 -6.35 11.43 -30.49
N PRO A 794 -6.01 12.25 -29.49
CA PRO A 794 -5.74 11.71 -28.16
C PRO A 794 -6.95 11.68 -27.24
N ASN A 795 -7.12 10.55 -26.55
CA ASN A 795 -8.19 10.43 -25.56
C ASN A 795 -7.90 11.35 -24.37
N PRO A 796 -8.92 11.92 -23.76
CA PRO A 796 -8.69 12.74 -22.55
C PRO A 796 -8.25 11.89 -21.36
N LEU A 797 -7.76 12.59 -20.32
CA LEU A 797 -7.30 11.93 -19.11
C LEU A 797 -8.13 12.34 -17.90
N ILE A 798 -9.32 12.90 -18.13
CA ILE A 798 -10.13 13.41 -17.03
C ILE A 798 -10.76 12.23 -16.28
N PRO A 799 -10.61 12.18 -14.96
CA PRO A 799 -11.19 11.09 -14.19
C PRO A 799 -12.69 11.26 -14.05
N PRO A 800 -13.41 10.18 -13.75
CA PRO A 800 -14.85 10.30 -13.49
C PRO A 800 -15.11 11.06 -12.19
N ILE A 801 -15.82 12.18 -12.29
CA ILE A 801 -15.90 13.18 -11.24
C ILE A 801 -17.37 13.44 -10.89
N PHE A 802 -17.70 13.34 -9.61
CA PHE A 802 -18.95 13.92 -9.13
C PHE A 802 -18.66 14.89 -7.99
N ALA A 803 -19.64 15.73 -7.68
CA ALA A 803 -19.49 16.68 -6.60
C ALA A 803 -20.84 16.86 -5.93
N ALA A 804 -20.82 16.87 -4.60
CA ALA A 804 -22.00 16.95 -3.75
C ALA A 804 -21.85 18.08 -2.75
N ASP A 805 -22.98 18.61 -2.31
CA ASP A 805 -22.98 19.65 -1.28
C ASP A 805 -23.07 18.96 0.09
N GLU A 806 -23.37 19.74 1.13
CA GLU A 806 -23.44 19.22 2.49
C GLU A 806 -24.52 18.17 2.71
N ASN A 807 -25.56 18.17 1.88
CA ASN A 807 -26.65 17.20 1.99
C ASN A 807 -26.43 15.95 1.14
N THR A 808 -25.25 15.82 0.51
CA THR A 808 -24.89 14.75 -0.44
C THR A 808 -25.78 14.75 -1.66
N CYS A 809 -26.30 15.92 -2.03
CA CYS A 809 -27.10 16.09 -3.23
C CYS A 809 -26.19 16.50 -4.37
N CYS A 810 -26.44 15.95 -5.55
CA CYS A 810 -25.53 16.08 -6.68
C CYS A 810 -25.45 17.53 -7.16
N LEU A 811 -24.26 18.12 -7.07
CA LEU A 811 -24.00 19.37 -7.76
C LEU A 811 -23.39 19.15 -9.13
N GLU A 812 -22.56 18.13 -9.28
CA GLU A 812 -21.82 17.93 -10.52
C GLU A 812 -21.71 16.43 -10.79
N TRP A 813 -21.82 16.05 -12.06
CA TRP A 813 -21.64 14.64 -12.47
C TRP A 813 -21.20 14.68 -13.93
N ASN A 814 -19.89 14.60 -14.17
CA ASN A 814 -19.37 14.96 -15.48
C ASN A 814 -19.58 13.81 -16.50
N MET A 815 -19.12 14.06 -17.73
CA MET A 815 -19.30 13.12 -18.84
C MET A 815 -18.59 11.79 -18.60
N ALA A 816 -17.39 11.85 -18.02
CA ALA A 816 -16.63 10.64 -17.75
C ALA A 816 -17.34 9.73 -16.75
N MET A 817 -17.86 10.33 -15.67
CA MET A 817 -18.61 9.56 -14.68
C MET A 817 -19.92 9.06 -15.27
N GLU A 818 -20.55 9.86 -16.13
CA GLU A 818 -21.76 9.46 -16.83
C GLU A 818 -21.53 8.24 -17.71
N LYS A 819 -20.42 8.22 -18.45
CA LYS A 819 -20.09 7.07 -19.27
C LYS A 819 -19.72 5.84 -18.42
N LEU A 820 -18.95 6.05 -17.35
CA LEU A 820 -18.51 4.92 -16.52
C LEU A 820 -19.66 4.25 -15.80
N THR A 821 -20.50 5.03 -15.11
CA THR A 821 -21.65 4.45 -14.40
C THR A 821 -22.77 4.07 -15.35
N GLY A 822 -22.93 4.79 -16.46
CA GLY A 822 -24.02 4.54 -17.37
C GLY A 822 -25.24 5.39 -17.12
N TRP A 823 -25.36 5.95 -15.93
CA TRP A 823 -26.44 6.86 -15.61
C TRP A 823 -26.13 8.26 -16.14
N SER A 824 -27.10 8.86 -16.81
CA SER A 824 -26.95 10.22 -17.31
C SER A 824 -26.95 11.21 -16.15
N ARG A 825 -26.30 12.36 -16.37
CA ARG A 825 -26.17 13.36 -15.32
C ARG A 825 -27.52 13.94 -14.90
N SER A 826 -28.41 14.21 -15.88
CA SER A 826 -29.69 14.85 -15.60
C SER A 826 -30.60 14.00 -14.72
N GLU A 827 -30.62 12.69 -14.94
CA GLU A 827 -31.47 11.82 -14.13
C GLU A 827 -30.98 11.69 -12.69
N VAL A 828 -29.65 11.71 -12.46
CA VAL A 828 -29.12 11.56 -11.12
C VAL A 828 -28.77 12.87 -10.42
N ILE A 829 -28.85 14.01 -11.11
CA ILE A 829 -28.57 15.27 -10.42
C ILE A 829 -29.73 15.60 -9.49
N GLY A 830 -29.40 16.06 -8.28
CA GLY A 830 -30.38 16.28 -7.25
C GLY A 830 -30.65 15.11 -6.33
N LYS A 831 -30.11 13.94 -6.63
CA LYS A 831 -30.31 12.76 -5.81
C LYS A 831 -29.25 12.65 -4.72
N MET A 832 -29.54 11.83 -3.71
CA MET A 832 -28.61 11.59 -2.60
C MET A 832 -27.55 10.57 -3.00
N ILE A 833 -26.29 11.01 -2.99
CA ILE A 833 -25.17 10.17 -3.41
C ILE A 833 -24.93 9.03 -2.42
N VAL A 834 -24.97 9.32 -1.11
CA VAL A 834 -24.59 8.33 -0.09
C VAL A 834 -25.52 7.13 -0.09
N GLY A 835 -26.82 7.36 -0.18
CA GLY A 835 -27.71 6.22 -0.11
C GLY A 835 -28.35 5.84 -1.42
N GLU A 836 -28.98 6.80 -2.10
CA GLU A 836 -29.84 6.47 -3.25
C GLU A 836 -29.03 6.00 -4.46
N VAL A 837 -28.21 6.91 -5.00
CA VAL A 837 -27.48 6.68 -6.25
C VAL A 837 -26.50 5.52 -6.15
N PHE A 838 -25.83 5.38 -5.02
CA PHE A 838 -24.83 4.32 -4.94
C PHE A 838 -25.31 3.08 -4.18
N GLY A 839 -26.44 3.14 -3.48
CA GLY A 839 -26.97 1.97 -2.82
C GLY A 839 -27.84 1.18 -3.76
N SER A 840 -28.71 1.86 -4.52
CA SER A 840 -29.62 1.13 -5.41
C SER A 840 -29.33 1.40 -6.88
N CYS A 841 -29.46 2.67 -7.33
CA CYS A 841 -29.23 3.09 -8.71
C CYS A 841 -27.94 2.55 -9.33
N CYS A 842 -26.82 2.75 -8.65
CA CYS A 842 -25.51 2.27 -9.11
C CYS A 842 -24.91 1.42 -7.99
N MET A 843 -25.32 0.15 -7.94
CA MET A 843 -24.99 -0.86 -6.94
C MET A 843 -23.54 -0.88 -6.46
N LEU A 844 -23.37 -0.85 -5.14
CA LEU A 844 -22.10 -0.95 -4.46
C LEU A 844 -21.76 -2.42 -4.24
N LYS A 845 -20.55 -2.68 -3.73
CA LYS A 845 -20.12 -4.08 -3.59
C LYS A 845 -19.14 -4.18 -2.43
N GLY A 846 -19.36 -5.18 -1.59
CA GLY A 846 -18.54 -5.47 -0.44
C GLY A 846 -19.40 -5.97 0.68
N PRO A 847 -18.77 -6.51 1.77
CA PRO A 847 -19.52 -6.98 2.95
C PRO A 847 -20.47 -5.92 3.49
N ASP A 848 -19.90 -4.75 3.78
CA ASP A 848 -20.66 -3.55 4.12
C ASP A 848 -19.88 -2.40 3.48
N ALA A 849 -20.21 -2.12 2.22
CA ALA A 849 -19.54 -1.11 1.43
C ALA A 849 -20.17 0.25 1.58
N LEU A 850 -21.50 0.29 1.61
CA LEU A 850 -22.25 1.55 1.70
C LEU A 850 -21.86 2.35 2.92
N THR A 851 -21.66 1.67 4.06
CA THR A 851 -21.15 2.32 5.26
C THR A 851 -19.75 2.88 5.03
N LYS A 852 -18.91 2.10 4.34
CA LYS A 852 -17.58 2.57 3.96
C LYS A 852 -17.69 3.76 3.02
N PHE A 853 -18.71 3.78 2.16
CA PHE A 853 -18.96 4.96 1.36
C PHE A 853 -19.46 6.10 2.24
N MET A 854 -20.41 5.81 3.13
CA MET A 854 -21.06 6.86 3.90
C MET A 854 -20.13 7.46 4.94
N ILE A 855 -19.14 6.69 5.40
CA ILE A 855 -18.12 7.24 6.28
C ILE A 855 -17.19 8.16 5.49
N VAL A 856 -16.91 7.82 4.23
CA VAL A 856 -15.97 8.59 3.42
C VAL A 856 -16.55 9.95 3.04
N LEU A 857 -17.79 9.96 2.52
CA LEU A 857 -18.33 11.21 1.98
C LEU A 857 -18.70 12.18 3.09
N HIS A 858 -19.18 11.64 4.21
CA HIS A 858 -19.39 12.44 5.40
C HIS A 858 -18.09 12.99 5.95
N ASN A 859 -16.97 12.31 5.72
CA ASN A 859 -15.70 12.92 6.09
C ASN A 859 -15.35 14.08 5.18
N ALA A 860 -15.73 14.01 3.90
CA ALA A 860 -15.46 15.09 2.96
C ALA A 860 -16.24 16.33 3.34
N ILE A 861 -17.52 16.16 3.63
CA ILE A 861 -18.36 17.24 4.12
C ILE A 861 -17.85 17.70 5.48
N GLY A 862 -17.38 16.76 6.30
CA GLY A 862 -16.84 17.14 7.59
C GLY A 862 -15.47 17.75 7.58
N GLY A 863 -14.79 17.76 6.44
CA GLY A 863 -13.49 18.38 6.32
C GLY A 863 -12.32 17.46 6.46
N GLN A 864 -12.44 16.21 6.03
CA GLN A 864 -11.32 15.27 5.99
C GLN A 864 -11.28 14.65 4.60
N ASP A 865 -10.11 14.65 3.97
CA ASP A 865 -9.97 14.14 2.62
C ASP A 865 -9.24 12.80 2.59
N THR A 866 -9.83 11.84 1.89
CA THR A 866 -9.26 10.52 1.69
C THR A 866 -8.76 10.38 0.26
N ASP A 867 -7.56 9.87 0.10
CA ASP A 867 -6.96 9.67 -1.22
C ASP A 867 -6.88 8.18 -1.54
N LYS A 868 -7.41 7.81 -2.71
CA LYS A 868 -7.34 6.45 -3.27
C LYS A 868 -7.96 5.41 -2.35
N PHE A 869 -9.07 5.77 -1.72
CA PHE A 869 -9.89 4.82 -0.98
C PHE A 869 -10.52 3.82 -1.95
N PRO A 870 -10.42 2.51 -1.69
CA PRO A 870 -10.94 1.52 -2.65
C PRO A 870 -12.45 1.57 -2.76
N PHE A 871 -12.96 1.45 -3.99
CA PHE A 871 -14.36 1.70 -4.29
C PHE A 871 -14.83 0.69 -5.33
N PRO A 872 -15.16 -0.53 -4.90
CA PRO A 872 -15.71 -1.52 -5.83
C PRO A 872 -17.21 -1.32 -6.04
N PHE A 873 -17.59 -0.81 -7.20
CA PHE A 873 -18.98 -0.55 -7.51
C PHE A 873 -19.33 -1.15 -8.87
N PHE A 874 -20.63 -1.29 -9.11
CA PHE A 874 -21.13 -1.89 -10.34
C PHE A 874 -21.68 -0.86 -11.31
N ASP A 875 -21.66 -1.23 -12.58
CA ASP A 875 -22.20 -0.44 -13.67
C ASP A 875 -23.74 -0.50 -13.58
N ARG A 876 -24.40 0.39 -14.33
CA ARG A 876 -25.85 0.29 -14.48
C ARG A 876 -26.21 -1.04 -15.15
N ASN A 877 -25.37 -1.49 -16.08
CA ASN A 877 -25.56 -2.73 -16.82
C ASN A 877 -24.92 -3.93 -16.11
N GLY A 878 -24.73 -3.86 -14.80
CA GLY A 878 -24.19 -4.95 -14.00
C GLY A 878 -22.75 -5.35 -14.25
N LYS A 879 -21.86 -4.40 -14.53
CA LYS A 879 -20.45 -4.67 -14.81
C LYS A 879 -19.60 -4.15 -13.67
N PHE A 880 -18.66 -4.97 -13.20
CA PHE A 880 -17.82 -4.61 -12.07
C PHE A 880 -16.79 -3.54 -12.44
N VAL A 881 -16.64 -2.54 -11.57
CA VAL A 881 -15.63 -1.50 -11.69
C VAL A 881 -14.92 -1.36 -10.34
N GLN A 882 -13.61 -1.60 -10.34
CA GLN A 882 -12.79 -1.57 -9.13
C GLN A 882 -12.13 -0.20 -8.97
N ALA A 883 -12.97 0.83 -8.79
CA ALA A 883 -12.50 2.19 -8.84
C ALA A 883 -11.77 2.57 -7.55
N LEU A 884 -11.15 3.75 -7.57
CA LEU A 884 -10.47 4.33 -6.42
C LEU A 884 -11.06 5.71 -6.19
N LEU A 885 -11.91 5.81 -5.18
CA LEU A 885 -12.55 7.06 -4.82
C LEU A 885 -11.56 7.98 -4.11
N THR A 886 -11.61 9.26 -4.46
CA THR A 886 -10.89 10.30 -3.75
C THR A 886 -11.87 11.43 -3.50
N ALA A 887 -12.15 11.69 -2.22
CA ALA A 887 -13.08 12.74 -1.80
C ALA A 887 -12.28 13.86 -1.17
N ASN A 888 -12.28 15.03 -1.80
CA ASN A 888 -11.64 16.23 -1.30
C ASN A 888 -12.71 17.26 -0.93
N LYS A 889 -12.51 17.93 0.20
CA LYS A 889 -13.45 18.95 0.64
C LYS A 889 -13.55 20.07 -0.40
N ARG A 890 -14.77 20.45 -0.75
CA ARG A 890 -14.98 21.54 -1.72
C ARG A 890 -14.93 22.89 -0.99
N VAL A 891 -13.76 23.18 -0.42
CA VAL A 891 -13.58 24.39 0.35
C VAL A 891 -13.56 25.60 -0.59
N SER A 892 -14.22 26.67 -0.16
CA SER A 892 -14.31 27.90 -0.95
C SER A 892 -14.18 29.08 0.01
N LEU A 893 -14.58 30.26 -0.45
CA LEU A 893 -14.59 31.47 0.37
C LEU A 893 -15.70 31.39 1.43
N GLU A 894 -15.91 32.51 2.13
CA GLU A 894 -16.78 32.55 3.31
C GLU A 894 -18.27 32.41 3.00
N GLY A 895 -18.66 32.22 1.73
CA GLY A 895 -19.94 31.65 1.37
C GLY A 895 -19.73 30.30 0.71
N LYS A 896 -20.59 29.33 1.05
CA LYS A 896 -20.47 27.92 0.67
C LYS A 896 -19.10 27.38 1.10
N VAL A 897 -18.98 27.26 2.43
CA VAL A 897 -17.69 27.01 3.07
C VAL A 897 -17.18 25.60 2.76
N ILE A 898 -17.95 24.57 3.09
CA ILE A 898 -17.48 23.19 2.90
C ILE A 898 -18.45 22.46 1.97
N GLY A 899 -17.90 21.50 1.23
CA GLY A 899 -18.63 20.65 0.30
C GLY A 899 -17.79 19.43 0.00
N ALA A 900 -18.19 18.67 -1.02
CA ALA A 900 -17.45 17.49 -1.44
C ALA A 900 -17.24 17.47 -2.95
N PHE A 901 -15.99 17.26 -3.37
CA PHE A 901 -15.61 17.06 -4.76
C PHE A 901 -14.87 15.74 -4.82
N CYS A 902 -15.33 14.80 -5.66
CA CYS A 902 -14.80 13.45 -5.66
C CYS A 902 -14.48 12.99 -7.07
N PHE A 903 -13.37 12.28 -7.21
CA PHE A 903 -13.06 11.59 -8.46
C PHE A 903 -12.82 10.11 -8.20
N LEU A 904 -12.74 9.34 -9.28
CA LEU A 904 -12.81 7.87 -9.25
C LEU A 904 -11.73 7.25 -10.13
N GLN A 905 -10.45 7.50 -9.80
CA GLN A 905 -9.33 6.93 -10.56
C GLN A 905 -9.39 5.41 -10.67
N ILE A 906 -9.24 4.89 -11.88
CA ILE A 906 -9.32 3.44 -12.08
C ILE A 906 -7.98 2.89 -12.55
N PRO A 907 -7.14 2.40 -11.64
CA PRO A 907 -5.86 1.82 -12.05
C PRO A 907 -6.01 0.36 -12.46
N SER A 908 -4.93 -0.16 -13.02
CA SER A 908 -4.85 -1.57 -13.40
C SER A 908 -4.82 -2.43 -12.14
N PRO A 909 -5.23 -3.71 -12.23
CA PRO A 909 -5.29 -4.55 -11.02
C PRO A 909 -3.95 -4.83 -10.37
N GLU A 910 -2.84 -4.65 -11.09
CA GLU A 910 -1.55 -4.77 -10.45
C GLU A 910 -1.22 -3.53 -9.63
N LEU A 911 -1.81 -2.39 -9.96
CA LEU A 911 -1.69 -1.22 -9.11
C LEU A 911 -2.77 -1.19 -8.04
N GLN A 912 -3.88 -1.90 -8.26
CA GLN A 912 -4.79 -2.21 -7.14
C GLN A 912 -4.08 -3.04 -6.08
N GLN A 913 -3.31 -4.04 -6.50
CA GLN A 913 -2.50 -4.81 -5.57
C GLN A 913 -1.38 -3.96 -4.96
N ALA A 914 -0.73 -3.12 -5.77
CA ALA A 914 0.39 -2.32 -5.28
C ALA A 914 -0.07 -1.23 -4.31
N LEU A 915 -1.32 -0.79 -4.41
CA LEU A 915 -1.88 0.14 -3.45
C LEU A 915 -2.49 -0.56 -2.25
N ALA A 916 -2.95 -1.80 -2.41
CA ALA A 916 -3.40 -2.56 -1.26
C ALA A 916 -2.24 -2.99 -0.38
N VAL A 917 -1.07 -3.26 -0.97
CA VAL A 917 0.07 -3.67 -0.15
C VAL A 917 0.74 -2.51 0.57
N GLN A 918 0.36 -1.27 0.27
CA GLN A 918 0.79 -0.14 1.08
C GLN A 918 -0.33 0.44 1.94
N ARG A 919 -1.60 0.13 1.63
CA ARG A 919 -2.68 0.44 2.55
C ARG A 919 -2.83 -0.61 3.65
N ARG A 920 -2.31 -1.82 3.43
CA ARG A 920 -2.20 -2.84 4.46
C ARG A 920 -0.86 -2.78 5.20
N GLN A 921 -0.20 -1.62 5.19
CA GLN A 921 1.12 -1.50 5.80
C GLN A 921 1.30 -0.24 6.65
N ASP A 922 0.43 0.77 6.53
CA ASP A 922 0.54 1.90 7.44
C ASP A 922 0.00 1.53 8.82
N THR A 923 -0.92 0.57 8.89
CA THR A 923 -1.45 0.08 10.14
C THR A 923 -0.45 -0.79 10.91
N GLU A 924 0.62 -1.25 10.25
CA GLU A 924 1.57 -2.13 10.89
C GLU A 924 2.84 -1.43 11.36
N CYS A 925 3.20 -0.29 10.78
CA CYS A 925 4.41 0.43 11.19
C CYS A 925 4.11 1.49 12.25
N PHE A 926 3.37 1.10 13.29
CA PHE A 926 3.00 2.01 14.36
C PHE A 926 4.13 2.25 15.35
N THR A 927 5.26 1.55 15.21
CA THR A 927 6.44 1.88 15.99
C THR A 927 6.95 3.28 15.68
N LYS A 928 6.89 3.68 14.41
CA LYS A 928 7.47 4.95 13.97
C LYS A 928 6.51 5.89 13.28
N ALA A 929 5.35 5.41 12.80
CA ALA A 929 4.41 6.32 12.16
C ALA A 929 3.73 7.23 13.18
N LYS A 930 3.60 6.75 14.42
CA LYS A 930 3.14 7.59 15.51
C LYS A 930 4.10 8.73 15.78
N GLU A 931 5.41 8.45 15.77
CA GLU A 931 6.37 9.52 16.01
C GLU A 931 6.54 10.42 14.79
N LEU A 932 6.32 9.89 13.58
CA LEU A 932 6.38 10.74 12.40
C LEU A 932 5.21 11.72 12.36
N ALA A 933 3.99 11.24 12.65
CA ALA A 933 2.85 12.16 12.74
C ALA A 933 2.98 13.08 13.93
N TYR A 934 3.64 12.63 15.00
CA TYR A 934 3.93 13.49 16.16
C TYR A 934 4.81 14.66 15.78
N ILE A 935 5.90 14.39 15.05
CA ILE A 935 6.78 15.47 14.60
C ILE A 935 6.04 16.35 13.59
N CYS A 936 5.41 15.75 12.60
CA CYS A 936 4.77 16.51 11.52
C CYS A 936 3.53 17.26 11.96
N GLN A 937 3.02 17.05 13.17
CA GLN A 937 1.99 17.92 13.72
C GLN A 937 2.53 18.92 14.73
N VAL A 938 3.37 18.46 15.66
CA VAL A 938 3.84 19.32 16.75
C VAL A 938 4.80 20.38 16.23
N ILE A 939 5.64 20.06 15.24
CA ILE A 939 6.60 21.00 14.69
C ILE A 939 5.93 22.16 13.93
N LYS A 940 4.67 21.99 13.51
CA LYS A 940 3.99 23.04 12.74
C LYS A 940 3.80 24.31 13.54
N ASN A 941 3.49 24.17 14.83
CA ASN A 941 3.21 25.35 15.65
C ASN A 941 4.43 26.27 15.84
N PRO A 942 5.64 25.80 16.23
CA PRO A 942 6.74 26.75 16.32
C PRO A 942 7.32 27.16 14.98
N LEU A 943 7.02 26.44 13.91
CA LEU A 943 7.30 26.96 12.57
C LEU A 943 6.44 28.17 12.26
N SER A 944 5.16 28.13 12.64
CA SER A 944 4.31 29.29 12.46
C SER A 944 4.71 30.44 13.38
N GLY A 945 5.18 30.13 14.59
CA GLY A 945 5.69 31.17 15.46
C GLY A 945 6.99 31.76 14.98
N MET A 946 7.84 30.94 14.36
CA MET A 946 9.09 31.41 13.79
C MET A 946 8.83 32.32 12.59
N ARG A 947 7.94 31.90 11.70
CA ARG A 947 7.70 32.72 10.52
C ARG A 947 6.78 33.90 10.81
N PHE A 948 6.15 33.93 11.98
CA PHE A 948 5.41 35.13 12.36
C PHE A 948 6.30 36.14 13.09
N ALA A 949 7.25 35.66 13.90
CA ALA A 949 8.27 36.55 14.45
C ALA A 949 9.16 37.12 13.35
N ASN A 950 9.54 36.30 12.37
CA ASN A 950 10.35 36.81 11.28
C ASN A 950 9.54 37.66 10.30
N SER A 951 8.23 37.42 10.18
CA SER A 951 7.42 38.30 9.33
C SER A 951 7.21 39.66 9.98
N LEU A 952 7.03 39.68 11.30
CA LEU A 952 6.89 40.97 11.98
C LEU A 952 8.23 41.63 12.25
N LEU A 953 9.34 40.89 12.15
CA LEU A 953 10.67 41.45 12.30
C LEU A 953 11.21 42.06 11.01
N GLU A 954 10.54 41.81 9.87
CA GLU A 954 10.89 42.50 8.63
C GLU A 954 10.58 43.99 8.69
N ALA A 955 9.67 44.40 9.56
CA ALA A 955 9.37 45.81 9.76
C ALA A 955 10.53 46.51 10.47
N THR A 956 11.11 47.50 9.80
CA THR A 956 12.07 48.48 10.35
C THR A 956 13.31 47.82 10.98
N ASP A 957 14.08 47.15 10.13
CA ASP A 957 15.44 46.71 10.47
C ASP A 957 16.39 47.33 9.45
N LEU A 958 16.86 48.55 9.76
CA LEU A 958 17.57 49.35 8.78
C LEU A 958 19.05 48.98 8.66
N ASN A 959 19.56 48.15 9.56
CA ASN A 959 20.89 47.56 9.38
C ASN A 959 20.81 46.53 8.26
N GLU A 960 21.43 46.84 7.12
CA GLU A 960 21.31 45.97 5.95
C GLU A 960 22.08 44.66 6.13
N ASP A 961 23.11 44.65 6.97
CA ASP A 961 23.78 43.40 7.33
C ASP A 961 22.85 42.54 8.17
N GLN A 962 22.18 43.14 9.16
CA GLN A 962 21.18 42.42 9.95
C GLN A 962 19.95 42.09 9.13
N LYS A 963 19.55 42.96 8.20
CA LYS A 963 18.42 42.66 7.32
C LYS A 963 18.71 41.45 6.44
N GLN A 964 19.92 41.38 5.86
CA GLN A 964 20.33 40.22 5.07
C GLN A 964 20.43 38.98 5.95
N LEU A 965 20.89 39.15 7.19
CA LEU A 965 20.99 38.03 8.13
C LEU A 965 19.61 37.49 8.50
N LEU A 966 18.64 38.40 8.68
CA LEU A 966 17.25 37.99 8.90
C LEU A 966 16.69 37.29 7.67
N GLU A 967 17.05 37.77 6.47
CA GLU A 967 16.65 37.10 5.24
C GLU A 967 17.22 35.68 5.17
N THR A 968 18.45 35.50 5.67
CA THR A 968 19.04 34.17 5.78
C THR A 968 18.23 33.29 6.75
N SER A 969 17.78 33.88 7.86
CA SER A 969 16.94 33.13 8.81
C SER A 969 15.58 32.77 8.20
N VAL A 970 15.01 33.66 7.38
CA VAL A 970 13.73 33.38 6.74
C VAL A 970 13.89 32.30 5.67
N SER A 971 15.01 32.33 4.94
CA SER A 971 15.33 31.28 3.99
C SER A 971 15.75 29.99 4.67
N CYS A 972 16.03 30.04 5.96
CA CYS A 972 16.40 28.86 6.73
C CYS A 972 15.19 28.20 7.37
N GLU A 973 14.27 29.03 7.87
CA GLU A 973 12.99 28.56 8.46
C GLU A 973 12.12 27.96 7.36
N LYS A 974 12.15 28.57 6.17
CA LYS A 974 11.37 28.14 4.98
C LYS A 974 11.82 26.74 4.56
N GLN A 975 13.12 26.48 4.65
CA GLN A 975 13.68 25.16 4.27
C GLN A 975 13.03 24.09 5.14
N ILE A 976 12.84 24.37 6.44
CA ILE A 976 12.20 23.44 7.35
C ILE A 976 10.73 23.28 7.02
N SER A 977 10.04 24.38 6.71
CA SER A 977 8.62 24.27 6.39
C SER A 977 8.38 23.56 5.06
N ARG A 978 9.23 23.82 4.07
CA ARG A 978 9.12 23.10 2.79
C ARG A 978 9.48 21.63 3.01
N ILE A 979 10.54 21.38 3.79
CA ILE A 979 11.02 19.99 4.05
C ILE A 979 9.93 19.19 4.79
N VAL A 980 9.35 19.75 5.84
CA VAL A 980 8.30 19.03 6.62
C VAL A 980 7.00 18.91 5.80
N GLY A 981 6.52 20.01 5.22
CA GLY A 981 5.26 20.04 4.44
C GLY A 981 5.26 19.20 3.17
N ASP A 982 6.31 19.30 2.33
CA ASP A 982 6.42 18.49 1.09
C ASP A 982 6.76 17.05 1.47
N MET A 983 7.65 16.89 2.45
CA MET A 983 8.12 15.54 2.90
C MET A 983 9.02 14.90 1.83
N ASP A 984 9.24 13.58 1.94
CA ASP A 984 10.05 12.85 0.93
C ASP A 984 9.25 11.65 0.46
N LEU A 985 8.95 11.56 -0.84
CA LEU A 985 8.20 10.40 -1.39
C LEU A 985 8.73 10.10 -2.80
N GLU A 986 9.94 9.55 -2.88
CA GLU A 986 10.57 9.22 -4.19
C GLU A 986 10.94 7.73 -4.21
N PHE A 993 9.81 16.03 -5.41
CA PHE A 993 9.01 15.77 -6.61
C PHE A 993 8.61 17.10 -7.24
N VAL A 994 7.53 17.70 -6.74
CA VAL A 994 7.11 19.01 -7.22
C VAL A 994 8.12 20.07 -6.78
N LEU A 995 8.44 20.97 -7.70
CA LEU A 995 9.43 22.01 -7.46
C LEU A 995 8.78 23.39 -7.54
N LYS A 996 8.80 24.13 -6.43
CA LYS A 996 8.25 25.48 -6.37
C LYS A 996 9.32 26.47 -6.83
N ARG A 997 9.51 26.53 -8.14
CA ARG A 997 10.53 27.40 -8.72
C ARG A 997 10.12 28.87 -8.60
N GLU A 998 11.07 29.70 -8.16
CA GLU A 998 10.83 31.13 -8.02
C GLU A 998 12.10 31.89 -8.34
N GLU A 999 12.00 33.22 -8.36
CA GLU A 999 13.12 34.09 -8.66
C GLU A 999 13.89 34.37 -7.39
N PHE A 1000 15.21 34.19 -7.43
CA PHE A 1000 16.04 34.40 -6.25
C PHE A 1000 17.44 34.80 -6.68
N PHE A 1001 18.07 35.65 -5.89
CA PHE A 1001 19.48 35.92 -6.07
C PHE A 1001 20.27 34.67 -5.70
N LEU A 1002 21.28 34.33 -6.51
CA LEU A 1002 22.05 33.13 -6.22
C LEU A 1002 22.99 33.34 -5.05
N GLY A 1003 23.46 34.58 -4.84
CA GLY A 1003 24.27 34.90 -3.69
C GLY A 1003 23.49 34.85 -2.38
N SER A 1004 22.17 34.88 -2.47
CA SER A 1004 21.28 34.67 -1.33
C SER A 1004 21.13 33.20 -0.98
N VAL A 1005 21.80 32.30 -1.68
CA VAL A 1005 21.80 30.88 -1.34
C VAL A 1005 23.08 30.47 -0.65
N ILE A 1006 24.23 30.91 -1.18
CA ILE A 1006 25.52 30.69 -0.54
C ILE A 1006 25.55 31.33 0.84
N ASN A 1007 25.06 32.57 0.93
CA ASN A 1007 24.88 33.23 2.22
C ASN A 1007 23.87 32.51 3.10
N ALA A 1008 22.94 31.76 2.52
CA ALA A 1008 22.01 30.96 3.30
C ALA A 1008 22.52 29.54 3.50
N ILE A 1009 23.70 29.22 3.00
CA ILE A 1009 24.29 27.90 3.23
C ILE A 1009 25.66 27.98 3.88
N VAL A 1010 26.32 29.15 3.87
CA VAL A 1010 27.51 29.33 4.67
C VAL A 1010 27.14 29.45 6.15
N SER A 1011 25.90 29.84 6.46
CA SER A 1011 25.46 30.02 7.83
C SER A 1011 24.94 28.75 8.48
N GLN A 1012 24.78 27.67 7.71
CA GLN A 1012 24.33 26.41 8.29
C GLN A 1012 25.50 25.59 8.81
N ALA A 1013 26.58 25.50 8.03
CA ALA A 1013 27.78 24.81 8.45
C ALA A 1013 28.67 25.66 9.34
N MET A 1014 28.32 26.93 9.56
CA MET A 1014 29.22 27.84 10.27
C MET A 1014 29.35 27.49 11.75
N PHE A 1015 28.36 26.81 12.33
CA PHE A 1015 28.58 26.29 13.67
C PHE A 1015 29.57 25.13 13.64
N LEU A 1016 29.45 24.26 12.63
CA LEU A 1016 30.31 23.07 12.53
C LEU A 1016 31.76 23.44 12.24
N LEU A 1017 32.01 24.62 11.69
CA LEU A 1017 33.37 25.11 11.54
C LEU A 1017 33.79 26.05 12.66
N ARG A 1018 32.86 26.54 13.48
CA ARG A 1018 33.27 27.37 14.61
C ARG A 1018 33.71 26.55 15.81
N ASP A 1019 33.24 25.31 15.93
CA ASP A 1019 33.66 24.44 17.02
C ASP A 1019 34.80 23.50 16.62
N ARG A 1020 34.83 23.07 15.37
CA ARG A 1020 35.92 22.24 14.84
C ARG A 1020 37.00 23.09 14.18
N GLY A 1021 36.90 24.41 14.28
CA GLY A 1021 37.98 25.31 13.93
C GLY A 1021 38.32 25.42 12.46
N LEU A 1022 37.43 24.96 11.57
CA LEU A 1022 37.71 25.02 10.13
C LEU A 1022 37.53 26.44 9.64
N GLN A 1023 38.60 27.22 9.67
CA GLN A 1023 38.56 28.60 9.16
C GLN A 1023 38.38 28.57 7.65
N LEU A 1024 37.17 28.90 7.18
CA LEU A 1024 36.83 28.65 5.80
C LEU A 1024 37.47 29.69 4.89
N ILE A 1025 37.62 29.32 3.62
CA ILE A 1025 38.11 30.20 2.57
C ILE A 1025 37.03 30.29 1.50
N ARG A 1026 36.61 31.51 1.17
CA ARG A 1026 35.67 31.75 0.09
C ARG A 1026 36.32 32.62 -0.97
N ASP A 1027 35.92 32.38 -2.23
CA ASP A 1027 36.31 33.25 -3.35
C ASP A 1027 35.16 33.20 -4.35
N ILE A 1028 34.26 34.18 -4.24
CA ILE A 1028 33.05 34.21 -5.05
C ILE A 1028 33.22 35.22 -6.18
N PRO A 1029 32.51 35.06 -7.30
CA PRO A 1029 32.56 36.08 -8.36
C PRO A 1029 31.54 37.20 -8.15
N GLU A 1030 31.06 37.36 -6.92
CA GLU A 1030 30.08 38.36 -6.50
C GLU A 1030 28.77 38.17 -7.25
N GLU A 1031 28.13 37.04 -6.96
CA GLU A 1031 26.81 36.71 -7.50
C GLU A 1031 25.67 37.32 -6.71
N ILE A 1032 25.95 38.28 -5.83
CA ILE A 1032 24.93 39.26 -5.48
C ILE A 1032 24.62 40.04 -6.75
N LYS A 1033 23.33 40.24 -7.02
CA LYS A 1033 22.80 40.70 -8.31
C LYS A 1033 23.25 39.80 -9.46
N SER A 1034 22.96 38.52 -9.30
CA SER A 1034 22.98 37.52 -10.36
C SER A 1034 21.53 37.03 -10.46
N ILE A 1035 20.64 38.02 -10.58
CA ILE A 1035 19.23 37.92 -10.21
C ILE A 1035 18.50 36.92 -11.12
N GLU A 1036 17.30 36.50 -10.68
CA GLU A 1036 16.25 35.90 -11.50
C GLU A 1036 16.59 34.50 -12.00
N VAL A 1037 17.56 33.82 -11.40
CA VAL A 1037 17.83 32.44 -11.79
C VAL A 1037 16.68 31.56 -11.33
N PHE A 1038 16.12 30.79 -12.27
CA PHE A 1038 14.81 30.18 -12.09
C PHE A 1038 14.97 28.80 -11.48
N GLY A 1039 14.47 28.63 -10.26
CA GLY A 1039 14.57 27.36 -9.58
C GLY A 1039 14.14 27.50 -8.13
N ASP A 1040 14.45 26.48 -7.35
CA ASP A 1040 14.17 26.47 -5.93
C ASP A 1040 15.35 27.07 -5.19
N GLN A 1041 15.12 28.12 -4.41
CA GLN A 1041 16.15 28.51 -3.46
C GLN A 1041 16.30 27.47 -2.36
N ILE A 1042 15.18 26.84 -1.99
CA ILE A 1042 15.12 25.99 -0.82
C ILE A 1042 15.71 24.62 -1.09
N ARG A 1043 15.33 23.99 -2.21
CA ARG A 1043 15.89 22.68 -2.52
C ARG A 1043 17.36 22.77 -2.92
N ILE A 1044 17.78 23.91 -3.48
CA ILE A 1044 19.20 24.10 -3.79
C ILE A 1044 20.01 24.26 -2.51
N GLN A 1045 19.50 25.03 -1.54
CA GLN A 1045 20.27 25.10 -0.31
C GLN A 1045 20.10 23.86 0.56
N GLN A 1046 19.12 23.01 0.28
CA GLN A 1046 19.04 21.74 0.99
C GLN A 1046 20.05 20.73 0.43
N LEU A 1047 20.19 20.68 -0.89
CA LEU A 1047 21.20 19.80 -1.46
C LEU A 1047 22.62 20.29 -1.13
N LEU A 1048 22.83 21.60 -1.15
CA LEU A 1048 24.14 22.11 -0.72
C LEU A 1048 24.36 21.96 0.77
N ALA A 1049 23.30 21.90 1.58
CA ALA A 1049 23.47 21.55 2.99
C ALA A 1049 23.95 20.13 3.15
N GLU A 1050 23.27 19.18 2.49
CA GLU A 1050 23.64 17.78 2.68
C GLU A 1050 24.95 17.41 1.99
N PHE A 1051 25.43 18.23 1.05
CA PHE A 1051 26.75 17.95 0.50
C PHE A 1051 27.86 18.67 1.27
N LEU A 1052 27.68 19.97 1.54
CA LEU A 1052 28.69 20.75 2.25
C LEU A 1052 28.89 20.24 3.67
N LEU A 1053 27.81 19.88 4.37
CA LEU A 1053 27.92 19.38 5.73
C LEU A 1053 28.61 18.02 5.75
N SER A 1054 28.32 17.17 4.76
CA SER A 1054 29.02 15.90 4.65
C SER A 1054 30.50 16.09 4.35
N ILE A 1055 30.85 17.18 3.64
CA ILE A 1055 32.26 17.47 3.38
C ILE A 1055 32.97 17.96 4.65
N ILE A 1056 32.35 18.89 5.38
CA ILE A 1056 32.93 19.38 6.64
C ILE A 1056 32.83 18.35 7.77
N ARG A 1057 32.01 17.31 7.60
CA ARG A 1057 31.92 16.23 8.58
C ARG A 1057 33.25 15.49 8.75
N TYR A 1058 33.86 15.08 7.64
CA TYR A 1058 35.01 14.18 7.69
C TYR A 1058 36.33 14.92 7.50
N ALA A 1059 36.44 16.12 8.04
CA ALA A 1059 37.67 16.90 7.96
C ALA A 1059 38.53 16.69 9.19
N PRO A 1060 39.84 16.90 9.08
CA PRO A 1060 40.68 16.99 10.29
C PRO A 1060 40.38 18.23 11.11
N SER A 1061 40.58 18.09 12.42
CA SER A 1061 40.19 19.13 13.36
C SER A 1061 41.14 20.32 13.31
N GLN A 1062 40.57 21.53 13.42
CA GLN A 1062 41.27 22.82 13.45
C GLN A 1062 42.13 23.01 12.18
N GLU A 1063 41.41 23.16 11.07
CA GLU A 1063 41.99 23.13 9.73
C GLU A 1063 41.36 24.27 8.94
N TRP A 1064 41.41 24.17 7.62
CA TRP A 1064 40.66 25.08 6.76
C TRP A 1064 39.71 24.29 5.87
N VAL A 1065 38.91 25.02 5.10
CA VAL A 1065 38.04 24.45 4.08
C VAL A 1065 37.83 25.52 3.01
N GLU A 1066 37.62 25.07 1.78
CA GLU A 1066 37.43 25.94 0.64
C GLU A 1066 36.05 25.73 0.06
N ILE A 1067 35.35 26.84 -0.19
CA ILE A 1067 34.17 26.83 -1.04
C ILE A 1067 34.43 27.83 -2.17
N HIS A 1068 33.93 27.49 -3.35
CA HIS A 1068 34.22 28.24 -4.56
C HIS A 1068 33.18 27.88 -5.59
N LEU A 1069 32.79 28.86 -6.41
CA LEU A 1069 31.76 28.61 -7.40
C LEU A 1069 32.01 29.47 -8.62
N SER A 1070 32.06 28.83 -9.78
CA SER A 1070 32.41 29.49 -11.04
C SER A 1070 31.15 29.59 -11.89
N GLN A 1071 30.63 30.79 -12.06
CA GLN A 1071 29.46 31.02 -12.89
C GLN A 1071 29.88 31.56 -14.24
N LEU A 1072 29.07 31.21 -15.26
CA LEU A 1072 29.29 31.72 -16.64
C LEU A 1072 27.89 31.99 -17.21
N SER A 1073 27.51 33.26 -17.37
CA SER A 1073 26.17 33.62 -17.83
C SER A 1073 26.11 33.43 -19.34
N LYS A 1074 25.97 32.17 -19.75
CA LYS A 1074 26.00 31.82 -21.16
C LYS A 1074 24.65 32.16 -21.80
N GLN A 1075 24.67 33.10 -22.73
CA GLN A 1075 23.47 33.41 -23.49
C GLN A 1075 23.11 32.24 -24.39
N MET A 1076 21.82 31.92 -24.46
CA MET A 1076 21.35 30.76 -25.19
C MET A 1076 20.55 31.10 -26.42
N ALA A 1077 20.11 32.35 -26.54
CA ALA A 1077 19.23 32.76 -27.63
C ALA A 1077 19.33 34.29 -27.76
N ASP A 1078 18.34 34.88 -28.43
CA ASP A 1078 18.24 36.34 -28.49
C ASP A 1078 18.09 36.96 -27.10
N GLY A 1079 17.00 36.63 -26.41
CA GLY A 1079 16.75 37.15 -25.07
C GLY A 1079 16.76 36.14 -23.96
N PHE A 1080 17.17 34.90 -24.24
CA PHE A 1080 17.19 33.83 -23.25
C PHE A 1080 18.63 33.56 -22.80
N ALA A 1081 18.85 33.57 -21.49
CA ALA A 1081 20.16 33.32 -20.91
C ALA A 1081 20.06 32.21 -19.88
N ALA A 1082 21.21 31.59 -19.61
CA ALA A 1082 21.31 30.57 -18.58
C ALA A 1082 22.66 30.72 -17.88
N ILE A 1083 22.69 30.50 -16.58
CA ILE A 1083 23.91 30.61 -15.79
C ILE A 1083 24.28 29.21 -15.31
N ARG A 1084 25.37 28.68 -15.83
CA ARG A 1084 25.90 27.39 -15.40
C ARG A 1084 26.86 27.62 -14.25
N THR A 1085 26.67 26.88 -13.15
CA THR A 1085 27.40 27.13 -11.91
C THR A 1085 27.98 25.83 -11.39
N GLU A 1086 29.30 25.75 -11.36
CA GLU A 1086 29.97 24.70 -10.61
C GLU A 1086 30.06 25.11 -9.14
N PHE A 1087 30.25 24.12 -8.27
CA PHE A 1087 30.49 24.37 -6.85
C PHE A 1087 31.73 23.61 -6.41
N ARG A 1088 32.80 24.34 -6.13
CA ARG A 1088 34.06 23.74 -5.67
C ARG A 1088 34.15 23.84 -4.15
N MET A 1089 33.37 22.99 -3.49
CA MET A 1089 33.40 22.90 -2.03
C MET A 1089 34.55 21.98 -1.65
N ALA A 1090 35.76 22.54 -1.54
CA ALA A 1090 36.98 21.75 -1.51
C ALA A 1090 37.52 21.63 -0.09
N CYS A 1091 37.75 20.40 0.37
CA CYS A 1091 38.32 20.17 1.68
C CYS A 1091 39.52 19.23 1.61
N PRO A 1092 40.67 19.61 2.16
CA PRO A 1092 41.81 18.69 2.28
C PRO A 1092 41.66 17.81 3.51
N GLY A 1093 41.70 16.49 3.32
CA GLY A 1093 41.60 15.59 4.44
C GLY A 1093 41.30 14.17 4.00
N GLU A 1094 40.94 13.35 5.00
CA GLU A 1094 40.60 11.95 4.76
C GLU A 1094 39.37 11.82 3.87
N GLY A 1095 38.34 12.62 4.13
CA GLY A 1095 37.19 12.64 3.26
C GLY A 1095 36.16 11.58 3.59
N LEU A 1096 35.15 11.54 2.74
CA LEU A 1096 34.05 10.59 2.91
C LEU A 1096 34.51 9.17 2.57
N PRO A 1097 34.06 8.17 3.33
CA PRO A 1097 34.54 6.78 3.13
C PRO A 1097 34.04 6.20 1.82
N PRO A 1098 34.72 5.19 1.27
CA PRO A 1098 34.33 4.64 -0.05
C PRO A 1098 32.96 3.97 -0.10
N GLU A 1099 32.44 3.50 1.03
CA GLU A 1099 31.12 2.88 1.02
C GLU A 1099 30.01 3.92 1.02
N LEU A 1100 30.25 5.07 1.64
CA LEU A 1100 29.20 6.07 1.81
C LEU A 1100 28.89 6.79 0.51
N VAL A 1101 29.81 6.79 -0.45
CA VAL A 1101 29.48 7.36 -1.75
C VAL A 1101 28.59 6.39 -2.55
N ARG A 1102 28.71 5.09 -2.30
CA ARG A 1102 27.77 4.15 -2.92
C ARG A 1102 26.45 4.14 -2.19
N ASP A 1103 26.45 4.46 -0.90
CA ASP A 1103 25.22 4.79 -0.18
C ASP A 1103 24.53 6.00 -0.82
N MET A 1104 25.31 7.01 -1.16
CA MET A 1104 24.76 8.21 -1.81
C MET A 1104 24.22 7.90 -3.20
N PHE A 1105 24.95 7.09 -3.99
CA PHE A 1105 24.61 6.83 -5.38
C PHE A 1105 23.76 5.57 -5.56
N HIS A 1106 22.94 5.21 -4.57
CA HIS A 1106 22.04 4.07 -4.70
C HIS A 1106 20.76 4.47 -5.42
N SER A 1107 19.78 3.57 -5.40
CA SER A 1107 18.42 3.85 -5.83
C SER A 1107 17.39 3.63 -4.73
N SER A 1108 17.51 2.52 -3.97
CA SER A 1108 16.62 2.28 -2.85
C SER A 1108 17.33 1.63 -1.67
N ARG A 1109 18.65 1.76 -1.55
CA ARG A 1109 19.42 1.09 -0.52
C ARG A 1109 20.18 2.12 0.31
N TRP A 1110 20.10 1.97 1.63
CA TRP A 1110 20.76 2.92 2.53
C TRP A 1110 21.05 2.24 3.86
N THR A 1111 22.14 2.67 4.49
CA THR A 1111 22.55 2.13 5.79
C THR A 1111 22.85 3.20 6.83
N SER A 1112 23.13 4.43 6.43
CA SER A 1112 23.47 5.51 7.35
C SER A 1112 22.44 6.62 7.24
N PRO A 1113 22.25 7.43 8.31
CA PRO A 1113 21.38 8.61 8.18
C PRO A 1113 21.93 9.66 7.23
N GLU A 1114 23.23 9.96 7.40
CA GLU A 1114 23.91 10.91 6.54
C GLU A 1114 23.94 10.43 5.09
N GLY A 1115 24.13 9.12 4.90
CA GLY A 1115 24.05 8.55 3.56
C GLY A 1115 22.69 8.67 2.93
N LEU A 1116 21.65 8.44 3.74
CA LEU A 1116 20.25 8.59 3.28
C LEU A 1116 20.06 10.03 2.81
N GLY A 1117 20.41 10.99 3.66
CA GLY A 1117 20.26 12.40 3.30
C GLY A 1117 21.02 12.77 2.05
N LEU A 1118 22.24 12.23 1.91
CA LEU A 1118 23.04 12.45 0.70
C LEU A 1118 22.35 11.87 -0.53
N SER A 1119 21.75 10.69 -0.39
CA SER A 1119 21.03 10.05 -1.49
C SER A 1119 19.80 10.86 -1.92
N VAL A 1120 19.03 11.33 -0.94
CA VAL A 1120 17.83 12.13 -1.25
C VAL A 1120 18.21 13.46 -1.89
N CYS A 1121 19.24 14.13 -1.36
CA CYS A 1121 19.65 15.39 -1.96
C CYS A 1121 20.41 15.22 -3.28
N ARG A 1122 20.88 14.00 -3.59
CA ARG A 1122 21.33 13.71 -4.94
C ARG A 1122 20.17 13.49 -5.89
N LYS A 1123 19.11 12.82 -5.43
CA LYS A 1123 17.92 12.63 -6.24
C LYS A 1123 17.17 13.94 -6.47
N ILE A 1124 17.33 14.92 -5.56
CA ILE A 1124 16.77 16.25 -5.75
C ILE A 1124 17.42 16.93 -6.96
N LEU A 1125 18.74 16.74 -7.13
CA LEU A 1125 19.41 17.23 -8.32
C LEU A 1125 19.02 16.42 -9.55
N LYS A 1126 18.82 15.11 -9.38
CA LYS A 1126 18.39 14.26 -10.49
C LYS A 1126 16.99 14.66 -10.98
N LEU A 1127 16.18 15.24 -10.10
CA LEU A 1127 14.90 15.84 -10.52
C LEU A 1127 15.07 17.21 -11.14
N MET A 1128 16.19 17.89 -10.92
CA MET A 1128 16.34 19.29 -11.32
C MET A 1128 17.68 19.50 -12.00
N ASN A 1129 17.72 19.26 -13.32
CA ASN A 1129 18.66 19.77 -14.31
C ASN A 1129 20.12 19.87 -13.90
N GLY A 1130 20.61 18.87 -13.18
CA GLY A 1130 21.98 18.90 -12.70
C GLY A 1130 22.38 17.56 -12.13
N GLU A 1131 23.66 17.45 -11.80
CA GLU A 1131 24.17 16.24 -11.16
C GLU A 1131 25.37 16.60 -10.30
N VAL A 1132 25.94 15.59 -9.66
CA VAL A 1132 26.96 15.75 -8.63
C VAL A 1132 27.92 14.57 -8.69
N GLN A 1133 29.22 14.86 -8.67
CA GLN A 1133 30.24 13.84 -8.62
C GLN A 1133 31.07 14.00 -7.35
N TYR A 1134 31.60 12.88 -6.86
CA TYR A 1134 32.55 12.87 -5.76
C TYR A 1134 33.90 12.44 -6.33
N ILE A 1135 34.88 13.33 -6.27
CA ILE A 1135 36.20 13.07 -6.84
C ILE A 1135 37.17 12.83 -5.70
N ARG A 1136 38.17 12.00 -5.97
CA ARG A 1136 39.16 11.59 -4.97
C ARG A 1136 40.54 11.97 -5.47
N GLU A 1137 41.21 12.83 -4.70
CA GLU A 1137 42.51 13.40 -5.05
C GLU A 1137 43.27 13.61 -3.73
N SER A 1138 44.25 14.52 -3.74
CA SER A 1138 44.80 15.02 -2.48
C SER A 1138 43.73 15.71 -1.63
N GLU A 1139 42.70 16.28 -2.27
CA GLU A 1139 41.51 16.78 -1.59
C GLU A 1139 40.30 15.99 -2.07
N ARG A 1140 39.52 15.46 -1.12
CA ARG A 1140 38.35 14.67 -1.42
C ARG A 1140 37.13 15.58 -1.32
N SER A 1141 36.45 15.82 -2.44
CA SER A 1141 35.41 16.86 -2.44
C SER A 1141 34.44 16.66 -3.61
N TYR A 1142 33.42 17.52 -3.64
CA TYR A 1142 32.24 17.40 -4.48
C TYR A 1142 32.26 18.43 -5.60
N PHE A 1143 32.13 17.96 -6.84
CA PHE A 1143 31.72 18.82 -7.95
C PHE A 1143 30.20 18.87 -8.00
N LEU A 1144 29.66 20.04 -8.35
CA LEU A 1144 28.22 20.27 -8.32
C LEU A 1144 27.84 21.27 -9.39
N ILE A 1145 27.21 20.80 -10.47
CA ILE A 1145 26.85 21.66 -11.59
C ILE A 1145 25.33 21.78 -11.64
N ILE A 1146 24.84 23.00 -11.52
CA ILE A 1146 23.41 23.31 -11.62
C ILE A 1146 23.23 24.36 -12.70
N LEU A 1147 22.30 24.13 -13.62
CA LEU A 1147 22.02 25.05 -14.71
C LEU A 1147 20.71 25.78 -14.42
N GLU A 1148 20.80 27.09 -14.21
CA GLU A 1148 19.65 27.91 -13.88
C GLU A 1148 19.53 29.04 -14.89
N LEU A 1149 18.34 29.65 -14.95
CA LEU A 1149 17.91 30.40 -16.13
C LEU A 1149 17.39 31.79 -15.76
N PRO A 1150 18.17 32.85 -15.98
CA PRO A 1150 17.66 34.21 -15.76
C PRO A 1150 16.58 34.63 -16.75
N VAL A 1151 15.34 34.72 -16.28
CA VAL A 1151 14.17 35.16 -17.06
C VAL A 1151 14.39 36.47 -17.82
N THR B 102 -41.08 -19.24 15.83
CA THR B 102 -40.23 -19.07 17.02
C THR B 102 -41.06 -18.54 18.18
N ALA B 103 -40.41 -18.36 19.32
CA ALA B 103 -41.07 -17.96 20.57
C ALA B 103 -40.95 -16.45 20.74
N TYR B 104 -42.10 -15.80 20.96
CA TYR B 104 -42.40 -14.37 21.17
C TYR B 104 -42.44 -13.55 19.89
N LEU B 105 -42.15 -14.13 18.71
CA LEU B 105 -42.07 -13.33 17.49
C LEU B 105 -43.41 -12.70 17.11
N SER B 106 -44.49 -13.48 17.21
CA SER B 106 -45.82 -12.92 16.93
C SER B 106 -46.22 -11.91 18.00
N ARG B 107 -45.87 -12.17 19.26
CA ARG B 107 -46.27 -11.29 20.36
C ARG B 107 -45.57 -9.94 20.29
N ILE B 108 -44.33 -9.91 19.81
CA ILE B 108 -43.62 -8.64 19.67
C ILE B 108 -44.01 -7.94 18.37
N GLN B 109 -43.96 -8.67 17.25
CA GLN B 109 -44.20 -8.07 15.94
C GLN B 109 -45.64 -7.60 15.80
N ARG B 110 -46.60 -8.34 16.35
CA ARG B 110 -48.01 -8.01 16.20
C ARG B 110 -48.65 -7.48 17.48
N GLY B 111 -47.85 -7.24 18.52
CA GLY B 111 -48.39 -6.65 19.74
C GLY B 111 -48.68 -5.17 19.57
N GLY B 112 -49.95 -4.80 19.49
CA GLY B 112 -50.30 -3.43 19.17
C GLY B 112 -50.17 -2.48 20.34
N TYR B 113 -48.94 -2.20 20.76
CA TYR B 113 -48.67 -1.32 21.88
C TYR B 113 -47.48 -0.43 21.57
N ILE B 114 -47.64 0.88 21.80
CA ILE B 114 -46.57 1.83 21.59
C ILE B 114 -46.16 2.45 22.92
N GLN B 115 -45.14 3.29 22.91
CA GLN B 115 -44.72 4.02 24.09
C GLN B 115 -45.34 5.41 24.09
N PRO B 116 -45.61 6.01 25.25
CA PRO B 116 -46.34 7.29 25.28
C PRO B 116 -45.48 8.53 25.04
N PHE B 117 -44.19 8.41 24.71
CA PHE B 117 -43.40 9.61 24.49
C PHE B 117 -43.71 10.26 23.15
N GLY B 118 -44.37 9.54 22.26
CA GLY B 118 -44.80 10.10 20.99
C GLY B 118 -46.03 9.35 20.52
N CYS B 119 -46.79 10.01 19.65
CA CYS B 119 -47.94 9.35 19.06
C CYS B 119 -47.55 8.68 17.75
N MET B 120 -48.49 7.92 17.19
CA MET B 120 -48.21 7.15 15.99
C MET B 120 -49.46 7.05 15.14
N ILE B 121 -49.31 7.31 13.84
CA ILE B 121 -50.39 7.22 12.86
C ILE B 121 -49.91 6.32 11.72
N ALA B 122 -50.66 5.26 11.44
CA ALA B 122 -50.27 4.31 10.39
C ALA B 122 -51.13 4.59 9.16
N VAL B 123 -50.62 5.43 8.26
CA VAL B 123 -51.35 5.84 7.06
C VAL B 123 -51.22 4.84 5.92
N ASP B 124 -52.01 5.06 4.87
CA ASP B 124 -52.02 4.24 3.68
C ASP B 124 -50.87 4.65 2.75
N GLU B 125 -50.63 3.82 1.73
CA GLU B 125 -49.56 4.05 0.77
C GLU B 125 -50.04 4.65 -0.54
N SER B 126 -51.34 4.79 -0.74
CA SER B 126 -51.88 5.21 -2.04
C SER B 126 -52.55 6.57 -2.01
N SER B 127 -53.53 6.78 -1.12
CA SER B 127 -54.29 8.03 -1.12
C SER B 127 -54.42 8.59 0.30
N PHE B 128 -53.42 8.32 1.14
CA PHE B 128 -53.12 9.06 2.37
C PHE B 128 -54.22 8.93 3.41
N ARG B 129 -54.88 7.78 3.45
CA ARG B 129 -55.93 7.53 4.43
C ARG B 129 -55.30 6.93 5.68
N ILE B 130 -55.86 7.26 6.84
CA ILE B 130 -55.33 6.79 8.11
C ILE B 130 -55.85 5.37 8.31
N ILE B 131 -54.99 4.40 8.00
CA ILE B 131 -55.32 3.00 8.27
C ILE B 131 -55.29 2.74 9.77
N GLY B 132 -54.32 3.33 10.47
CA GLY B 132 -54.26 3.14 11.91
C GLY B 132 -53.68 4.34 12.62
N TYR B 133 -53.89 4.39 13.94
CA TYR B 133 -53.42 5.50 14.75
C TYR B 133 -53.29 5.02 16.18
N SER B 134 -52.96 5.95 17.08
CA SER B 134 -52.83 5.68 18.50
C SER B 134 -53.92 6.38 19.30
N GLU B 135 -54.08 5.96 20.56
CA GLU B 135 -55.02 6.64 21.45
C GLU B 135 -54.54 8.02 21.84
N ASN B 136 -53.23 8.21 21.98
CA ASN B 136 -52.67 9.48 22.41
C ASN B 136 -52.32 10.41 21.24
N ALA B 137 -52.88 10.16 20.06
CA ALA B 137 -52.65 11.05 18.93
C ALA B 137 -53.38 12.37 19.10
N ARG B 138 -54.64 12.31 19.57
CA ARG B 138 -55.45 13.50 19.79
C ARG B 138 -54.87 14.38 20.89
N GLU B 139 -54.23 13.78 21.88
CA GLU B 139 -53.64 14.57 22.96
C GLU B 139 -52.28 15.12 22.59
N MET B 140 -51.51 14.40 21.76
CA MET B 140 -50.21 14.91 21.34
C MET B 140 -50.35 16.04 20.33
N LEU B 141 -51.17 15.85 19.30
CA LEU B 141 -51.39 16.89 18.31
C LEU B 141 -52.16 18.10 18.85
N GLY B 142 -52.85 17.94 19.98
CA GLY B 142 -53.63 19.03 20.54
C GLY B 142 -55.00 19.20 19.94
N ILE B 143 -55.46 18.24 19.13
CA ILE B 143 -56.76 18.32 18.50
C ILE B 143 -57.88 18.30 19.54
N MET B 144 -57.74 17.42 20.55
CA MET B 144 -58.71 17.19 21.63
C MET B 144 -60.10 16.90 21.09
N ILE B 156 -59.46 16.03 12.51
CA ILE B 156 -60.23 14.83 12.82
C ILE B 156 -59.35 13.60 12.61
N LEU B 157 -59.26 12.74 13.64
CA LEU B 157 -58.49 11.51 13.59
C LEU B 157 -59.45 10.36 13.84
N ALA B 158 -59.82 9.67 12.77
CA ALA B 158 -60.78 8.59 12.86
C ALA B 158 -60.48 7.60 11.75
N MET B 159 -61.42 6.70 11.50
CA MET B 159 -61.26 5.66 10.49
C MET B 159 -61.19 6.25 9.08
N GLY B 160 -60.16 5.85 8.34
CA GLY B 160 -59.95 6.22 6.95
C GLY B 160 -59.89 7.72 6.66
N THR B 161 -59.20 8.48 7.48
CA THR B 161 -59.18 9.94 7.38
C THR B 161 -57.92 10.41 6.65
N ASP B 162 -58.06 11.48 5.88
CA ASP B 162 -56.91 12.06 5.17
C ASP B 162 -55.96 12.69 6.17
N VAL B 163 -54.68 12.29 6.12
CA VAL B 163 -53.75 12.65 7.18
C VAL B 163 -53.20 14.08 7.01
N ARG B 164 -53.18 14.62 5.78
CA ARG B 164 -52.55 15.91 5.54
C ARG B 164 -53.34 17.09 6.08
N SER B 165 -54.61 16.89 6.44
CA SER B 165 -55.37 17.93 7.12
C SER B 165 -54.88 18.17 8.54
N LEU B 166 -54.24 17.18 9.16
CA LEU B 166 -53.74 17.34 10.52
C LEU B 166 -52.49 18.22 10.56
N PHE B 167 -51.61 18.09 9.58
CA PHE B 167 -50.35 18.80 9.59
C PHE B 167 -50.46 20.07 8.73
N THR B 168 -49.38 20.85 8.75
CA THR B 168 -49.34 22.10 8.01
C THR B 168 -49.18 21.81 6.51
N SER B 169 -49.62 22.78 5.69
CA SER B 169 -49.53 22.65 4.24
C SER B 169 -48.08 22.61 3.77
N SER B 170 -47.21 23.43 4.37
CA SER B 170 -45.79 23.41 4.03
C SER B 170 -45.15 22.07 4.42
N SER B 171 -45.48 21.55 5.59
CA SER B 171 -44.99 20.23 6.01
C SER B 171 -45.57 19.11 5.15
N SER B 172 -46.76 19.32 4.57
CA SER B 172 -47.46 18.27 3.82
C SER B 172 -46.66 17.81 2.61
N ILE B 173 -45.97 18.73 1.92
CA ILE B 173 -45.18 18.35 0.74
C ILE B 173 -43.98 17.48 1.13
N LEU B 174 -43.45 17.63 2.35
CA LEU B 174 -42.38 16.76 2.82
C LEU B 174 -42.84 15.31 2.93
N LEU B 175 -44.04 15.10 3.46
CA LEU B 175 -44.61 13.76 3.56
C LEU B 175 -44.85 13.15 2.19
N GLU B 176 -45.41 13.94 1.27
CA GLU B 176 -45.71 13.46 -0.08
C GLU B 176 -44.44 13.10 -0.83
N ARG B 177 -43.42 13.96 -0.75
CA ARG B 177 -42.14 13.67 -1.39
C ARG B 177 -41.44 12.47 -0.74
N ALA B 178 -41.65 12.27 0.57
CA ALA B 178 -41.17 11.04 1.21
C ALA B 178 -41.88 9.81 0.65
N PHE B 179 -43.18 9.93 0.40
CA PHE B 179 -43.93 8.82 -0.19
C PHE B 179 -43.47 8.51 -1.62
N VAL B 180 -43.12 9.53 -2.39
CA VAL B 180 -42.70 9.28 -3.78
C VAL B 180 -41.33 8.62 -3.82
N ALA B 181 -40.48 8.89 -2.82
CA ALA B 181 -39.10 8.39 -2.81
C ALA B 181 -39.05 6.87 -2.64
N ARG B 182 -38.06 6.25 -3.29
CA ARG B 182 -37.95 4.80 -3.24
C ARG B 182 -37.39 4.29 -1.93
N GLU B 183 -36.50 5.05 -1.28
CA GLU B 183 -35.93 4.70 0.02
C GLU B 183 -36.42 5.72 1.03
N ILE B 184 -37.38 5.30 1.86
CA ILE B 184 -37.98 6.19 2.85
C ILE B 184 -36.97 6.50 3.97
N THR B 185 -36.03 5.59 4.21
CA THR B 185 -35.08 5.69 5.32
C THR B 185 -34.20 6.93 5.23
N LEU B 186 -33.74 7.28 4.02
CA LEU B 186 -32.86 8.42 3.83
C LEU B 186 -33.53 9.73 4.22
N LEU B 187 -34.81 9.91 3.87
CA LEU B 187 -35.50 11.14 4.24
C LEU B 187 -35.74 11.24 5.75
N ASN B 188 -35.94 10.10 6.42
CA ASN B 188 -36.19 10.08 7.87
C ASN B 188 -35.03 10.70 8.65
N PRO B 189 -35.31 11.59 9.61
CA PRO B 189 -36.64 12.02 10.01
C PRO B 189 -37.09 13.34 9.36
N VAL B 190 -38.28 13.32 8.77
CA VAL B 190 -38.80 14.53 8.13
C VAL B 190 -39.45 15.41 9.19
N TRP B 191 -38.92 16.63 9.34
CA TRP B 191 -39.46 17.57 10.30
C TRP B 191 -40.84 18.00 9.83
N ILE B 192 -41.84 17.87 10.70
CA ILE B 192 -43.23 18.13 10.34
C ILE B 192 -43.87 18.99 11.42
N HIS B 193 -44.46 20.13 11.01
CA HIS B 193 -45.22 20.99 11.90
C HIS B 193 -46.68 20.54 11.95
N SER B 194 -47.42 21.11 12.90
CA SER B 194 -48.82 20.77 13.13
C SER B 194 -49.71 21.96 12.82
N LYS B 195 -50.87 21.67 12.21
CA LYS B 195 -51.74 22.73 11.70
C LYS B 195 -52.64 23.33 12.77
N ASN B 196 -53.04 22.56 13.78
CA ASN B 196 -54.04 23.03 14.72
C ASN B 196 -53.46 23.75 15.93
N THR B 197 -52.17 23.56 16.22
CA THR B 197 -51.56 24.27 17.35
C THR B 197 -50.20 24.86 17.04
N GLY B 198 -49.55 24.49 15.94
CA GLY B 198 -48.21 24.99 15.66
C GLY B 198 -47.17 24.37 16.57
N LYS B 199 -47.00 23.05 16.48
CA LYS B 199 -46.05 22.32 17.31
C LYS B 199 -45.20 21.44 16.41
N PRO B 200 -43.88 21.42 16.59
CA PRO B 200 -43.02 20.62 15.72
C PRO B 200 -43.06 19.14 16.07
N PHE B 201 -42.63 18.33 15.12
CA PHE B 201 -42.63 16.88 15.27
C PHE B 201 -41.50 16.28 14.44
N TYR B 202 -41.15 15.05 14.77
CA TYR B 202 -40.22 14.23 14.00
C TYR B 202 -41.05 13.06 13.47
N ALA B 203 -41.45 13.14 12.20
CA ALA B 203 -42.34 12.12 11.63
C ALA B 203 -41.51 11.00 10.99
N ILE B 204 -40.92 10.18 11.85
CA ILE B 204 -40.17 9.00 11.40
C ILE B 204 -41.15 8.04 10.75
N LEU B 205 -40.99 7.83 9.44
CA LEU B 205 -41.95 6.95 8.69
C LEU B 205 -41.23 5.77 8.01
N HIS B 206 -41.75 4.56 8.20
CA HIS B 206 -41.16 3.34 7.66
C HIS B 206 -42.24 2.51 6.99
N ARG B 207 -41.83 1.71 6.01
CA ARG B 207 -42.77 0.98 5.17
C ARG B 207 -42.99 -0.42 5.72
N ILE B 208 -44.25 -0.79 5.92
CA ILE B 208 -44.63 -2.14 6.27
C ILE B 208 -45.26 -2.79 5.04
N ASP B 209 -45.55 -4.09 5.14
CA ASP B 209 -46.05 -4.84 4.00
C ASP B 209 -47.46 -4.45 3.60
N VAL B 210 -48.22 -3.79 4.47
CA VAL B 210 -49.59 -3.39 4.19
C VAL B 210 -49.80 -1.87 4.31
N GLY B 211 -48.72 -1.10 4.38
CA GLY B 211 -48.87 0.35 4.42
C GLY B 211 -47.58 1.04 4.78
N VAL B 212 -47.71 2.23 5.36
CA VAL B 212 -46.58 3.06 5.78
C VAL B 212 -46.90 3.63 7.15
N VAL B 213 -46.20 3.14 8.18
CA VAL B 213 -46.39 3.62 9.55
C VAL B 213 -45.54 4.87 9.74
N ILE B 214 -46.17 5.97 10.16
CA ILE B 214 -45.44 7.21 10.45
C ILE B 214 -45.47 7.42 11.98
N ASP B 215 -44.28 7.54 12.56
CA ASP B 215 -44.13 7.70 14.00
C ASP B 215 -43.81 9.15 14.31
N LEU B 216 -44.65 9.79 15.12
CA LEU B 216 -44.50 11.21 15.46
C LEU B 216 -43.87 11.34 16.84
N GLU B 217 -42.63 11.84 16.88
CA GLU B 217 -41.94 12.13 18.12
C GLU B 217 -41.86 13.64 18.31
N PRO B 218 -42.61 14.21 19.31
CA PRO B 218 -42.59 15.67 19.56
C PRO B 218 -41.22 16.31 19.71
N ALA B 219 -40.85 17.13 18.74
CA ALA B 219 -39.54 17.78 18.77
C ALA B 219 -39.53 18.92 19.78
N ARG B 220 -38.33 19.31 20.18
CA ARG B 220 -38.13 20.40 21.14
C ARG B 220 -36.78 21.05 20.95
N SER B 227 -33.01 22.74 11.78
CA SER B 227 -32.47 21.63 12.57
C SER B 227 -32.05 20.47 11.67
N ILE B 228 -32.60 19.28 11.93
CA ILE B 228 -32.27 18.08 11.18
C ILE B 228 -33.53 17.59 10.47
N ALA B 229 -33.45 17.46 9.13
CA ALA B 229 -34.52 16.88 8.34
C ALA B 229 -33.90 15.91 7.31
N GLY B 230 -33.45 14.76 7.78
CA GLY B 230 -32.89 13.78 6.88
C GLY B 230 -31.91 12.88 7.61
N ALA B 231 -31.37 11.92 6.85
CA ALA B 231 -30.41 10.99 7.43
C ALA B 231 -29.03 11.61 7.54
N VAL B 232 -28.63 12.42 6.54
CA VAL B 232 -27.27 12.98 6.47
C VAL B 232 -27.01 13.93 7.63
N GLN B 233 -27.99 14.78 7.93
CA GLN B 233 -27.88 15.71 9.05
C GLN B 233 -27.76 14.95 10.38
N SER B 234 -28.48 13.84 10.51
CA SER B 234 -28.37 13.00 11.69
C SER B 234 -26.99 12.36 11.80
N GLN B 235 -26.49 11.80 10.70
CA GLN B 235 -25.23 11.06 10.69
C GLN B 235 -24.04 11.95 10.99
N LYS B 236 -24.08 13.22 10.53
CA LYS B 236 -23.05 14.24 10.82
C LYS B 236 -22.60 14.29 12.28
N LEU B 237 -23.54 14.07 13.22
CA LEU B 237 -23.18 13.97 14.64
C LEU B 237 -22.28 12.77 14.91
N ALA B 238 -22.62 11.62 14.33
CA ALA B 238 -21.88 10.38 14.51
C ALA B 238 -20.49 10.39 13.89
N VAL B 239 -20.28 11.26 12.88
CA VAL B 239 -19.07 11.23 12.05
C VAL B 239 -17.79 11.33 12.88
N ARG B 240 -17.78 12.19 13.90
CA ARG B 240 -16.57 12.38 14.71
C ARG B 240 -16.23 11.13 15.51
N ALA B 241 -17.22 10.49 16.14
CA ALA B 241 -17.00 9.24 16.86
C ALA B 241 -16.59 8.11 15.92
N ILE B 242 -17.19 8.09 14.73
CA ILE B 242 -16.88 7.07 13.74
C ILE B 242 -15.44 7.17 13.28
N SER B 243 -14.98 8.40 13.02
CA SER B 243 -13.58 8.58 12.66
C SER B 243 -12.66 8.40 13.86
N GLN B 244 -13.20 8.51 15.08
CA GLN B 244 -12.42 8.18 16.27
C GLN B 244 -12.11 6.70 16.33
N LEU B 245 -13.10 5.85 16.08
CA LEU B 245 -12.85 4.42 16.20
C LEU B 245 -12.41 3.77 14.89
N GLN B 246 -12.06 4.55 13.88
CA GLN B 246 -11.50 4.00 12.65
C GLN B 246 -10.01 4.25 12.50
N ALA B 247 -9.43 5.14 13.30
CA ALA B 247 -7.99 5.37 13.32
C ALA B 247 -7.32 4.57 14.44
N LEU B 248 -7.86 3.41 14.76
CA LEU B 248 -7.56 2.54 15.88
C LEU B 248 -6.73 1.34 15.43
N PRO B 249 -5.73 0.94 16.21
CA PRO B 249 -4.87 -0.18 15.80
C PRO B 249 -5.62 -1.50 15.90
N GLY B 250 -5.40 -2.35 14.89
CA GLY B 250 -6.06 -3.65 14.83
C GLY B 250 -5.46 -4.66 15.78
N GLY B 251 -5.96 -5.88 15.68
CA GLY B 251 -5.48 -7.00 16.47
C GLY B 251 -6.21 -7.20 17.78
N ASP B 252 -6.81 -6.16 18.35
CA ASP B 252 -7.55 -6.26 19.59
C ASP B 252 -9.03 -5.99 19.39
N ILE B 253 -9.81 -6.43 20.36
CA ILE B 253 -11.24 -6.12 20.43
C ILE B 253 -11.60 -5.36 21.69
N LYS B 254 -10.82 -5.49 22.77
CA LYS B 254 -11.10 -4.81 24.03
C LYS B 254 -10.97 -3.29 23.90
N LEU B 255 -9.95 -2.82 23.18
CA LEU B 255 -9.79 -1.38 22.94
C LEU B 255 -10.93 -0.83 22.11
N LEU B 256 -11.39 -1.58 21.11
CA LEU B 256 -12.47 -1.13 20.24
C LEU B 256 -13.79 -1.03 20.99
N CYS B 257 -14.15 -2.07 21.75
CA CYS B 257 -15.35 -2.04 22.55
C CYS B 257 -15.25 -1.07 23.73
N ASP B 258 -14.03 -0.75 24.18
CA ASP B 258 -13.88 0.27 25.21
C ASP B 258 -13.87 1.68 24.65
N THR B 259 -13.64 1.83 23.34
CA THR B 259 -13.74 3.13 22.70
C THR B 259 -15.20 3.45 22.35
N VAL B 260 -15.93 2.45 21.87
CA VAL B 260 -17.30 2.68 21.40
C VAL B 260 -18.24 3.05 22.56
N VAL B 261 -17.93 2.62 23.79
CA VAL B 261 -18.82 2.97 24.90
C VAL B 261 -18.64 4.42 25.33
N GLU B 262 -17.41 4.93 25.29
CA GLU B 262 -17.20 6.35 25.53
C GLU B 262 -17.77 7.19 24.39
N SER B 263 -17.71 6.67 23.15
CA SER B 263 -18.31 7.40 22.03
C SER B 263 -19.83 7.48 22.17
N VAL B 264 -20.47 6.39 22.59
CA VAL B 264 -21.92 6.41 22.76
C VAL B 264 -22.32 7.23 23.98
N ARG B 265 -21.52 7.21 25.06
CA ARG B 265 -21.76 8.08 26.20
C ARG B 265 -21.62 9.55 25.84
N ASP B 266 -20.70 9.88 24.94
CA ASP B 266 -20.60 11.26 24.47
C ASP B 266 -21.80 11.61 23.59
N LEU B 267 -22.25 10.69 22.74
CA LEU B 267 -23.37 10.97 21.87
C LEU B 267 -24.69 10.98 22.63
N THR B 268 -25.04 9.85 23.24
CA THR B 268 -26.36 9.69 23.86
C THR B 268 -26.47 10.43 25.18
N GLY B 269 -25.49 10.24 26.06
CA GLY B 269 -25.57 10.78 27.39
C GLY B 269 -26.24 9.87 28.39
N TYR B 270 -26.46 8.61 28.04
CA TYR B 270 -27.04 7.63 28.95
C TYR B 270 -26.08 7.33 30.09
N ASP B 271 -26.64 6.83 31.20
CA ASP B 271 -25.87 6.76 32.44
C ASP B 271 -24.85 5.64 32.41
N ARG B 272 -25.18 4.52 31.80
CA ARG B 272 -24.28 3.37 31.75
C ARG B 272 -24.41 2.71 30.38
N VAL B 273 -23.30 2.68 29.63
CA VAL B 273 -23.27 2.12 28.29
C VAL B 273 -22.27 0.98 28.28
N MET B 274 -22.72 -0.20 27.87
CA MET B 274 -21.87 -1.39 27.92
C MET B 274 -22.02 -2.17 26.62
N VAL B 275 -20.99 -2.93 26.27
CA VAL B 275 -21.01 -3.80 25.09
C VAL B 275 -21.32 -5.21 25.55
N TYR B 276 -22.52 -5.67 25.27
CA TYR B 276 -22.94 -7.02 25.67
C TYR B 276 -22.66 -7.95 24.48
N LYS B 277 -21.49 -8.58 24.50
CA LYS B 277 -21.07 -9.47 23.41
C LYS B 277 -21.66 -10.86 23.59
N PHE B 278 -22.37 -11.35 22.58
CA PHE B 278 -22.83 -12.73 22.58
C PHE B 278 -21.66 -13.70 22.44
N HIS B 279 -21.78 -14.87 23.07
CA HIS B 279 -20.80 -15.92 22.88
C HIS B 279 -21.36 -16.98 21.93
N GLU B 280 -20.61 -18.07 21.75
CA GLU B 280 -20.91 -19.04 20.70
C GLU B 280 -22.14 -19.88 21.02
N ASP B 281 -22.42 -20.11 22.31
CA ASP B 281 -23.63 -20.79 22.75
C ASP B 281 -24.76 -19.84 23.09
N GLU B 282 -24.80 -18.67 22.44
CA GLU B 282 -25.87 -17.67 22.42
C GLU B 282 -26.00 -16.88 23.73
N HIS B 283 -25.26 -17.27 24.76
CA HIS B 283 -25.21 -16.49 25.99
C HIS B 283 -24.23 -15.35 25.79
N GLY B 284 -24.41 -14.27 26.55
CA GLY B 284 -23.61 -13.09 26.36
C GLY B 284 -22.96 -12.60 27.65
N GLU B 285 -21.90 -11.82 27.48
CA GLU B 285 -21.20 -11.21 28.59
C GLU B 285 -20.88 -9.76 28.25
N VAL B 286 -20.82 -8.93 29.28
CA VAL B 286 -20.44 -7.52 29.12
C VAL B 286 -18.93 -7.47 28.95
N VAL B 287 -18.45 -7.28 27.72
CA VAL B 287 -17.01 -7.28 27.51
C VAL B 287 -16.38 -5.94 27.84
N ALA B 288 -17.12 -4.85 27.65
CA ALA B 288 -16.62 -3.52 27.97
C ALA B 288 -17.77 -2.67 28.47
N GLU B 289 -17.54 -1.91 29.53
CA GLU B 289 -18.56 -1.05 30.11
C GLU B 289 -17.97 0.30 30.47
N SER B 290 -18.68 1.37 30.13
CA SER B 290 -18.35 2.71 30.55
C SER B 290 -19.57 3.29 31.26
N LYS B 291 -19.35 3.84 32.45
CA LYS B 291 -20.44 4.38 33.25
C LYS B 291 -19.87 5.41 34.20
N ARG B 292 -20.75 6.25 34.72
CA ARG B 292 -20.35 7.15 35.79
C ARG B 292 -20.10 6.34 37.06
N ASP B 293 -19.26 6.88 37.94
CA ASP B 293 -18.67 6.12 39.03
C ASP B 293 -19.63 5.88 40.21
N ASP B 294 -20.93 6.09 40.05
CA ASP B 294 -21.89 5.88 41.12
C ASP B 294 -22.49 4.47 41.07
N LEU B 295 -22.43 3.80 39.93
CA LEU B 295 -23.22 2.60 39.70
C LEU B 295 -22.40 1.34 39.90
N GLU B 296 -23.08 0.20 39.82
CA GLU B 296 -22.44 -1.10 39.93
C GLU B 296 -21.65 -1.41 38.65
N PRO B 297 -20.42 -1.90 38.77
CA PRO B 297 -19.68 -2.30 37.56
C PRO B 297 -20.18 -3.65 37.03
N TYR B 298 -20.62 -3.65 35.78
CA TYR B 298 -21.18 -4.83 35.15
C TYR B 298 -20.18 -5.55 34.24
N ILE B 299 -18.93 -5.12 34.22
CA ILE B 299 -17.99 -5.63 33.23
C ILE B 299 -17.47 -6.99 33.68
N GLY B 300 -17.60 -7.98 32.81
CA GLY B 300 -17.30 -9.34 33.13
C GLY B 300 -18.51 -10.22 33.36
N LEU B 301 -19.65 -9.62 33.70
CA LEU B 301 -20.87 -10.34 34.04
C LEU B 301 -21.45 -11.12 32.87
N HIS B 302 -21.41 -12.45 32.94
CA HIS B 302 -22.03 -13.29 31.95
C HIS B 302 -23.53 -13.41 32.24
N TYR B 303 -24.33 -13.44 31.17
CA TYR B 303 -25.77 -13.51 31.32
C TYR B 303 -26.33 -14.68 30.53
N PRO B 304 -27.36 -15.35 31.06
CA PRO B 304 -28.01 -16.44 30.32
C PRO B 304 -28.59 -16.02 28.98
N ALA B 305 -28.53 -16.96 28.03
CA ALA B 305 -29.03 -16.77 26.67
C ALA B 305 -30.54 -16.57 26.59
N THR B 306 -31.28 -16.84 27.65
CA THR B 306 -32.72 -16.64 27.64
C THR B 306 -33.09 -15.19 27.92
N ASP B 307 -32.13 -14.37 28.36
CA ASP B 307 -32.39 -12.95 28.55
C ASP B 307 -32.72 -12.27 27.23
N ILE B 308 -31.97 -12.56 26.18
CA ILE B 308 -32.25 -12.03 24.85
C ILE B 308 -32.71 -13.19 23.99
N PRO B 309 -34.02 -13.30 23.73
CA PRO B 309 -34.53 -14.41 22.91
C PRO B 309 -34.07 -14.31 21.46
N GLN B 310 -34.20 -15.45 20.76
CA GLN B 310 -33.99 -15.49 19.32
C GLN B 310 -34.92 -14.53 18.57
N ALA B 311 -36.12 -14.30 19.12
CA ALA B 311 -37.03 -13.30 18.55
C ALA B 311 -36.42 -11.91 18.59
N SER B 312 -35.77 -11.54 19.70
CA SER B 312 -35.12 -10.23 19.80
C SER B 312 -33.94 -10.12 18.84
N ARG B 313 -33.17 -11.20 18.66
CA ARG B 313 -32.07 -11.16 17.71
C ARG B 313 -32.58 -11.02 16.28
N PHE B 314 -33.65 -11.73 15.93
CA PHE B 314 -34.25 -11.53 14.61
C PHE B 314 -34.92 -10.18 14.47
N LEU B 315 -35.28 -9.54 15.60
CA LEU B 315 -35.83 -8.16 15.53
C LEU B 315 -34.66 -7.21 15.22
N PHE B 316 -33.53 -7.40 15.92
CA PHE B 316 -32.36 -6.55 15.74
C PHE B 316 -31.74 -6.71 14.37
N LYS B 317 -31.97 -7.84 13.70
CA LYS B 317 -31.47 -7.95 12.33
C LYS B 317 -32.34 -7.23 11.30
N GLN B 318 -33.39 -6.51 11.72
CA GLN B 318 -34.17 -5.71 10.79
C GLN B 318 -34.64 -4.38 11.37
N ASN B 319 -34.37 -4.09 12.65
CA ASN B 319 -34.55 -2.76 13.23
C ASN B 319 -33.51 -2.63 14.34
N ARG B 320 -32.43 -1.93 14.05
CA ARG B 320 -31.20 -2.10 14.80
C ARG B 320 -31.03 -1.15 15.98
N VAL B 321 -31.94 -0.21 16.19
CA VAL B 321 -31.88 0.68 17.33
C VAL B 321 -33.23 0.66 18.03
N ARG B 322 -33.23 0.27 19.31
CA ARG B 322 -34.44 0.18 20.12
C ARG B 322 -34.28 1.05 21.35
N MET B 323 -35.21 1.99 21.55
CA MET B 323 -35.13 2.91 22.68
C MET B 323 -36.38 2.74 23.54
N ILE B 324 -36.17 2.47 24.82
CA ILE B 324 -37.24 2.40 25.81
C ILE B 324 -37.20 3.69 26.60
N VAL B 325 -38.17 4.59 26.35
CA VAL B 325 -38.19 5.85 27.08
C VAL B 325 -38.50 5.64 28.56
N ASP B 326 -39.45 4.79 28.88
CA ASP B 326 -39.82 4.49 30.25
C ASP B 326 -40.42 3.08 30.29
N CYS B 327 -39.81 2.18 31.06
CA CYS B 327 -40.38 0.86 31.25
C CYS B 327 -41.69 0.92 32.02
N ASN B 328 -41.73 1.77 33.05
CA ASN B 328 -42.90 1.87 33.94
C ASN B 328 -44.13 2.40 33.21
N ALA B 329 -43.93 3.32 32.27
CA ALA B 329 -45.03 3.95 31.53
C ALA B 329 -45.91 2.95 30.80
N THR B 330 -47.22 3.20 30.83
CA THR B 330 -48.20 2.26 30.29
C THR B 330 -48.14 2.22 28.76
N PRO B 331 -48.16 1.02 28.16
CA PRO B 331 -48.21 0.90 26.70
C PRO B 331 -49.52 1.40 26.09
N VAL B 332 -49.45 2.47 25.30
CA VAL B 332 -50.64 3.00 24.64
C VAL B 332 -51.07 2.06 23.51
N LEU B 333 -52.37 1.77 23.46
CA LEU B 333 -52.94 0.84 22.49
C LEU B 333 -52.97 1.45 21.09
N VAL B 334 -52.97 0.57 20.07
CA VAL B 334 -53.14 0.98 18.68
C VAL B 334 -54.61 0.88 18.30
N VAL B 335 -55.00 1.59 17.23
CA VAL B 335 -56.30 1.44 16.59
C VAL B 335 -56.04 1.05 15.14
N GLN B 336 -56.87 0.17 14.59
CA GLN B 336 -56.73 -0.29 13.21
C GLN B 336 -58.05 -0.28 12.42
N ASP B 337 -58.03 0.35 11.25
CA ASP B 337 -59.16 0.38 10.33
C ASP B 337 -59.06 -0.76 9.31
N ASP B 338 -58.00 -1.57 9.37
CA ASP B 338 -57.80 -2.65 8.40
C ASP B 338 -58.89 -3.72 8.52
N ARG B 339 -59.50 -4.03 7.38
CA ARG B 339 -60.57 -5.04 7.33
C ARG B 339 -60.05 -6.43 7.66
N LEU B 340 -58.88 -6.79 7.13
CA LEU B 340 -58.30 -8.11 7.34
C LEU B 340 -57.97 -8.31 8.81
N THR B 341 -58.14 -9.53 9.31
CA THR B 341 -57.91 -9.80 10.72
C THR B 341 -56.43 -10.09 10.92
N GLN B 342 -55.70 -9.03 11.27
CA GLN B 342 -54.28 -9.04 11.62
C GLN B 342 -54.06 -7.72 12.33
N SER B 343 -53.00 -7.62 13.11
CA SER B 343 -52.72 -6.36 13.78
C SER B 343 -51.73 -5.58 12.92
N MET B 344 -51.36 -4.38 13.38
CA MET B 344 -50.35 -3.61 12.68
C MET B 344 -48.98 -4.24 12.86
N CYS B 345 -48.07 -3.91 11.93
CA CYS B 345 -46.72 -4.42 11.97
C CYS B 345 -45.83 -3.38 12.64
N LEU B 346 -45.18 -3.77 13.75
CA LEU B 346 -44.39 -2.84 14.54
C LEU B 346 -42.97 -3.34 14.75
N VAL B 347 -42.49 -4.25 13.89
CA VAL B 347 -41.10 -4.70 13.99
C VAL B 347 -40.12 -3.57 13.66
N GLY B 348 -40.48 -2.73 12.68
CA GLY B 348 -39.60 -1.66 12.26
C GLY B 348 -39.80 -0.36 12.99
N SER B 349 -40.90 -0.23 13.72
CA SER B 349 -41.27 1.05 14.31
C SER B 349 -40.42 1.32 15.54
N THR B 350 -39.89 2.54 15.63
CA THR B 350 -39.17 2.96 16.82
C THR B 350 -40.10 3.06 18.02
N LEU B 351 -41.36 3.44 17.78
CA LEU B 351 -42.36 3.53 18.83
C LEU B 351 -43.08 2.19 19.06
N ARG B 352 -42.32 1.20 19.56
CA ARG B 352 -42.94 -0.11 19.92
C ARG B 352 -42.72 -0.36 21.40
N ALA B 353 -43.78 -0.70 22.14
CA ALA B 353 -43.66 -0.92 23.60
C ALA B 353 -42.86 -2.19 23.88
N PRO B 354 -41.96 -2.20 24.88
CA PRO B 354 -41.19 -3.40 25.23
C PRO B 354 -42.11 -4.51 25.79
N HIS B 355 -41.72 -5.77 25.59
CA HIS B 355 -42.51 -6.89 26.15
C HIS B 355 -42.61 -6.74 27.67
N GLY B 356 -43.75 -7.13 28.27
CA GLY B 356 -43.93 -7.01 29.70
C GLY B 356 -42.80 -7.63 30.50
N CYS B 357 -42.32 -8.80 30.06
CA CYS B 357 -41.19 -9.42 30.74
C CYS B 357 -39.96 -8.53 30.68
N HIS B 358 -39.70 -7.92 29.51
CA HIS B 358 -38.55 -7.04 29.41
C HIS B 358 -38.71 -5.77 30.23
N SER B 359 -39.94 -5.24 30.32
CA SER B 359 -40.16 -4.08 31.17
C SER B 359 -39.90 -4.42 32.64
N GLN B 360 -40.38 -5.58 33.09
CA GLN B 360 -40.09 -6.01 34.46
C GLN B 360 -38.60 -6.27 34.66
N TYR B 361 -38.02 -6.78 33.60
CA TYR B 361 -36.57 -7.06 33.64
C TYR B 361 -35.82 -5.76 33.86
N MET B 362 -36.20 -4.70 33.15
CA MET B 362 -35.54 -3.38 33.28
C MET B 362 -35.82 -2.81 34.68
N ALA B 363 -37.07 -2.90 35.16
CA ALA B 363 -37.35 -2.45 36.51
C ALA B 363 -36.49 -3.17 37.55
N ASN B 364 -36.32 -4.49 37.38
CA ASN B 364 -35.56 -5.30 38.33
C ASN B 364 -34.05 -5.18 38.18
N MET B 365 -33.56 -4.43 37.19
CA MET B 365 -32.13 -4.19 37.04
C MET B 365 -31.77 -2.75 37.41
N GLY B 366 -32.76 -1.90 37.63
CA GLY B 366 -32.50 -0.50 37.87
C GLY B 366 -32.42 0.33 36.61
N SER B 367 -32.79 -0.23 35.46
CA SER B 367 -32.70 0.44 34.17
C SER B 367 -34.06 1.05 33.87
N ILE B 368 -34.18 2.35 34.13
CA ILE B 368 -35.43 3.06 33.84
C ILE B 368 -35.60 3.23 32.35
N ALA B 369 -34.62 3.82 31.68
CA ALA B 369 -34.59 3.94 30.23
C ALA B 369 -33.50 3.03 29.68
N SER B 370 -33.72 2.52 28.46
CA SER B 370 -32.71 1.70 27.82
C SER B 370 -32.65 2.02 26.33
N LEU B 371 -31.44 1.85 25.76
CA LEU B 371 -31.19 2.05 24.33
C LEU B 371 -30.29 0.92 23.86
N ALA B 372 -30.91 -0.14 23.35
CA ALA B 372 -30.18 -1.29 22.84
C ALA B 372 -29.94 -1.15 21.35
N MET B 373 -28.68 -1.26 20.94
CA MET B 373 -28.27 -1.08 19.57
C MET B 373 -27.62 -2.35 19.03
N ALA B 374 -28.11 -2.83 17.89
CA ALA B 374 -27.60 -4.05 17.29
C ALA B 374 -26.23 -3.82 16.70
N VAL B 375 -25.30 -4.72 16.99
CA VAL B 375 -24.00 -4.76 16.32
C VAL B 375 -24.08 -5.86 15.27
N ILE B 376 -24.50 -5.50 14.06
CA ILE B 376 -24.59 -6.45 12.96
C ILE B 376 -23.26 -6.45 12.22
N ILE B 377 -22.62 -7.61 12.16
CA ILE B 377 -21.47 -7.81 11.30
C ILE B 377 -21.89 -8.76 10.18
N ASN B 378 -21.30 -8.57 9.01
CA ASN B 378 -21.69 -9.32 7.84
C ASN B 378 -20.51 -9.43 6.89
N GLY B 379 -20.54 -10.44 6.02
CA GLY B 379 -19.43 -10.69 5.12
C GLY B 379 -19.92 -11.11 3.75
N ASN B 380 -19.00 -11.09 2.80
CA ASN B 380 -19.26 -11.60 1.46
C ASN B 380 -18.04 -12.31 0.89
N SER B 393 -25.03 -12.66 4.95
CA SER B 393 -24.52 -13.41 6.10
C SER B 393 -24.39 -12.51 7.32
N MET B 394 -25.46 -11.78 7.64
CA MET B 394 -25.47 -10.90 8.80
C MET B 394 -25.66 -11.70 10.08
N ARG B 395 -24.65 -11.71 10.94
CA ARG B 395 -24.75 -12.27 12.28
C ARG B 395 -24.67 -11.14 13.30
N LEU B 396 -25.60 -11.16 14.25
CA LEU B 396 -25.62 -10.15 15.31
C LEU B 396 -24.50 -10.45 16.28
N TRP B 397 -23.46 -9.61 16.27
CA TRP B 397 -22.28 -9.87 17.08
C TRP B 397 -22.58 -9.66 18.56
N GLY B 398 -23.16 -8.52 18.90
CA GLY B 398 -23.51 -8.24 20.28
C GLY B 398 -24.43 -7.05 20.34
N LEU B 399 -24.57 -6.49 21.54
CA LEU B 399 -25.38 -5.31 21.75
C LEU B 399 -24.57 -4.25 22.47
N VAL B 400 -25.01 -2.99 22.33
CA VAL B 400 -24.42 -1.84 22.99
C VAL B 400 -25.50 -1.22 23.88
N VAL B 401 -26.11 -2.05 24.72
CA VAL B 401 -27.18 -1.63 25.63
C VAL B 401 -26.72 -0.46 26.50
N CYS B 402 -27.52 0.62 26.49
CA CYS B 402 -27.26 1.83 27.25
C CYS B 402 -28.32 1.96 28.34
N HIS B 403 -27.89 2.04 29.59
CA HIS B 403 -28.83 2.11 30.71
C HIS B 403 -28.79 3.49 31.35
N HIS B 404 -29.98 3.98 31.71
CA HIS B 404 -30.14 5.25 32.40
C HIS B 404 -30.94 5.04 33.67
N THR B 405 -30.51 5.68 34.76
CA THR B 405 -31.17 5.54 36.06
C THR B 405 -32.40 6.42 36.22
N SER B 406 -32.83 7.09 35.15
CA SER B 406 -34.07 7.84 35.12
C SER B 406 -34.63 7.75 33.71
N SER B 407 -35.86 8.23 33.53
CA SER B 407 -36.48 8.17 32.21
C SER B 407 -35.79 9.16 31.27
N ARG B 408 -35.43 8.67 30.08
CA ARG B 408 -34.68 9.47 29.13
C ARG B 408 -35.14 9.17 27.71
N CYS B 409 -35.20 10.22 26.89
CA CYS B 409 -35.46 10.09 25.46
C CYS B 409 -34.49 10.99 24.71
N ILE B 410 -33.81 10.44 23.72
CA ILE B 410 -32.90 11.23 22.89
C ILE B 410 -33.54 11.37 21.51
N PRO B 411 -33.33 12.47 20.81
CA PRO B 411 -34.03 12.68 19.53
C PRO B 411 -33.51 11.74 18.45
N PHE B 412 -34.33 11.54 17.43
CA PHE B 412 -34.06 10.58 16.37
C PHE B 412 -32.85 10.92 15.50
N PRO B 413 -32.45 12.20 15.35
CA PRO B 413 -31.06 12.47 14.92
C PRO B 413 -29.99 11.70 15.70
N LEU B 414 -30.11 11.62 17.02
CA LEU B 414 -29.09 10.92 17.80
C LEU B 414 -29.21 9.40 17.69
N ARG B 415 -30.43 8.87 17.60
CA ARG B 415 -30.60 7.44 17.40
C ARG B 415 -30.16 7.00 16.01
N TYR B 416 -30.39 7.82 14.99
CA TYR B 416 -29.92 7.49 13.65
C TYR B 416 -28.40 7.64 13.55
N ALA B 417 -27.85 8.63 14.25
CA ALA B 417 -26.40 8.73 14.37
C ALA B 417 -25.81 7.50 15.04
N CYS B 418 -26.46 7.02 16.10
CA CYS B 418 -25.94 5.85 16.81
C CYS B 418 -26.13 4.57 16.00
N GLU B 419 -27.16 4.50 15.16
CA GLU B 419 -27.28 3.42 14.18
C GLU B 419 -26.10 3.42 13.20
N PHE B 420 -25.75 4.60 12.68
CA PHE B 420 -24.61 4.70 11.76
C PHE B 420 -23.29 4.38 12.46
N LEU B 421 -23.16 4.81 13.71
CA LEU B 421 -21.97 4.50 14.50
C LEU B 421 -21.87 3.01 14.79
N MET B 422 -23.01 2.34 14.97
CA MET B 422 -23.00 0.89 15.12
C MET B 422 -22.65 0.19 13.82
N GLN B 423 -23.00 0.78 12.68
CA GLN B 423 -22.53 0.25 11.41
C GLN B 423 -21.01 0.34 11.29
N ALA B 424 -20.43 1.47 11.71
CA ALA B 424 -18.96 1.59 11.71
C ALA B 424 -18.31 0.64 12.71
N PHE B 425 -18.96 0.43 13.86
CA PHE B 425 -18.49 -0.53 14.84
C PHE B 425 -18.49 -1.95 14.29
N GLY B 426 -19.54 -2.30 13.55
CA GLY B 426 -19.58 -3.59 12.88
C GLY B 426 -18.51 -3.72 11.80
N LEU B 427 -18.18 -2.62 11.13
CA LEU B 427 -17.06 -2.63 10.18
C LEU B 427 -15.74 -2.92 10.86
N GLN B 428 -15.48 -2.27 11.98
CA GLN B 428 -14.23 -2.50 12.70
C GLN B 428 -14.16 -3.90 13.30
N LEU B 429 -15.28 -4.42 13.81
CA LEU B 429 -15.33 -5.81 14.26
C LEU B 429 -15.13 -6.79 13.12
N ASN B 430 -15.67 -6.49 11.94
CA ASN B 430 -15.45 -7.37 10.79
C ASN B 430 -13.98 -7.41 10.41
N MET B 431 -13.31 -6.26 10.48
CA MET B 431 -11.87 -6.23 10.21
C MET B 431 -11.08 -7.00 11.27
N GLU B 432 -11.49 -6.89 12.54
CA GLU B 432 -10.80 -7.64 13.61
C GLU B 432 -11.03 -9.14 13.49
N LEU B 433 -12.24 -9.55 13.07
CA LEU B 433 -12.52 -10.97 12.92
C LEU B 433 -11.80 -11.56 11.72
N GLN B 434 -11.66 -10.80 10.63
CA GLN B 434 -10.89 -11.30 9.50
C GLN B 434 -9.40 -11.36 9.82
N LEU B 435 -8.89 -10.40 10.59
CA LEU B 435 -7.51 -10.48 11.07
C LEU B 435 -7.29 -11.68 11.98
N ALA B 436 -8.26 -11.99 12.85
CA ALA B 436 -8.16 -13.16 13.71
C ALA B 436 -8.21 -14.45 12.91
N LEU B 437 -9.08 -14.51 11.90
CA LEU B 437 -9.18 -15.67 11.02
C LEU B 437 -7.87 -15.92 10.28
N GLN B 438 -7.27 -14.87 9.73
CA GLN B 438 -6.04 -15.10 9.00
C GLN B 438 -4.82 -15.26 9.91
N MET B 439 -4.90 -14.82 11.17
CA MET B 439 -3.83 -15.18 12.10
C MET B 439 -3.93 -16.64 12.53
N SER B 440 -5.16 -17.14 12.69
CA SER B 440 -5.35 -18.57 12.93
C SER B 440 -4.90 -19.40 11.75
N GLU B 441 -5.13 -18.92 10.53
CA GLU B 441 -4.69 -19.68 9.36
C GLU B 441 -3.18 -19.60 9.14
N LYS B 442 -2.54 -18.47 9.52
CA LYS B 442 -1.09 -18.42 9.54
C LYS B 442 -0.52 -19.41 10.54
N ARG B 443 -1.14 -19.54 11.71
CA ARG B 443 -0.70 -20.56 12.66
C ARG B 443 -0.99 -21.98 12.15
N VAL B 444 -2.03 -22.14 11.33
CA VAL B 444 -2.30 -23.43 10.70
C VAL B 444 -1.18 -23.81 9.73
N LEU B 445 -0.73 -22.86 8.92
CA LEU B 445 0.41 -23.12 8.04
C LEU B 445 1.70 -23.35 8.83
N ARG B 446 1.84 -22.69 9.99
CA ARG B 446 3.00 -22.92 10.83
C ARG B 446 3.01 -24.33 11.42
N THR B 447 1.83 -24.83 11.81
CA THR B 447 1.74 -26.22 12.26
C THR B 447 1.97 -27.19 11.10
N GLN B 448 1.60 -26.83 9.87
CA GLN B 448 1.91 -27.69 8.72
C GLN B 448 3.40 -27.75 8.43
N THR B 449 4.08 -26.60 8.57
CA THR B 449 5.53 -26.55 8.41
C THR B 449 6.23 -27.38 9.48
N LEU B 450 5.79 -27.26 10.73
CA LEU B 450 6.32 -28.08 11.81
C LEU B 450 5.95 -29.55 11.62
N LEU B 451 4.83 -29.82 10.96
CA LEU B 451 4.41 -31.20 10.72
C LEU B 451 5.32 -31.89 9.72
N CYS B 452 5.70 -31.18 8.65
CA CYS B 452 6.70 -31.73 7.75
C CYS B 452 8.09 -31.75 8.36
N ASP B 453 8.36 -30.84 9.30
CA ASP B 453 9.62 -30.89 10.05
C ASP B 453 9.71 -32.13 10.93
N MET B 454 8.57 -32.60 11.45
CA MET B 454 8.53 -33.84 12.23
C MET B 454 8.21 -35.05 11.37
N LEU B 455 7.95 -34.88 10.08
CA LEU B 455 7.76 -36.01 9.17
C LEU B 455 9.06 -36.54 8.59
N LEU B 456 10.04 -35.67 8.35
CA LEU B 456 11.36 -36.08 7.87
C LEU B 456 12.30 -36.27 9.06
N ARG B 457 12.09 -37.37 9.77
CA ARG B 457 12.98 -37.77 10.85
C ARG B 457 13.36 -39.24 10.68
N ASP B 458 14.61 -39.54 11.02
CA ASP B 458 15.11 -40.91 10.88
C ASP B 458 14.57 -41.82 11.98
N SER B 459 14.40 -41.28 13.19
CA SER B 459 13.88 -42.07 14.29
C SER B 459 12.52 -41.57 14.73
N PRO B 460 11.68 -42.44 15.31
CA PRO B 460 10.41 -41.98 15.90
C PRO B 460 10.59 -41.17 17.18
N ALA B 461 11.75 -41.22 17.82
CA ALA B 461 11.98 -40.52 19.08
C ALA B 461 12.53 -39.11 18.89
N GLY B 462 12.78 -38.70 17.65
CA GLY B 462 13.22 -37.34 17.37
C GLY B 462 12.16 -36.29 17.65
N ILE B 463 10.89 -36.71 17.69
CA ILE B 463 9.76 -35.84 17.97
C ILE B 463 9.91 -35.18 19.34
N VAL B 464 10.29 -35.97 20.34
CA VAL B 464 10.36 -35.50 21.72
C VAL B 464 11.49 -34.49 21.91
N THR B 465 12.66 -34.75 21.32
CA THR B 465 13.85 -33.95 21.56
C THR B 465 14.32 -33.31 20.25
N GLN B 466 13.92 -32.05 20.05
CA GLN B 466 14.39 -31.15 19.00
C GLN B 466 13.83 -29.78 19.35
N SER B 467 14.38 -28.73 18.74
CA SER B 467 13.82 -27.38 18.92
C SER B 467 12.35 -27.27 18.49
N PRO B 468 11.91 -27.70 17.27
CA PRO B 468 10.43 -27.73 17.13
C PRO B 468 9.84 -29.01 17.71
N SER B 469 9.64 -29.00 19.02
CA SER B 469 9.21 -30.17 19.75
C SER B 469 7.73 -30.46 19.51
N ILE B 470 7.28 -31.61 20.02
CA ILE B 470 5.87 -31.98 19.98
C ILE B 470 5.00 -30.97 20.73
N MET B 471 5.53 -30.40 21.83
CA MET B 471 4.86 -29.34 22.59
C MET B 471 4.63 -28.10 21.73
N ASP B 472 5.52 -27.83 20.77
CA ASP B 472 5.32 -26.73 19.84
C ASP B 472 4.15 -26.95 18.89
N LEU B 473 3.81 -28.22 18.59
CA LEU B 473 2.77 -28.49 17.60
C LEU B 473 1.40 -27.99 18.07
N VAL B 474 1.03 -28.35 19.30
CA VAL B 474 -0.24 -27.98 19.90
C VAL B 474 0.09 -27.40 21.26
N LYS B 475 -0.35 -26.17 21.51
CA LYS B 475 -0.02 -25.48 22.74
C LYS B 475 -0.56 -26.24 23.95
N CYS B 476 0.33 -26.57 24.86
CA CYS B 476 0.01 -27.40 26.02
C CYS B 476 1.12 -27.24 27.05
N ASP B 477 0.78 -27.59 28.29
CA ASP B 477 1.76 -27.53 29.36
C ASP B 477 2.80 -28.66 29.25
N GLY B 478 2.39 -29.85 28.83
CA GLY B 478 3.30 -30.97 28.74
C GLY B 478 2.94 -31.90 27.60
N ALA B 479 3.88 -32.79 27.26
CA ALA B 479 3.66 -33.76 26.20
C ALA B 479 4.27 -35.10 26.59
N ALA B 480 3.76 -36.16 25.99
CA ALA B 480 4.24 -37.51 26.28
C ALA B 480 4.06 -38.42 25.07
N PHE B 481 5.10 -39.18 24.71
CA PHE B 481 5.03 -40.10 23.59
C PHE B 481 5.38 -41.50 24.08
N LEU B 482 4.44 -42.42 23.94
CA LEU B 482 4.63 -43.80 24.40
C LEU B 482 4.80 -44.71 23.18
N TYR B 483 6.03 -45.20 22.98
CA TYR B 483 6.37 -46.13 21.90
C TYR B 483 7.13 -47.32 22.47
N HIS B 484 6.50 -48.50 22.45
CA HIS B 484 7.04 -49.74 23.04
C HIS B 484 7.48 -49.52 24.49
N GLY B 485 6.56 -49.02 25.30
CA GLY B 485 6.91 -48.54 26.62
C GLY B 485 7.82 -47.34 26.44
N LYS B 486 8.91 -47.31 27.22
CA LYS B 486 9.99 -46.31 27.18
C LYS B 486 9.40 -44.89 27.15
N TYR B 487 8.72 -44.56 28.24
CA TYR B 487 8.03 -43.28 28.43
C TYR B 487 8.93 -42.07 28.16
N TYR B 488 8.37 -41.10 27.42
CA TYR B 488 9.09 -39.91 26.94
C TYR B 488 8.42 -38.66 27.50
N PRO B 489 8.69 -38.29 28.75
CA PRO B 489 8.02 -37.13 29.32
C PRO B 489 8.61 -35.82 28.82
N LEU B 490 7.76 -34.78 28.89
CA LEU B 490 8.13 -33.41 28.56
C LEU B 490 7.23 -32.48 29.36
N GLY B 491 7.79 -31.32 29.74
CA GLY B 491 7.11 -30.38 30.61
C GLY B 491 6.58 -31.02 31.88
N VAL B 492 5.29 -30.83 32.15
CA VAL B 492 4.63 -31.49 33.26
C VAL B 492 3.97 -32.76 32.73
N ALA B 493 4.40 -33.91 33.22
CA ALA B 493 3.87 -35.17 32.73
C ALA B 493 3.72 -36.17 33.87
N PRO B 494 2.69 -37.02 33.80
CA PRO B 494 2.50 -38.03 34.83
C PRO B 494 3.55 -39.13 34.74
N SER B 495 3.92 -39.66 35.90
CA SER B 495 4.84 -40.80 36.05
C SER B 495 4.44 -42.01 35.20
N GLU B 496 5.41 -42.90 34.96
CA GLU B 496 5.21 -44.06 34.09
C GLU B 496 4.09 -44.97 34.58
N VAL B 497 3.99 -45.17 35.90
CA VAL B 497 2.89 -45.97 36.45
C VAL B 497 1.54 -45.30 36.16
N GLN B 498 1.48 -43.98 36.34
CA GLN B 498 0.26 -43.22 36.08
C GLN B 498 -0.13 -43.27 34.60
N ILE B 499 0.86 -43.12 33.70
CA ILE B 499 0.55 -43.15 32.27
C ILE B 499 0.09 -44.56 31.87
N LYS B 500 0.68 -45.62 32.47
CA LYS B 500 0.22 -46.98 32.20
C LYS B 500 -1.22 -47.19 32.66
N ASP B 501 -1.57 -46.61 33.81
CA ASP B 501 -2.95 -46.75 34.30
C ASP B 501 -3.94 -46.01 33.42
N VAL B 502 -3.61 -44.78 32.99
CA VAL B 502 -4.54 -44.07 32.11
C VAL B 502 -4.61 -44.74 30.72
N VAL B 503 -3.51 -45.34 30.25
CA VAL B 503 -3.54 -46.15 29.02
C VAL B 503 -4.46 -47.36 29.18
N GLU B 504 -4.41 -48.02 30.35
CA GLU B 504 -5.32 -49.13 30.63
C GLU B 504 -6.78 -48.66 30.65
N TRP B 505 -7.03 -47.47 31.20
CA TRP B 505 -8.37 -46.90 31.17
C TRP B 505 -8.83 -46.59 29.75
N LEU B 506 -7.94 -46.07 28.91
CA LEU B 506 -8.27 -45.80 27.52
C LEU B 506 -8.41 -47.07 26.70
N LEU B 507 -7.81 -48.18 27.13
CA LEU B 507 -8.14 -49.46 26.52
C LEU B 507 -9.49 -49.99 27.00
N ALA B 508 -9.82 -49.77 28.28
CA ALA B 508 -11.07 -50.28 28.83
C ALA B 508 -12.28 -49.55 28.24
N ASN B 509 -12.24 -48.23 28.24
CA ASN B 509 -13.28 -47.40 27.64
C ASN B 509 -12.69 -46.57 26.52
N HIS B 510 -13.53 -46.24 25.54
CA HIS B 510 -13.15 -45.56 24.29
C HIS B 510 -12.08 -46.32 23.54
N ALA B 511 -12.18 -47.65 23.55
CA ALA B 511 -11.26 -48.49 22.78
C ALA B 511 -11.52 -48.36 21.29
N ASP B 512 -12.80 -48.25 20.90
CA ASP B 512 -13.17 -48.19 19.48
C ASP B 512 -12.62 -46.95 18.81
N SER B 513 -12.77 -45.79 19.46
CA SER B 513 -12.26 -44.55 18.90
C SER B 513 -10.77 -44.43 19.15
N THR B 514 -10.04 -43.99 18.11
CA THR B 514 -8.60 -43.81 18.22
C THR B 514 -8.25 -42.68 19.18
N GLY B 515 -8.57 -41.45 18.81
CA GLY B 515 -8.09 -40.28 19.52
C GLY B 515 -9.15 -39.65 20.41
N LEU B 516 -8.74 -39.28 21.62
CA LEU B 516 -9.62 -38.63 22.59
C LEU B 516 -8.98 -37.33 23.07
N SER B 517 -9.78 -36.27 23.15
CA SER B 517 -9.31 -34.99 23.69
C SER B 517 -10.32 -34.53 24.74
N THR B 518 -10.16 -35.04 25.95
CA THR B 518 -11.01 -34.61 27.06
C THR B 518 -10.51 -33.28 27.61
N ASP B 519 -11.44 -32.32 27.75
CA ASP B 519 -11.10 -31.06 28.39
C ASP B 519 -10.71 -31.31 29.83
N SER B 520 -11.47 -32.16 30.52
CA SER B 520 -11.24 -32.50 31.92
C SER B 520 -11.31 -34.01 32.06
N LEU B 521 -10.29 -34.60 32.68
CA LEU B 521 -10.29 -36.05 32.91
C LEU B 521 -11.36 -36.47 33.91
N GLY B 522 -11.73 -35.57 34.83
CA GLY B 522 -12.80 -35.88 35.78
C GLY B 522 -14.14 -36.16 35.12
N ASP B 523 -14.49 -35.37 34.10
CA ASP B 523 -15.73 -35.60 33.38
C ASP B 523 -15.57 -36.69 32.32
N ALA B 524 -14.34 -37.09 32.01
CA ALA B 524 -14.12 -38.20 31.07
C ALA B 524 -14.56 -39.52 31.68
N GLY B 525 -14.27 -39.74 32.96
CA GLY B 525 -14.64 -40.97 33.62
C GLY B 525 -13.44 -41.75 34.12
N TYR B 526 -12.30 -41.07 34.24
CA TYR B 526 -11.06 -41.73 34.62
C TYR B 526 -10.82 -41.56 36.10
N PRO B 527 -10.72 -42.65 36.87
CA PRO B 527 -10.41 -42.52 38.30
C PRO B 527 -8.96 -42.14 38.51
N GLY B 528 -8.69 -41.53 39.66
CA GLY B 528 -7.36 -41.07 39.94
C GLY B 528 -6.99 -39.73 39.34
N ALA B 529 -7.97 -38.99 38.81
CA ALA B 529 -7.72 -37.67 38.26
C ALA B 529 -7.22 -36.69 39.32
N ALA B 530 -7.76 -36.80 40.54
CA ALA B 530 -7.27 -35.99 41.64
C ALA B 530 -5.82 -36.34 42.01
N ALA B 531 -5.47 -37.63 41.92
CA ALA B 531 -4.09 -38.06 42.14
C ALA B 531 -3.14 -37.45 41.09
N LEU B 532 -3.60 -37.39 39.84
CA LEU B 532 -2.84 -36.69 38.79
C LEU B 532 -2.66 -35.23 39.11
N GLY B 533 -3.66 -34.61 39.72
CA GLY B 533 -3.58 -33.20 40.08
C GLY B 533 -4.04 -32.29 38.97
N ASP B 534 -3.77 -31.00 39.18
CA ASP B 534 -4.11 -29.97 38.21
C ASP B 534 -3.37 -30.14 36.89
N ALA B 535 -2.13 -30.63 36.94
CA ALA B 535 -1.25 -30.67 35.77
C ALA B 535 -1.79 -31.57 34.66
N VAL B 536 -2.30 -32.74 35.01
CA VAL B 536 -2.68 -33.74 34.03
C VAL B 536 -4.19 -33.72 33.78
N CYS B 537 -4.87 -32.64 34.18
CA CYS B 537 -6.32 -32.53 33.99
C CYS B 537 -6.70 -32.57 32.52
N GLY B 538 -6.22 -31.61 31.72
CA GLY B 538 -6.57 -31.59 30.30
C GLY B 538 -5.71 -32.56 29.53
N MET B 539 -6.34 -33.40 28.72
CA MET B 539 -5.63 -34.47 28.03
C MET B 539 -6.06 -34.54 26.57
N ALA B 540 -5.10 -34.81 25.69
CA ALA B 540 -5.33 -35.02 24.27
C ALA B 540 -4.56 -36.25 23.85
N VAL B 541 -5.27 -37.26 23.36
CA VAL B 541 -4.72 -38.58 23.05
C VAL B 541 -4.83 -38.83 21.57
N ALA B 542 -3.77 -39.41 21.00
CA ALA B 542 -3.79 -39.94 19.63
C ALA B 542 -3.31 -41.38 19.68
N TYR B 543 -4.13 -42.29 19.16
CA TYR B 543 -3.82 -43.71 19.16
C TYR B 543 -3.16 -44.11 17.85
N ILE B 544 -2.00 -44.72 17.94
CA ILE B 544 -1.33 -45.30 16.78
C ILE B 544 -1.34 -46.82 16.98
N THR B 545 -1.12 -47.54 15.89
CA THR B 545 -1.26 -49.00 15.88
C THR B 545 -0.22 -49.67 16.78
N LYS B 546 -0.59 -50.86 17.25
CA LYS B 546 0.23 -51.70 18.15
C LYS B 546 0.54 -50.98 19.46
N ARG B 547 -0.48 -50.33 20.03
CA ARG B 547 -0.44 -49.68 21.35
C ARG B 547 0.63 -48.60 21.45
N ASP B 548 0.64 -47.71 20.46
CA ASP B 548 1.53 -46.55 20.43
C ASP B 548 0.68 -45.30 20.62
N PHE B 549 1.10 -44.40 21.53
CA PHE B 549 0.25 -43.27 21.88
C PHE B 549 0.99 -41.95 21.86
N LEU B 550 0.20 -40.89 21.64
CA LEU B 550 0.63 -39.49 21.66
C LEU B 550 -0.24 -38.73 22.65
N PHE B 551 0.38 -37.99 23.56
CA PHE B 551 -0.31 -37.32 24.65
C PHE B 551 0.08 -35.84 24.72
N TRP B 552 -0.92 -34.99 24.94
CA TRP B 552 -0.72 -33.57 25.22
C TRP B 552 -1.50 -33.22 26.48
N PHE B 553 -0.82 -32.65 27.47
CA PHE B 553 -1.40 -32.36 28.77
C PHE B 553 -1.45 -30.86 29.02
N ARG B 554 -2.59 -30.40 29.54
CA ARG B 554 -2.83 -29.01 29.89
C ARG B 554 -3.18 -28.92 31.37
N SER B 555 -2.55 -27.96 32.06
CA SER B 555 -2.80 -27.73 33.48
C SER B 555 -4.07 -26.91 33.68
N HIS B 556 -4.69 -27.08 34.85
CA HIS B 556 -5.92 -26.41 35.25
C HIS B 556 -5.84 -24.89 35.18
N THR B 557 -6.61 -24.29 34.27
CA THR B 557 -6.73 -22.84 34.17
C THR B 557 -7.90 -22.37 35.03
N ALA B 558 -7.63 -21.42 35.93
CA ALA B 558 -8.64 -20.94 36.88
C ALA B 558 -9.60 -20.02 36.14
N LYS B 559 -10.62 -20.60 35.52
CA LYS B 559 -11.67 -19.84 34.83
C LYS B 559 -12.81 -19.61 35.81
N GLU B 560 -12.88 -18.41 36.39
CA GLU B 560 -13.94 -18.05 37.31
C GLU B 560 -14.77 -16.93 36.68
N ILE B 561 -15.96 -17.28 36.20
CA ILE B 561 -16.81 -16.37 35.43
C ILE B 561 -18.01 -16.00 36.29
N LYS B 562 -18.07 -14.74 36.73
CA LYS B 562 -19.15 -14.30 37.60
C LYS B 562 -20.38 -14.02 36.74
N TRP B 563 -21.44 -14.79 36.97
CA TRP B 563 -22.68 -14.57 36.23
C TRP B 563 -23.49 -13.45 36.87
N GLY B 564 -24.47 -12.96 36.12
CA GLY B 564 -25.38 -11.98 36.66
C GLY B 564 -26.78 -12.57 36.77
N GLY B 565 -27.22 -12.87 37.99
CA GLY B 565 -28.52 -13.46 38.15
C GLY B 565 -28.51 -14.98 38.16
N ALA B 566 -28.78 -15.58 37.02
CA ALA B 566 -28.82 -17.03 36.87
C ALA B 566 -27.62 -17.50 36.05
N LYS B 567 -27.41 -18.81 36.07
CA LYS B 567 -26.35 -19.44 35.30
C LYS B 567 -26.94 -20.16 34.11
N HIS B 568 -26.41 -19.89 32.92
CA HIS B 568 -26.95 -20.44 31.68
C HIS B 568 -26.67 -21.93 31.58
N HIS B 569 -27.69 -22.70 31.26
CA HIS B 569 -27.55 -24.09 30.87
C HIS B 569 -27.89 -24.25 29.40
N PRO B 570 -27.18 -25.12 28.66
CA PRO B 570 -27.48 -25.26 27.22
C PRO B 570 -28.83 -25.88 26.92
N GLU B 571 -29.45 -26.56 27.87
CA GLU B 571 -30.79 -27.11 27.68
C GLU B 571 -31.88 -26.06 27.83
N ASP B 572 -31.56 -24.89 28.36
CA ASP B 572 -32.54 -23.82 28.56
C ASP B 572 -32.99 -23.26 27.22
N LYS B 573 -34.26 -23.46 26.89
CA LYS B 573 -34.86 -22.91 25.69
C LYS B 573 -35.65 -21.66 26.04
N ASP B 574 -36.08 -20.95 25.00
CA ASP B 574 -36.84 -19.71 25.16
C ASP B 574 -38.31 -20.09 25.23
N ASP B 575 -38.87 -20.08 26.45
CA ASP B 575 -40.27 -20.44 26.61
C ASP B 575 -41.17 -19.32 26.13
N GLY B 576 -42.14 -19.67 25.27
CA GLY B 576 -43.00 -18.68 24.67
C GLY B 576 -44.11 -18.15 25.54
N GLN B 577 -44.35 -18.75 26.71
CA GLN B 577 -45.41 -18.32 27.59
C GLN B 577 -44.92 -17.83 28.95
N ARG B 578 -43.62 -17.85 29.21
CA ARG B 578 -43.09 -17.26 30.42
C ARG B 578 -43.26 -15.75 30.37
N MET B 579 -43.70 -15.15 31.48
CA MET B 579 -43.99 -13.72 31.52
C MET B 579 -43.23 -12.94 32.58
N HIS B 580 -42.46 -13.58 33.46
CA HIS B 580 -41.79 -12.85 34.52
C HIS B 580 -40.30 -13.17 34.55
N PRO B 581 -39.43 -12.17 34.64
CA PRO B 581 -38.00 -12.42 34.72
C PRO B 581 -37.56 -12.70 36.16
N ARG B 582 -36.31 -13.13 36.29
CA ARG B 582 -35.72 -13.39 37.59
C ARG B 582 -35.61 -12.11 38.42
N SER B 583 -35.90 -12.22 39.72
CA SER B 583 -35.89 -11.07 40.61
C SER B 583 -34.48 -10.60 40.94
N SER B 584 -33.47 -11.44 40.77
CA SER B 584 -32.12 -11.14 41.21
C SER B 584 -31.17 -10.96 40.03
N PHE B 585 -30.19 -10.08 40.22
CA PHE B 585 -29.11 -9.88 39.25
C PHE B 585 -27.78 -9.68 39.95
N GLN B 586 -27.59 -10.33 41.09
CA GLN B 586 -26.36 -10.13 41.86
C GLN B 586 -25.23 -10.98 41.30
N ALA B 587 -24.01 -10.48 41.45
CA ALA B 587 -22.83 -11.04 40.80
C ALA B 587 -22.33 -12.24 41.60
N PHE B 588 -22.93 -13.40 41.35
CA PHE B 588 -22.50 -14.62 42.01
C PHE B 588 -21.49 -15.36 41.13
N LEU B 589 -20.45 -15.88 41.77
CA LEU B 589 -19.37 -16.56 41.08
C LEU B 589 -19.79 -17.96 40.66
N GLU B 590 -18.99 -18.55 39.77
CA GLU B 590 -19.18 -19.92 39.33
C GLU B 590 -17.81 -20.45 38.94
N VAL B 591 -17.17 -21.14 39.89
CA VAL B 591 -15.83 -21.65 39.64
C VAL B 591 -15.89 -22.91 38.80
N VAL B 592 -14.76 -23.28 38.22
CA VAL B 592 -14.66 -24.47 37.43
C VAL B 592 -13.97 -25.56 38.26
N LYS B 593 -14.08 -26.79 37.79
CA LYS B 593 -13.52 -27.96 38.46
C LYS B 593 -12.05 -28.10 38.06
N SER B 594 -11.48 -29.28 38.26
CA SER B 594 -10.23 -29.59 37.58
C SER B 594 -10.51 -29.55 36.08
N ARG B 595 -10.05 -28.49 35.43
CA ARG B 595 -10.60 -28.07 34.14
C ARG B 595 -9.57 -27.22 33.40
N SER B 596 -9.38 -27.52 32.11
CA SER B 596 -8.33 -26.91 31.30
C SER B 596 -8.91 -26.05 30.19
N GLN B 597 -8.02 -25.47 29.41
CA GLN B 597 -8.44 -24.75 28.21
C GLN B 597 -8.94 -25.74 27.15
N PRO B 598 -10.04 -25.45 26.48
CA PRO B 598 -10.64 -26.40 25.53
C PRO B 598 -9.76 -26.62 24.31
N TRP B 599 -9.51 -27.90 24.00
CA TRP B 599 -8.90 -28.26 22.72
C TRP B 599 -9.81 -27.88 21.56
N GLU B 600 -9.26 -27.15 20.61
CA GLU B 600 -10.03 -26.66 19.48
C GLU B 600 -10.08 -27.71 18.37
N THR B 601 -10.92 -27.43 17.37
CA THR B 601 -10.96 -28.23 16.15
C THR B 601 -9.59 -28.24 15.45
N ALA B 602 -8.91 -27.09 15.41
CA ALA B 602 -7.65 -26.98 14.68
C ALA B 602 -6.52 -27.72 15.38
N GLU B 603 -6.47 -27.65 16.71
CA GLU B 603 -5.42 -28.34 17.46
C GLU B 603 -5.61 -29.86 17.41
N MET B 604 -6.86 -30.32 17.54
CA MET B 604 -7.14 -31.74 17.39
C MET B 604 -6.87 -32.20 15.97
N ASP B 605 -7.10 -31.32 14.98
CA ASP B 605 -6.74 -31.61 13.60
C ASP B 605 -5.24 -31.79 13.41
N ALA B 606 -4.46 -30.89 14.00
CA ALA B 606 -3.00 -31.02 14.04
C ALA B 606 -2.57 -32.35 14.62
N ILE B 607 -3.20 -32.74 15.74
CA ILE B 607 -2.95 -34.05 16.37
C ILE B 607 -3.33 -35.19 15.42
N HIS B 608 -4.44 -35.05 14.71
CA HIS B 608 -4.92 -36.06 13.76
C HIS B 608 -3.93 -36.25 12.60
N SER B 609 -3.42 -35.15 12.06
CA SER B 609 -2.40 -35.25 11.03
C SER B 609 -1.10 -35.84 11.56
N LEU B 610 -0.73 -35.47 12.80
CA LEU B 610 0.50 -36.01 13.39
C LEU B 610 0.41 -37.51 13.59
N GLN B 611 -0.73 -38.00 14.09
CA GLN B 611 -0.88 -39.44 14.26
C GLN B 611 -0.92 -40.17 12.92
N LEU B 612 -1.54 -39.59 11.89
CA LEU B 612 -1.51 -40.23 10.56
C LEU B 612 -0.10 -40.31 9.97
N ILE B 613 0.66 -39.21 10.06
CA ILE B 613 2.02 -39.24 9.51
C ILE B 613 2.93 -40.15 10.34
N LEU B 614 2.73 -40.21 11.66
CA LEU B 614 3.52 -41.14 12.47
C LEU B 614 3.14 -42.60 12.18
N ARG B 615 1.86 -42.84 11.92
CA ARG B 615 1.39 -44.18 11.55
C ARG B 615 2.04 -44.63 10.26
N ASP B 616 2.19 -43.73 9.30
CA ASP B 616 2.92 -44.07 8.08
C ASP B 616 4.42 -44.19 8.34
N SER B 617 4.95 -43.34 9.22
CA SER B 617 6.38 -43.35 9.55
C SER B 617 6.84 -44.65 10.19
N PHE B 618 6.00 -45.27 11.03
CA PHE B 618 6.37 -46.55 11.62
C PHE B 618 6.53 -47.66 10.60
N LYS B 619 5.61 -47.71 9.61
CA LYS B 619 5.72 -48.68 8.52
C LYS B 619 7.04 -48.55 7.76
N GLU B 620 7.50 -47.32 7.57
CA GLU B 620 8.75 -47.08 6.86
C GLU B 620 9.95 -47.31 7.78
N ASP B 778 -10.04 -43.71 13.80
CA ASP B 778 -10.39 -42.63 12.89
C ASP B 778 -11.47 -41.80 13.58
N LYS B 779 -12.01 -42.36 14.66
CA LYS B 779 -13.07 -41.70 15.43
C LYS B 779 -12.43 -40.85 16.52
N PHE B 780 -12.81 -39.58 16.58
CA PHE B 780 -12.30 -38.65 17.57
C PHE B 780 -13.39 -38.29 18.57
N ILE B 781 -13.08 -38.47 19.86
CA ILE B 781 -14.00 -38.12 20.95
C ILE B 781 -13.48 -36.88 21.64
N ASN B 782 -14.31 -35.83 21.66
CA ASN B 782 -14.01 -34.61 22.38
C ASN B 782 -14.98 -34.49 23.54
N ILE B 783 -14.45 -34.36 24.75
CA ILE B 783 -15.26 -34.29 25.96
C ILE B 783 -15.12 -32.89 26.54
N GLN B 784 -16.24 -32.20 26.69
CA GLN B 784 -16.29 -30.87 27.27
C GLN B 784 -17.17 -30.88 28.51
N GLY B 785 -16.70 -30.23 29.58
CA GLY B 785 -17.35 -30.19 30.88
C GLY B 785 -18.77 -29.61 30.90
N ASP B 786 -19.27 -29.08 29.80
CA ASP B 786 -20.61 -28.51 29.74
C ASP B 786 -21.46 -29.12 28.63
N TYR B 787 -20.98 -30.18 27.99
CA TYR B 787 -21.54 -30.61 26.71
C TYR B 787 -21.42 -32.12 26.59
N LYS B 788 -22.17 -32.66 25.63
CA LYS B 788 -22.09 -34.06 25.26
C LYS B 788 -20.73 -34.38 24.67
N ALA B 789 -20.25 -35.60 24.91
CA ALA B 789 -19.01 -36.09 24.32
C ALA B 789 -19.21 -36.25 22.81
N ILE B 790 -18.70 -35.28 22.06
CA ILE B 790 -18.97 -35.20 20.62
C ILE B 790 -18.01 -36.08 19.85
N VAL B 791 -18.54 -36.97 19.03
CA VAL B 791 -17.75 -37.88 18.20
C VAL B 791 -17.71 -37.31 16.79
N HIS B 792 -16.50 -37.16 16.25
CA HIS B 792 -16.32 -36.55 14.94
C HIS B 792 -15.02 -37.05 14.31
N SER B 793 -14.70 -36.51 13.14
CA SER B 793 -13.43 -36.74 12.44
C SER B 793 -13.13 -35.53 11.55
N PRO B 794 -12.06 -34.79 11.81
CA PRO B 794 -11.80 -33.57 11.06
C PRO B 794 -10.91 -33.77 9.85
N ASN B 795 -10.98 -32.80 8.94
CA ASN B 795 -10.29 -32.89 7.66
C ASN B 795 -8.80 -32.64 7.88
N PRO B 796 -7.92 -33.58 7.51
CA PRO B 796 -6.52 -33.51 7.97
C PRO B 796 -5.72 -32.40 7.31
N LEU B 797 -4.55 -32.14 7.89
CA LEU B 797 -3.67 -31.04 7.54
C LEU B 797 -2.32 -31.54 7.03
N ILE B 798 -2.32 -32.65 6.31
CA ILE B 798 -1.10 -33.08 5.64
C ILE B 798 -1.02 -32.29 4.34
N PRO B 799 0.04 -31.53 4.10
CA PRO B 799 0.09 -30.67 2.92
C PRO B 799 0.52 -31.46 1.69
N PRO B 800 0.19 -30.97 0.48
CA PRO B 800 0.60 -31.63 -0.75
C PRO B 800 2.11 -31.66 -0.95
N ILE B 801 2.72 -32.84 -0.86
CA ILE B 801 4.16 -33.03 -0.77
C ILE B 801 4.69 -33.68 -2.05
N PHE B 802 5.76 -33.12 -2.61
CA PHE B 802 6.56 -33.84 -3.60
C PHE B 802 8.03 -33.69 -3.23
N ALA B 803 8.79 -34.77 -3.37
CA ALA B 803 10.20 -34.79 -3.00
C ALA B 803 11.06 -34.98 -4.24
N ALA B 804 11.92 -34.01 -4.52
CA ALA B 804 12.79 -34.02 -5.68
C ALA B 804 14.19 -34.45 -5.27
N ASP B 805 14.81 -35.30 -6.09
CA ASP B 805 16.16 -35.78 -5.80
C ASP B 805 17.17 -34.74 -6.28
N GLU B 806 18.45 -35.11 -6.37
CA GLU B 806 19.43 -34.19 -6.91
C GLU B 806 19.22 -33.95 -8.40
N ASN B 807 18.62 -34.90 -9.12
CA ASN B 807 18.32 -34.69 -10.54
C ASN B 807 16.87 -34.30 -10.78
N THR B 808 16.26 -33.65 -9.79
CA THR B 808 14.89 -33.07 -9.88
C THR B 808 13.87 -34.12 -10.35
N CYS B 809 13.94 -35.33 -9.79
CA CYS B 809 12.99 -36.38 -10.13
C CYS B 809 12.19 -36.73 -8.88
N CYS B 810 10.87 -36.78 -9.03
CA CYS B 810 9.98 -36.94 -7.89
C CYS B 810 10.10 -38.34 -7.32
N LEU B 811 10.88 -38.47 -6.24
CA LEU B 811 10.92 -39.71 -5.48
C LEU B 811 9.60 -39.95 -4.78
N GLU B 812 9.24 -39.07 -3.85
CA GLU B 812 8.04 -39.23 -3.03
C GLU B 812 6.96 -38.27 -3.52
N TRP B 813 5.74 -38.79 -3.62
CA TRP B 813 4.59 -38.02 -4.11
C TRP B 813 3.43 -38.30 -3.17
N ASN B 814 2.88 -37.24 -2.58
CA ASN B 814 1.88 -37.38 -1.53
C ASN B 814 0.52 -37.71 -2.14
N MET B 815 -0.35 -38.28 -1.31
CA MET B 815 -1.74 -38.45 -1.70
C MET B 815 -2.49 -37.12 -1.80
N ALA B 816 -2.00 -36.08 -1.11
CA ALA B 816 -2.64 -34.78 -1.22
C ALA B 816 -2.32 -34.09 -2.54
N MET B 817 -1.15 -34.35 -3.13
CA MET B 817 -0.92 -33.93 -4.50
C MET B 817 -1.86 -34.65 -5.47
N GLU B 818 -2.14 -35.92 -5.21
CA GLU B 818 -3.09 -36.67 -6.01
C GLU B 818 -4.51 -36.13 -5.84
N LYS B 819 -4.83 -35.59 -4.66
CA LYS B 819 -6.14 -34.97 -4.48
C LYS B 819 -6.19 -33.59 -5.11
N LEU B 820 -5.06 -32.89 -5.19
CA LEU B 820 -5.05 -31.50 -5.63
C LEU B 820 -4.90 -31.37 -7.14
N THR B 821 -3.81 -31.90 -7.70
CA THR B 821 -3.62 -31.85 -9.16
C THR B 821 -4.40 -32.92 -9.89
N GLY B 822 -4.73 -34.03 -9.21
CA GLY B 822 -5.39 -35.15 -9.84
C GLY B 822 -4.46 -36.20 -10.38
N TRP B 823 -3.17 -35.88 -10.54
CA TRP B 823 -2.20 -36.83 -11.06
C TRP B 823 -1.91 -37.92 -10.03
N SER B 824 -1.95 -39.17 -10.47
CA SER B 824 -1.69 -40.29 -9.58
C SER B 824 -0.19 -40.50 -9.44
N ARG B 825 0.19 -41.19 -8.37
CA ARG B 825 1.61 -41.33 -8.02
C ARG B 825 2.34 -42.23 -9.01
N SER B 826 1.78 -43.41 -9.30
CA SER B 826 2.45 -44.40 -10.13
C SER B 826 2.47 -44.06 -11.61
N GLU B 827 1.85 -42.96 -12.05
CA GLU B 827 2.04 -42.49 -13.42
C GLU B 827 3.06 -41.36 -13.53
N VAL B 828 3.14 -40.45 -12.56
CA VAL B 828 4.14 -39.38 -12.61
C VAL B 828 5.48 -39.84 -12.05
N ILE B 829 5.57 -41.05 -11.50
CA ILE B 829 6.81 -41.55 -10.92
C ILE B 829 7.88 -41.71 -11.99
N GLY B 830 9.12 -41.41 -11.61
CA GLY B 830 10.25 -41.53 -12.52
C GLY B 830 10.38 -40.41 -13.52
N LYS B 831 9.61 -39.34 -13.37
CA LYS B 831 9.57 -38.23 -14.31
C LYS B 831 10.10 -36.97 -13.63
N MET B 832 10.95 -36.22 -14.34
CA MET B 832 11.47 -34.96 -13.82
C MET B 832 10.36 -33.93 -13.63
N ILE B 833 10.41 -33.22 -12.50
CA ILE B 833 9.26 -32.43 -12.06
C ILE B 833 9.20 -31.07 -12.74
N VAL B 834 10.29 -30.28 -12.62
CA VAL B 834 10.36 -28.91 -13.16
C VAL B 834 9.88 -28.80 -14.61
N GLY B 835 10.35 -29.70 -15.47
CA GLY B 835 9.97 -29.52 -16.85
C GLY B 835 8.71 -30.23 -17.25
N GLU B 836 8.60 -31.53 -17.00
CA GLU B 836 7.45 -32.21 -17.59
C GLU B 836 6.29 -32.38 -16.62
N VAL B 837 6.50 -32.88 -15.39
CA VAL B 837 5.38 -33.10 -14.47
C VAL B 837 4.72 -31.78 -14.12
N PHE B 838 5.51 -30.73 -13.97
CA PHE B 838 4.88 -29.43 -13.72
C PHE B 838 4.57 -28.75 -15.04
N GLY B 839 5.57 -28.29 -15.82
CA GLY B 839 5.28 -27.47 -16.99
C GLY B 839 4.47 -28.16 -18.09
N SER B 840 4.86 -29.36 -18.51
CA SER B 840 4.16 -30.01 -19.61
C SER B 840 2.77 -30.50 -19.21
N CYS B 841 2.69 -31.24 -18.10
CA CYS B 841 1.44 -31.81 -17.64
C CYS B 841 0.47 -30.75 -17.09
N CYS B 842 0.93 -29.96 -16.13
CA CYS B 842 0.12 -28.96 -15.44
C CYS B 842 0.30 -27.59 -16.09
N MET B 843 -0.79 -26.88 -16.33
CA MET B 843 -0.61 -25.58 -16.99
C MET B 843 -0.22 -24.55 -15.94
N LEU B 844 1.07 -24.24 -15.89
CA LEU B 844 1.56 -23.21 -15.00
C LEU B 844 1.28 -21.85 -15.64
N LYS B 845 1.57 -20.79 -14.87
CA LYS B 845 1.33 -19.42 -15.39
C LYS B 845 2.22 -19.22 -16.62
N GLY B 846 1.63 -18.68 -17.69
CA GLY B 846 2.35 -18.50 -18.94
C GLY B 846 3.54 -17.57 -18.98
N PRO B 847 3.48 -16.35 -18.39
CA PRO B 847 4.64 -15.44 -18.56
C PRO B 847 5.96 -15.92 -17.96
N ASP B 848 6.00 -16.28 -16.67
CA ASP B 848 7.31 -16.62 -16.11
C ASP B 848 7.28 -17.61 -14.93
N ALA B 849 6.18 -18.35 -14.74
CA ALA B 849 6.11 -19.28 -13.61
C ALA B 849 7.10 -20.43 -13.75
N LEU B 850 7.44 -20.79 -14.98
CA LEU B 850 8.25 -21.98 -15.18
C LEU B 850 9.69 -21.67 -14.84
N THR B 851 10.13 -20.47 -15.21
CA THR B 851 11.46 -20.00 -14.85
C THR B 851 11.56 -19.77 -13.34
N LYS B 852 10.50 -19.20 -12.73
CA LYS B 852 10.51 -18.99 -11.28
C LYS B 852 10.57 -20.32 -10.50
N PHE B 853 9.80 -21.31 -10.93
CA PHE B 853 9.82 -22.63 -10.29
C PHE B 853 11.16 -23.33 -10.49
N MET B 854 11.74 -23.28 -11.69
CA MET B 854 13.02 -23.93 -11.92
C MET B 854 14.15 -23.30 -11.10
N ILE B 855 14.15 -21.96 -11.00
CA ILE B 855 15.15 -21.28 -10.17
C ILE B 855 14.97 -21.64 -8.71
N VAL B 856 13.74 -21.66 -8.22
CA VAL B 856 13.55 -21.90 -6.79
C VAL B 856 13.77 -23.37 -6.42
N LEU B 857 13.50 -24.31 -7.33
CA LEU B 857 13.78 -25.71 -7.00
C LEU B 857 15.27 -26.02 -7.11
N HIS B 858 15.96 -25.45 -8.11
CA HIS B 858 17.40 -25.65 -8.16
C HIS B 858 18.13 -24.94 -7.03
N ASN B 859 17.53 -23.88 -6.46
CA ASN B 859 18.08 -23.28 -5.26
C ASN B 859 17.77 -24.10 -4.02
N ALA B 860 16.65 -24.84 -4.01
CA ALA B 860 16.40 -25.79 -2.94
C ALA B 860 17.43 -26.92 -2.95
N ILE B 861 17.76 -27.42 -4.14
CA ILE B 861 18.86 -28.39 -4.27
C ILE B 861 20.21 -27.75 -4.00
N GLY B 862 20.32 -26.43 -4.13
CA GLY B 862 21.58 -25.78 -3.82
C GLY B 862 21.71 -25.36 -2.37
N GLY B 863 20.88 -25.94 -1.50
CA GLY B 863 20.96 -25.69 -0.08
C GLY B 863 20.14 -24.53 0.43
N GLN B 864 19.61 -23.68 -0.45
CA GLN B 864 18.85 -22.51 -0.04
C GLN B 864 17.38 -22.89 0.11
N ASP B 865 16.92 -22.99 1.34
CA ASP B 865 15.50 -23.25 1.61
C ASP B 865 14.70 -21.96 1.43
N THR B 866 13.58 -22.07 0.72
CA THR B 866 12.67 -20.95 0.50
C THR B 866 11.30 -21.27 1.07
N ASP B 867 10.65 -20.26 1.63
CA ASP B 867 9.42 -20.43 2.39
C ASP B 867 8.31 -19.65 1.71
N LYS B 868 7.24 -20.36 1.35
CA LYS B 868 5.97 -19.78 0.85
C LYS B 868 6.19 -18.97 -0.43
N PHE B 869 6.76 -19.62 -1.42
CA PHE B 869 6.91 -19.03 -2.75
C PHE B 869 5.57 -19.00 -3.45
N PRO B 870 5.18 -17.88 -4.08
CA PRO B 870 3.90 -17.84 -4.81
C PRO B 870 3.93 -18.76 -6.02
N PHE B 871 3.02 -19.73 -6.04
CA PHE B 871 3.06 -20.82 -7.01
C PHE B 871 1.67 -21.04 -7.63
N PRO B 872 1.20 -20.13 -8.49
CA PRO B 872 -0.12 -20.33 -9.12
C PRO B 872 -0.02 -21.30 -10.29
N PHE B 873 -0.88 -22.32 -10.29
CA PHE B 873 -0.85 -23.35 -11.31
C PHE B 873 -2.25 -23.92 -11.53
N PHE B 874 -2.40 -24.71 -12.60
CA PHE B 874 -3.66 -25.34 -12.99
C PHE B 874 -3.53 -26.83 -12.71
N ASP B 875 -4.55 -27.62 -13.03
CA ASP B 875 -4.46 -29.05 -12.82
C ASP B 875 -4.84 -29.80 -14.10
N ARG B 876 -4.78 -31.13 -14.03
CA ARG B 876 -5.06 -31.96 -15.20
C ARG B 876 -6.55 -31.97 -15.55
N ASN B 877 -7.41 -31.58 -14.61
CA ASN B 877 -8.80 -31.26 -14.94
C ASN B 877 -8.91 -29.90 -15.62
N GLY B 878 -8.08 -28.95 -15.20
CA GLY B 878 -8.07 -27.61 -15.79
C GLY B 878 -8.42 -26.49 -14.85
N LYS B 879 -8.77 -26.72 -13.60
CA LYS B 879 -9.12 -25.63 -12.70
C LYS B 879 -7.86 -24.97 -12.13
N PHE B 880 -7.81 -23.63 -12.21
CA PHE B 880 -6.67 -22.90 -11.68
C PHE B 880 -6.64 -23.02 -10.15
N VAL B 881 -5.45 -23.22 -9.60
CA VAL B 881 -5.28 -23.34 -8.16
C VAL B 881 -3.99 -22.62 -7.72
N GLN B 882 -4.14 -21.47 -7.09
CA GLN B 882 -2.96 -20.82 -6.53
C GLN B 882 -2.54 -21.54 -5.27
N ALA B 883 -1.26 -21.44 -4.94
CA ALA B 883 -0.70 -22.22 -3.85
C ALA B 883 0.46 -21.44 -3.25
N LEU B 884 1.25 -22.14 -2.44
CA LEU B 884 2.42 -21.55 -1.79
C LEU B 884 3.46 -22.66 -1.67
N LEU B 885 4.36 -22.71 -2.65
CA LEU B 885 5.42 -23.71 -2.62
C LEU B 885 6.44 -23.35 -1.54
N THR B 886 6.70 -24.30 -0.64
CA THR B 886 7.81 -24.18 0.30
C THR B 886 8.81 -25.28 -0.02
N ALA B 887 10.02 -24.88 -0.39
CA ALA B 887 11.05 -25.79 -0.87
C ALA B 887 12.24 -25.72 0.07
N ASN B 888 12.58 -26.85 0.69
CA ASN B 888 13.71 -26.91 1.60
C ASN B 888 14.57 -28.13 1.24
N LYS B 889 15.85 -28.03 1.62
CA LYS B 889 16.81 -29.09 1.32
C LYS B 889 16.54 -30.33 2.14
N ARG B 890 16.81 -31.49 1.54
CA ARG B 890 16.66 -32.78 2.21
C ARG B 890 18.06 -33.34 2.46
N VAL B 891 18.29 -33.84 3.66
CA VAL B 891 19.59 -34.37 4.05
C VAL B 891 19.46 -35.86 4.33
N SER B 892 20.41 -36.63 3.81
CA SER B 892 20.45 -38.08 4.01
C SER B 892 21.33 -38.48 5.19
N LEU B 893 21.93 -37.50 5.87
CA LEU B 893 22.79 -37.54 7.06
C LEU B 893 24.22 -37.99 6.72
N GLU B 894 24.49 -38.43 5.50
CA GLU B 894 25.84 -38.71 5.03
C GLU B 894 26.22 -37.89 3.82
N GLY B 895 25.23 -37.29 3.15
CA GLY B 895 25.39 -36.39 2.02
C GLY B 895 24.88 -35.05 2.47
N LYS B 896 25.64 -33.98 2.19
CA LYS B 896 25.29 -32.65 2.70
C LYS B 896 23.94 -32.17 2.16
N VAL B 897 23.74 -32.20 0.86
CA VAL B 897 22.44 -31.79 0.31
C VAL B 897 22.02 -32.72 -0.82
N ILE B 898 21.47 -33.88 -0.47
CA ILE B 898 20.99 -34.84 -1.46
C ILE B 898 19.48 -34.68 -1.54
N GLY B 899 19.00 -34.23 -2.69
CA GLY B 899 17.58 -34.06 -2.87
C GLY B 899 17.02 -32.77 -2.31
N ALA B 900 15.81 -32.43 -2.74
CA ALA B 900 15.05 -31.30 -2.23
C ALA B 900 13.63 -31.72 -1.88
N PHE B 901 13.19 -31.32 -0.69
CA PHE B 901 11.84 -31.61 -0.20
C PHE B 901 10.94 -30.41 -0.47
N CYS B 902 9.67 -30.68 -0.73
CA CYS B 902 8.71 -29.61 -1.01
C CYS B 902 7.36 -29.94 -0.42
N PHE B 903 6.61 -28.90 -0.07
CA PHE B 903 5.22 -29.08 0.33
C PHE B 903 4.45 -27.81 -0.02
N LEU B 904 3.18 -27.99 -0.37
CA LEU B 904 2.33 -26.91 -0.83
C LEU B 904 1.31 -26.54 0.24
N GLN B 905 1.05 -25.24 0.39
CA GLN B 905 -0.01 -24.74 1.24
C GLN B 905 -0.94 -23.89 0.38
N ILE B 906 -2.24 -24.08 0.55
CA ILE B 906 -3.21 -23.32 -0.24
C ILE B 906 -4.01 -22.43 0.70
N PRO B 907 -3.81 -21.12 0.65
CA PRO B 907 -4.53 -20.22 1.55
C PRO B 907 -5.79 -19.67 0.91
N SER B 908 -6.60 -19.01 1.74
CA SER B 908 -7.62 -18.11 1.24
C SER B 908 -6.93 -16.85 0.74
N PRO B 909 -7.49 -16.19 -0.29
CA PRO B 909 -6.73 -15.13 -1.01
C PRO B 909 -6.34 -13.93 -0.15
N GLU B 910 -7.07 -13.68 0.94
CA GLU B 910 -6.68 -12.64 1.89
C GLU B 910 -5.37 -12.98 2.58
N LEU B 911 -5.09 -14.26 2.79
CA LEU B 911 -3.86 -14.64 3.48
C LEU B 911 -2.65 -14.56 2.56
N GLN B 912 -2.78 -14.96 1.29
CA GLN B 912 -1.64 -14.81 0.39
C GLN B 912 -1.40 -13.35 0.05
N GLN B 913 -2.47 -12.54 0.01
CA GLN B 913 -2.26 -11.10 -0.10
C GLN B 913 -1.60 -10.53 1.15
N ALA B 914 -1.94 -11.05 2.33
CA ALA B 914 -1.26 -10.62 3.55
C ALA B 914 0.19 -11.09 3.59
N LEU B 915 0.50 -12.20 2.94
CA LEU B 915 1.90 -12.60 2.83
C LEU B 915 2.64 -11.72 1.83
N ALA B 916 1.94 -11.24 0.80
CA ALA B 916 2.52 -10.24 -0.09
C ALA B 916 2.81 -8.94 0.65
N VAL B 917 1.92 -8.52 1.55
CA VAL B 917 2.23 -7.32 2.33
C VAL B 917 3.27 -7.62 3.40
N GLN B 918 3.41 -8.87 3.82
CA GLN B 918 4.48 -9.25 4.74
C GLN B 918 5.84 -9.17 4.04
N ARG B 919 5.88 -9.52 2.76
CA ARG B 919 7.11 -9.37 1.98
C ARG B 919 7.42 -7.90 1.71
N ARG B 920 6.40 -7.12 1.34
CA ARG B 920 6.63 -5.71 0.99
C ARG B 920 6.60 -4.78 2.21
N GLN B 921 6.48 -5.32 3.42
CA GLN B 921 6.85 -4.59 4.62
C GLN B 921 8.31 -4.15 4.57
N ASP B 922 9.18 -5.00 4.00
CA ASP B 922 10.60 -4.68 3.82
C ASP B 922 10.84 -3.46 2.94
N THR B 923 9.89 -3.10 2.10
CA THR B 923 9.95 -1.89 1.30
C THR B 923 9.17 -0.73 1.89
N GLU B 924 8.03 -0.98 2.53
CA GLU B 924 7.22 0.13 3.04
C GLU B 924 7.71 0.63 4.40
N CYS B 925 7.94 -0.28 5.35
CA CYS B 925 8.25 0.13 6.71
C CYS B 925 9.64 0.74 6.80
N PHE B 926 10.59 0.22 6.03
CA PHE B 926 11.91 0.82 6.01
C PHE B 926 11.92 2.16 5.28
N THR B 927 10.98 2.38 4.37
CA THR B 927 10.87 3.70 3.74
C THR B 927 10.18 4.69 4.68
N LYS B 928 9.30 4.20 5.57
CA LYS B 928 8.71 5.07 6.57
C LYS B 928 9.72 5.49 7.63
N ALA B 929 10.51 4.52 8.11
CA ALA B 929 11.61 4.83 9.02
C ALA B 929 12.66 5.70 8.34
N LYS B 930 12.88 5.46 7.04
CA LYS B 930 13.78 6.30 6.25
C LYS B 930 13.28 7.73 6.19
N GLU B 931 11.96 7.91 6.05
CA GLU B 931 11.35 9.25 6.06
C GLU B 931 11.58 9.93 7.39
N LEU B 932 11.41 9.20 8.49
CA LEU B 932 11.61 9.79 9.82
C LEU B 932 13.08 10.17 10.06
N ALA B 933 14.02 9.27 9.72
CA ALA B 933 15.42 9.55 9.98
C ALA B 933 15.95 10.64 9.05
N TYR B 934 15.49 10.63 7.79
CA TYR B 934 15.83 11.67 6.83
C TYR B 934 15.34 13.02 7.31
N ILE B 935 14.10 13.07 7.81
CA ILE B 935 13.51 14.30 8.32
C ILE B 935 14.31 14.82 9.51
N CYS B 936 14.71 13.92 10.42
CA CYS B 936 15.50 14.37 11.58
C CYS B 936 16.85 14.98 11.17
N GLN B 937 17.57 14.32 10.26
CA GLN B 937 18.88 14.85 9.84
C GLN B 937 18.76 16.17 9.06
N VAL B 938 17.90 16.17 8.03
CA VAL B 938 17.77 17.36 7.19
C VAL B 938 17.10 18.51 7.93
N ILE B 939 16.28 18.24 8.95
CA ILE B 939 15.80 19.30 9.82
C ILE B 939 16.93 19.82 10.72
N LYS B 940 17.80 18.92 11.20
CA LYS B 940 18.92 19.34 12.06
C LYS B 940 19.87 20.32 11.39
N ASN B 941 20.05 20.22 10.07
CA ASN B 941 20.96 21.16 9.41
C ASN B 941 20.52 22.64 9.47
N PRO B 942 19.29 23.04 9.08
CA PRO B 942 18.91 24.44 9.23
C PRO B 942 18.59 24.83 10.65
N LEU B 943 18.50 23.88 11.59
CA LEU B 943 18.41 24.30 12.98
C LEU B 943 19.75 24.87 13.45
N SER B 944 20.86 24.29 12.97
CA SER B 944 22.16 24.90 13.20
C SER B 944 22.28 26.22 12.47
N GLY B 945 21.73 26.29 11.25
CA GLY B 945 21.69 27.57 10.55
C GLY B 945 20.83 28.62 11.25
N MET B 946 19.74 28.17 11.85
CA MET B 946 18.83 29.03 12.61
C MET B 946 19.50 29.59 13.85
N ARG B 947 20.14 28.72 14.64
CA ARG B 947 20.75 29.22 15.87
C ARG B 947 22.01 30.02 15.58
N PHE B 948 22.68 29.77 14.44
CA PHE B 948 23.78 30.65 14.09
C PHE B 948 23.28 32.01 13.61
N ALA B 949 22.17 32.04 12.88
CA ALA B 949 21.61 33.31 12.45
C ALA B 949 21.07 34.12 13.62
N ASN B 950 20.50 33.44 14.61
CA ASN B 950 19.94 34.13 15.76
C ASN B 950 20.94 34.30 16.90
N SER B 951 22.16 33.79 16.75
CA SER B 951 23.27 34.19 17.61
C SER B 951 24.24 35.11 16.88
N LEU B 952 24.00 35.40 15.60
CA LEU B 952 24.69 36.46 14.89
C LEU B 952 23.82 37.69 14.71
N LEU B 953 22.53 37.60 15.04
CA LEU B 953 21.62 38.73 14.99
C LEU B 953 21.62 39.52 16.29
N GLU B 954 22.54 39.22 17.20
CA GLU B 954 22.64 39.89 18.49
C GLU B 954 23.51 41.14 18.46
N ALA B 955 23.77 41.70 17.27
CA ALA B 955 24.57 42.92 17.19
C ALA B 955 23.80 44.12 17.71
N THR B 956 22.70 44.48 17.06
CA THR B 956 21.86 45.58 17.54
C THR B 956 20.39 45.32 17.23
N ASP B 957 19.58 45.36 18.28
CA ASP B 957 18.12 45.38 18.15
C ASP B 957 17.64 46.59 18.95
N LEU B 958 17.32 47.68 18.25
CA LEU B 958 17.18 48.98 18.89
C LEU B 958 15.93 49.04 19.76
N ASN B 959 14.75 48.89 19.14
CA ASN B 959 13.55 48.70 19.94
C ASN B 959 13.58 47.31 20.56
N GLU B 960 13.27 47.23 21.86
CA GLU B 960 13.26 45.94 22.53
C GLU B 960 12.05 45.08 22.14
N ASP B 961 11.07 45.64 21.44
CA ASP B 961 10.06 44.81 20.79
C ASP B 961 10.69 43.94 19.71
N GLN B 962 11.67 44.49 18.97
CA GLN B 962 12.40 43.70 17.99
C GLN B 962 13.22 42.60 18.67
N LYS B 963 13.80 42.90 19.83
CA LYS B 963 14.54 41.90 20.58
C LYS B 963 13.61 40.84 21.16
N GLN B 964 12.36 41.22 21.48
CA GLN B 964 11.40 40.22 21.96
C GLN B 964 10.92 39.33 20.83
N LEU B 965 10.75 39.88 19.63
CA LEU B 965 10.47 39.05 18.45
C LEU B 965 11.62 38.11 18.15
N LEU B 966 12.85 38.60 18.28
CA LEU B 966 14.04 37.77 18.09
C LEU B 966 14.10 36.64 19.12
N GLU B 967 13.79 36.95 20.39
CA GLU B 967 13.84 35.93 21.42
C GLU B 967 12.69 34.95 21.29
N THR B 968 11.58 35.39 20.71
CA THR B 968 10.49 34.48 20.37
C THR B 968 10.92 33.52 19.26
N SER B 969 11.69 34.01 18.29
CA SER B 969 12.22 33.13 17.26
C SER B 969 13.27 32.16 17.81
N VAL B 970 14.10 32.64 18.75
CA VAL B 970 15.07 31.76 19.41
C VAL B 970 14.37 30.67 20.21
N SER B 971 13.27 31.02 20.90
CA SER B 971 12.50 30.03 21.64
C SER B 971 11.86 29.01 20.71
N CYS B 972 11.33 29.46 19.57
CA CYS B 972 10.79 28.52 18.57
C CYS B 972 11.88 27.61 18.01
N GLU B 973 13.08 28.16 17.77
CA GLU B 973 14.19 27.35 17.27
C GLU B 973 14.62 26.30 18.29
N LYS B 974 14.74 26.68 19.56
CA LYS B 974 15.08 25.72 20.61
C LYS B 974 13.96 24.70 20.79
N GLN B 975 12.71 25.14 20.64
CA GLN B 975 11.57 24.23 20.70
C GLN B 975 11.63 23.19 19.60
N ILE B 976 11.99 23.60 18.37
CA ILE B 976 12.11 22.65 17.27
C ILE B 976 13.30 21.72 17.51
N SER B 977 14.41 22.25 18.02
CA SER B 977 15.58 21.44 18.29
C SER B 977 15.35 20.44 19.43
N ARG B 978 14.37 20.70 20.30
CA ARG B 978 13.98 19.71 21.30
C ARG B 978 12.94 18.73 20.77
N ILE B 979 12.09 19.15 19.82
CA ILE B 979 11.11 18.24 19.24
C ILE B 979 11.78 17.16 18.39
N VAL B 980 12.89 17.48 17.71
CA VAL B 980 13.61 16.47 16.95
C VAL B 980 14.95 16.18 17.62
N GLY B 981 14.97 16.26 18.94
CA GLY B 981 16.15 15.89 19.70
C GLY B 981 16.32 14.39 19.87
N ASP B 982 16.68 13.96 21.09
CA ASP B 982 17.01 12.58 21.36
C ASP B 982 15.83 11.76 21.87
N MET B 983 14.61 12.12 21.49
CA MET B 983 13.42 11.48 22.02
C MET B 983 12.80 10.56 20.97
N ASP B 984 12.33 9.40 21.42
CA ASP B 984 11.67 8.43 20.53
C ASP B 984 10.24 8.14 20.98
N LEU B 985 9.59 9.12 21.61
CA LEU B 985 8.16 9.15 21.95
C LEU B 985 7.78 7.97 22.86
N GLU B 986 8.33 8.01 24.07
CA GLU B 986 7.91 7.09 25.10
C GLU B 986 7.52 7.79 26.40
N SER B 987 8.20 8.88 26.76
CA SER B 987 8.06 9.76 27.92
C SER B 987 8.44 9.11 29.26
N ILE B 988 8.80 7.82 29.28
CA ILE B 988 9.39 7.20 30.46
C ILE B 988 10.84 6.80 30.24
N GLU B 989 11.31 6.79 28.99
CA GLU B 989 12.70 6.50 28.65
C GLU B 989 13.41 7.66 28.00
N ASP B 990 12.68 8.56 27.34
CA ASP B 990 13.27 9.67 26.61
C ASP B 990 12.84 11.02 27.14
N GLY B 991 11.54 11.22 27.39
CA GLY B 991 11.06 12.48 27.93
C GLY B 991 11.37 12.67 29.40
N SER B 992 11.64 11.57 30.11
CA SER B 992 12.01 11.62 31.52
C SER B 992 13.52 11.65 31.71
N PHE B 993 14.26 10.81 30.97
CA PHE B 993 15.71 10.80 31.05
C PHE B 993 16.32 12.06 30.46
N VAL B 994 15.68 12.63 29.44
CA VAL B 994 16.15 13.89 28.87
C VAL B 994 15.08 14.93 29.15
N LEU B 995 15.25 15.67 30.24
CA LEU B 995 14.38 16.77 30.61
C LEU B 995 15.27 17.92 31.04
N LYS B 996 15.37 18.93 30.19
CA LYS B 996 16.25 20.06 30.44
C LYS B 996 15.72 20.90 31.59
N ARG B 997 16.62 21.42 32.42
CA ARG B 997 16.24 22.15 33.63
C ARG B 997 17.07 23.43 33.70
N GLU B 998 16.52 24.53 33.21
CA GLU B 998 17.20 25.82 33.20
C GLU B 998 16.20 26.92 33.49
N GLU B 999 16.72 28.05 34.00
CA GLU B 999 15.87 29.17 34.38
C GLU B 999 15.32 29.87 33.15
N PHE B 1000 14.17 30.54 33.31
CA PHE B 1000 13.55 31.23 32.20
C PHE B 1000 12.68 32.37 32.70
N PHE B 1001 12.19 33.15 31.74
CA PHE B 1001 11.32 34.29 31.98
C PHE B 1001 10.03 34.09 31.18
N LEU B 1002 8.89 34.40 31.79
CA LEU B 1002 7.62 33.86 31.32
C LEU B 1002 6.97 34.69 30.22
N GLY B 1003 7.40 35.95 30.03
CA GLY B 1003 6.94 36.72 28.89
C GLY B 1003 7.41 36.17 27.57
N SER B 1004 8.60 35.54 27.56
CA SER B 1004 9.05 34.73 26.44
C SER B 1004 8.03 33.67 26.06
N VAL B 1005 7.56 32.93 27.06
CA VAL B 1005 6.59 31.86 26.83
C VAL B 1005 5.27 32.42 26.31
N ILE B 1006 4.81 33.53 26.89
CA ILE B 1006 3.51 34.10 26.53
C ILE B 1006 3.53 34.65 25.11
N ASN B 1007 4.59 35.41 24.77
CA ASN B 1007 4.67 35.96 23.43
C ASN B 1007 4.98 34.89 22.40
N ALA B 1008 5.65 33.80 22.81
CA ALA B 1008 5.81 32.66 21.93
C ALA B 1008 4.48 31.99 21.62
N ILE B 1009 3.60 31.87 22.61
CA ILE B 1009 2.30 31.25 22.38
C ILE B 1009 1.45 32.12 21.46
N VAL B 1010 1.48 33.44 21.68
CA VAL B 1010 0.68 34.33 20.86
C VAL B 1010 1.21 34.37 19.43
N SER B 1011 2.54 34.36 19.25
CA SER B 1011 3.11 34.33 17.90
C SER B 1011 2.85 33.00 17.21
N GLN B 1012 2.85 31.90 17.97
CA GLN B 1012 2.50 30.60 17.39
C GLN B 1012 1.02 30.50 17.04
N ALA B 1013 0.17 31.35 17.62
CA ALA B 1013 -1.26 31.27 17.38
C ALA B 1013 -1.80 32.28 16.37
N MET B 1014 -1.08 33.38 16.11
CA MET B 1014 -1.68 34.50 15.36
C MET B 1014 -1.99 34.17 13.91
N PHE B 1015 -1.30 33.21 13.29
CA PHE B 1015 -1.62 32.88 11.91
C PHE B 1015 -2.97 32.20 11.80
N LEU B 1016 -3.28 31.28 12.73
CA LEU B 1016 -4.57 30.62 12.67
C LEU B 1016 -5.67 31.53 13.20
N LEU B 1017 -5.33 32.45 14.11
CA LEU B 1017 -6.28 33.48 14.54
C LEU B 1017 -6.69 34.38 13.38
N ARG B 1018 -5.72 34.90 12.64
CA ARG B 1018 -6.04 35.75 11.50
C ARG B 1018 -6.59 34.97 10.32
N ASP B 1019 -6.34 33.65 10.25
CA ASP B 1019 -6.97 32.83 9.23
C ASP B 1019 -8.45 32.64 9.53
N ARG B 1020 -8.81 32.44 10.80
CA ARG B 1020 -10.20 32.24 11.18
C ARG B 1020 -10.90 33.54 11.56
N GLY B 1021 -10.20 34.67 11.55
CA GLY B 1021 -10.82 35.95 11.84
C GLY B 1021 -11.18 36.15 13.29
N LEU B 1022 -10.38 35.63 14.21
CA LEU B 1022 -10.75 35.59 15.62
C LEU B 1022 -10.20 36.80 16.37
N GLN B 1023 -10.63 36.93 17.62
CA GLN B 1023 -10.08 37.87 18.58
C GLN B 1023 -9.32 37.09 19.65
N LEU B 1024 -8.44 37.81 20.35
CA LEU B 1024 -7.73 37.24 21.48
C LEU B 1024 -7.78 38.20 22.65
N ILE B 1025 -8.12 37.69 23.83
CA ILE B 1025 -8.28 38.51 25.04
C ILE B 1025 -7.36 37.90 26.09
N ARG B 1026 -6.10 38.32 26.11
CA ARG B 1026 -5.13 37.73 27.03
C ARG B 1026 -5.16 38.49 28.36
N ASP B 1027 -5.95 37.98 29.30
CA ASP B 1027 -6.05 38.57 30.63
C ASP B 1027 -4.96 38.00 31.54
N ILE B 1028 -3.74 38.46 31.29
CA ILE B 1028 -2.54 37.98 31.96
C ILE B 1028 -1.99 39.09 32.85
N PRO B 1029 -1.68 38.81 34.12
CA PRO B 1029 -1.02 39.81 34.97
C PRO B 1029 0.42 40.09 34.58
N GLU B 1030 1.13 40.86 35.39
CA GLU B 1030 2.50 41.26 35.09
C GLU B 1030 3.48 40.25 35.67
N GLU B 1031 4.27 39.63 34.77
CA GLU B 1031 5.30 38.65 35.13
C GLU B 1031 6.65 39.07 34.57
N ILE B 1032 6.82 40.38 34.39
CA ILE B 1032 8.13 40.97 34.10
C ILE B 1032 9.12 40.69 35.23
N LYS B 1033 8.63 40.56 36.46
CA LYS B 1033 9.46 40.48 37.66
C LYS B 1033 9.75 39.06 38.09
N SER B 1034 9.08 38.07 37.50
CA SER B 1034 9.30 36.66 37.84
C SER B 1034 10.37 36.05 36.93
N ILE B 1035 11.54 36.69 36.94
CA ILE B 1035 12.65 36.30 36.07
C ILE B 1035 13.29 34.99 36.53
N GLU B 1036 13.16 34.64 37.81
CA GLU B 1036 13.89 33.52 38.37
C GLU B 1036 13.09 32.22 38.44
N VAL B 1037 11.94 32.13 37.76
CA VAL B 1037 11.23 30.86 37.65
C VAL B 1037 12.08 29.87 36.85
N PHE B 1038 12.22 28.65 37.37
CA PHE B 1038 13.19 27.68 36.89
C PHE B 1038 12.44 26.40 36.53
N GLY B 1039 12.22 26.21 35.23
CA GLY B 1039 11.60 25.01 34.69
C GLY B 1039 11.86 24.94 33.20
N ASP B 1040 11.53 23.80 32.61
CA ASP B 1040 11.78 23.55 31.19
C ASP B 1040 10.80 24.37 30.36
N GLN B 1041 11.24 25.55 29.90
CA GLN B 1041 10.33 26.47 29.22
C GLN B 1041 9.92 25.99 27.83
N ILE B 1042 10.82 25.31 27.11
CA ILE B 1042 10.54 24.90 25.73
C ILE B 1042 9.42 23.85 25.70
N ARG B 1043 9.42 22.91 26.65
CA ARG B 1043 8.33 21.95 26.72
C ARG B 1043 7.03 22.62 27.15
N ILE B 1044 7.12 23.68 27.97
CA ILE B 1044 5.91 24.37 28.42
C ILE B 1044 5.27 25.15 27.28
N GLN B 1045 6.09 25.83 26.45
CA GLN B 1045 5.51 26.51 25.30
C GLN B 1045 5.06 25.53 24.23
N GLN B 1046 5.69 24.35 24.14
CA GLN B 1046 5.20 23.32 23.24
C GLN B 1046 3.80 22.85 23.64
N LEU B 1047 3.61 22.49 24.91
CA LEU B 1047 2.31 21.98 25.33
C LEU B 1047 1.27 23.10 25.37
N LEU B 1048 1.68 24.30 25.79
CA LEU B 1048 0.80 25.47 25.80
C LEU B 1048 0.30 25.81 24.41
N ALA B 1049 1.19 25.80 23.41
CA ALA B 1049 0.76 26.09 22.05
C ALA B 1049 -0.10 24.99 21.49
N GLU B 1050 0.17 23.73 21.84
CA GLU B 1050 -0.67 22.63 21.37
C GLU B 1050 -2.08 22.72 21.94
N PHE B 1051 -2.21 23.01 23.24
CA PHE B 1051 -3.51 23.22 23.87
C PHE B 1051 -4.24 24.43 23.29
N LEU B 1052 -3.53 25.56 23.18
CA LEU B 1052 -4.18 26.80 22.77
C LEU B 1052 -4.53 26.79 21.29
N LEU B 1053 -3.77 26.06 20.48
CA LEU B 1053 -4.07 25.97 19.08
C LEU B 1053 -5.10 24.89 18.77
N SER B 1054 -5.27 23.91 19.66
CA SER B 1054 -6.47 23.08 19.58
C SER B 1054 -7.72 23.90 19.89
N ILE B 1055 -7.61 24.81 20.87
CA ILE B 1055 -8.71 25.72 21.21
C ILE B 1055 -9.07 26.59 20.01
N ILE B 1056 -8.07 27.17 19.36
CA ILE B 1056 -8.33 28.03 18.19
C ILE B 1056 -8.76 27.20 16.99
N ARG B 1057 -8.29 25.95 16.88
CA ARG B 1057 -8.74 25.05 15.83
C ARG B 1057 -10.21 24.70 15.97
N TYR B 1058 -10.74 24.70 17.19
CA TYR B 1058 -12.16 24.41 17.37
C TYR B 1058 -12.94 25.58 17.97
N ALA B 1059 -12.38 26.79 17.96
CA ALA B 1059 -13.16 27.97 18.31
C ALA B 1059 -14.01 28.41 17.11
N PRO B 1060 -15.22 28.91 17.33
CA PRO B 1060 -16.10 29.21 16.19
C PRO B 1060 -15.67 30.49 15.49
N SER B 1061 -16.27 30.72 14.34
CA SER B 1061 -15.80 31.73 13.39
C SER B 1061 -16.11 33.13 13.90
N GLN B 1062 -15.06 33.96 14.01
CA GLN B 1062 -15.12 35.38 14.37
C GLN B 1062 -15.70 35.60 15.77
N GLU B 1063 -15.01 35.05 16.76
CA GLU B 1063 -15.27 35.35 18.17
C GLU B 1063 -13.92 35.51 18.87
N TRP B 1064 -13.95 35.48 20.20
CA TRP B 1064 -12.77 35.71 21.01
C TRP B 1064 -12.16 34.40 21.47
N VAL B 1065 -10.91 34.49 21.96
CA VAL B 1065 -10.25 33.42 22.69
C VAL B 1065 -9.55 34.07 23.87
N GLU B 1066 -9.78 33.54 25.06
CA GLU B 1066 -9.25 34.11 26.29
C GLU B 1066 -8.06 33.31 26.78
N ILE B 1067 -7.01 34.00 27.21
CA ILE B 1067 -5.84 33.37 27.82
C ILE B 1067 -5.70 33.92 29.23
N HIS B 1068 -6.21 33.19 30.22
CA HIS B 1068 -6.11 33.64 31.60
C HIS B 1068 -4.93 32.98 32.28
N LEU B 1069 -4.17 33.77 33.01
CA LEU B 1069 -3.13 33.28 33.90
C LEU B 1069 -3.39 33.87 35.28
N SER B 1070 -3.01 33.12 36.31
CA SER B 1070 -3.07 33.62 37.69
C SER B 1070 -1.84 33.05 38.41
N GLN B 1071 -0.77 33.83 38.43
CA GLN B 1071 0.42 33.42 39.16
C GLN B 1071 0.14 33.50 40.66
N LEU B 1072 0.28 32.38 41.35
CA LEU B 1072 0.04 32.31 42.77
C LEU B 1072 1.25 31.71 43.46
N SER B 1073 1.50 32.17 44.68
CA SER B 1073 2.61 31.67 45.46
C SER B 1073 2.29 30.26 45.97
N LYS B 1074 3.36 29.50 46.24
CA LYS B 1074 3.24 28.18 46.83
C LYS B 1074 4.55 27.91 47.54
N GLN B 1075 4.46 27.38 48.76
CA GLN B 1075 5.63 27.22 49.61
C GLN B 1075 5.81 25.79 50.09
N MET B 1076 7.00 25.25 49.84
CA MET B 1076 7.37 23.92 50.31
C MET B 1076 8.49 23.97 51.36
N ALA B 1077 9.23 25.07 51.40
CA ALA B 1077 10.30 25.36 52.34
C ALA B 1077 10.61 26.84 52.15
N ASP B 1078 11.37 27.41 53.10
CA ASP B 1078 11.72 28.83 53.02
C ASP B 1078 12.56 29.13 51.78
N GLY B 1079 13.55 28.30 51.48
CA GLY B 1079 14.37 28.49 50.31
C GLY B 1079 14.01 27.63 49.11
N PHE B 1080 13.00 26.78 49.23
CA PHE B 1080 12.58 25.88 48.16
C PHE B 1080 11.17 26.27 47.68
N ALA B 1081 10.84 27.56 47.80
CA ALA B 1081 9.54 28.09 47.40
C ALA B 1081 9.25 27.85 45.92
N ALA B 1082 8.03 27.43 45.63
CA ALA B 1082 7.62 27.13 44.27
C ALA B 1082 6.64 28.20 43.76
N ILE B 1083 6.06 27.95 42.59
CA ILE B 1083 5.06 28.83 42.00
C ILE B 1083 3.92 27.95 41.50
N ARG B 1084 2.74 28.56 41.36
CA ARG B 1084 1.58 27.86 40.83
C ARG B 1084 0.87 28.80 39.83
N THR B 1085 1.05 28.54 38.55
CA THR B 1085 0.39 29.30 37.49
C THR B 1085 -0.69 28.43 36.87
N GLU B 1086 -1.87 29.01 36.66
CA GLU B 1086 -3.02 28.32 36.09
C GLU B 1086 -3.40 28.93 34.74
N PHE B 1087 -2.98 28.26 33.68
CA PHE B 1087 -3.30 28.68 32.31
C PHE B 1087 -4.73 28.28 31.96
N ARG B 1088 -5.54 29.25 31.54
CA ARG B 1088 -6.94 29.01 31.18
C ARG B 1088 -7.19 29.49 29.75
N MET B 1089 -7.71 28.60 28.91
CA MET B 1089 -8.04 28.93 27.52
C MET B 1089 -9.52 28.71 27.30
N ALA B 1090 -10.24 29.77 26.93
CA ALA B 1090 -11.69 29.72 26.80
C ALA B 1090 -12.12 30.11 25.39
N CYS B 1091 -13.26 29.57 24.96
CA CYS B 1091 -13.84 29.92 23.67
C CYS B 1091 -15.36 29.85 23.74
N PRO B 1092 -16.08 30.78 23.10
CA PRO B 1092 -17.57 30.80 23.13
C PRO B 1092 -18.28 30.02 22.02
N GLY B 1093 -18.35 28.70 22.17
CA GLY B 1093 -19.12 27.93 21.21
C GLY B 1093 -19.29 26.48 21.56
N GLU B 1094 -19.43 25.63 20.53
CA GLU B 1094 -19.50 24.19 20.74
C GLU B 1094 -18.17 23.64 21.24
N GLY B 1095 -17.07 24.32 20.92
CA GLY B 1095 -15.76 23.99 21.41
C GLY B 1095 -15.20 22.71 20.80
N LEU B 1096 -14.19 22.19 21.48
CA LEU B 1096 -13.50 21.01 21.01
C LEU B 1096 -14.39 19.78 21.21
N PRO B 1097 -14.42 18.85 20.25
CA PRO B 1097 -15.31 17.69 20.37
C PRO B 1097 -14.90 16.77 21.50
N PRO B 1098 -15.86 16.09 22.15
CA PRO B 1098 -15.55 15.18 23.26
C PRO B 1098 -14.68 13.99 22.88
N GLU B 1099 -14.77 13.54 21.62
CA GLU B 1099 -13.95 12.42 21.16
C GLU B 1099 -12.47 12.74 21.25
N LEU B 1100 -12.10 13.98 20.90
CA LEU B 1100 -10.70 14.36 20.90
C LEU B 1100 -10.13 14.46 22.32
N VAL B 1101 -10.89 14.99 23.29
CA VAL B 1101 -10.42 14.96 24.68
C VAL B 1101 -10.34 13.51 25.20
N ARG B 1102 -11.28 12.65 24.78
CA ARG B 1102 -11.17 11.23 25.13
C ARG B 1102 -9.88 10.63 24.60
N ASP B 1103 -9.50 11.02 23.38
CA ASP B 1103 -8.20 10.63 22.81
C ASP B 1103 -7.04 11.19 23.63
N MET B 1104 -7.18 12.44 24.10
CA MET B 1104 -6.12 13.08 24.87
C MET B 1104 -5.87 12.36 26.19
N PHE B 1105 -6.93 12.02 26.92
CA PHE B 1105 -6.76 11.40 28.23
C PHE B 1105 -6.71 9.88 28.18
N HIS B 1106 -6.91 9.26 27.01
CA HIS B 1106 -6.94 7.80 26.95
C HIS B 1106 -5.57 7.19 27.29
N SER B 1107 -4.47 7.83 26.83
CA SER B 1107 -3.08 7.41 26.99
C SER B 1107 -2.76 6.22 26.09
N SER B 1108 -2.00 6.50 25.01
CA SER B 1108 -1.51 5.64 23.91
C SER B 1108 -2.56 5.38 22.83
N ARG B 1109 -3.66 6.13 22.80
CA ARG B 1109 -4.66 6.03 21.75
C ARG B 1109 -4.84 7.41 21.13
N TRP B 1110 -4.80 7.46 19.80
CA TRP B 1110 -4.94 8.72 19.09
C TRP B 1110 -5.66 8.49 17.78
N THR B 1111 -6.44 9.49 17.37
CA THR B 1111 -7.19 9.46 16.12
C THR B 1111 -6.58 10.37 15.07
N SER B 1112 -6.41 11.63 15.37
CA SER B 1112 -5.79 12.62 14.52
C SER B 1112 -4.33 12.79 14.92
N PRO B 1113 -3.48 13.34 14.04
CA PRO B 1113 -2.17 13.79 14.52
C PRO B 1113 -2.27 14.97 15.46
N GLU B 1114 -3.33 15.79 15.33
CA GLU B 1114 -3.55 16.90 16.26
C GLU B 1114 -3.91 16.38 17.64
N GLY B 1115 -4.81 15.39 17.71
CA GLY B 1115 -5.08 14.71 18.97
C GLY B 1115 -3.89 13.93 19.50
N LEU B 1116 -3.03 13.44 18.61
CA LEU B 1116 -1.82 12.76 19.02
C LEU B 1116 -0.83 13.71 19.70
N GLY B 1117 -0.60 14.86 19.08
CA GLY B 1117 0.24 15.88 19.69
C GLY B 1117 -0.35 16.42 20.96
N LEU B 1118 -1.69 16.52 21.04
CA LEU B 1118 -2.36 16.88 22.28
C LEU B 1118 -2.15 15.82 23.36
N SER B 1119 -2.17 14.54 22.97
CA SER B 1119 -1.96 13.45 23.92
C SER B 1119 -0.55 13.47 24.49
N VAL B 1120 0.45 13.68 23.62
CA VAL B 1120 1.83 13.73 24.11
C VAL B 1120 2.07 15.00 24.93
N CYS B 1121 1.44 16.11 24.54
CA CYS B 1121 1.55 17.33 25.34
C CYS B 1121 0.71 17.29 26.60
N ARG B 1122 -0.17 16.29 26.75
CA ARG B 1122 -0.79 15.99 28.03
C ARG B 1122 0.13 15.13 28.89
N LYS B 1123 0.80 14.15 28.27
CA LYS B 1123 1.71 13.27 29.00
C LYS B 1123 2.93 14.03 29.51
N ILE B 1124 3.34 15.09 28.80
CA ILE B 1124 4.43 15.92 29.28
C ILE B 1124 4.02 16.68 30.53
N LEU B 1125 2.77 17.17 30.58
CA LEU B 1125 2.28 17.82 31.79
C LEU B 1125 2.07 16.85 32.93
N LYS B 1126 1.71 15.59 32.63
CA LYS B 1126 1.69 14.55 33.65
C LYS B 1126 3.09 14.31 34.20
N LEU B 1127 4.09 14.34 33.33
CA LEU B 1127 5.48 14.15 33.74
C LEU B 1127 6.04 15.35 34.48
N MET B 1128 5.46 16.54 34.30
CA MET B 1128 6.01 17.78 34.84
C MET B 1128 5.11 18.36 35.94
N ASN B 1129 4.59 17.47 36.80
CA ASN B 1129 3.95 17.80 38.08
C ASN B 1129 2.71 18.69 37.92
N GLY B 1130 2.02 18.58 36.78
CA GLY B 1130 0.84 19.37 36.53
C GLY B 1130 -0.30 18.50 36.05
N GLU B 1131 -1.47 19.13 35.91
CA GLU B 1131 -2.65 18.42 35.46
C GLU B 1131 -3.49 19.35 34.61
N VAL B 1132 -4.20 18.78 33.66
CA VAL B 1132 -4.98 19.55 32.69
C VAL B 1132 -6.43 19.06 32.73
N GLN B 1133 -7.35 19.99 32.49
CA GLN B 1133 -8.77 19.66 32.45
C GLN B 1133 -9.42 20.35 31.25
N TYR B 1134 -10.49 19.76 30.75
CA TYR B 1134 -11.38 20.42 29.80
C TYR B 1134 -12.73 20.55 30.44
N ILE B 1135 -13.17 21.79 30.66
CA ILE B 1135 -14.36 22.09 31.45
C ILE B 1135 -15.35 22.85 30.57
N ARG B 1136 -16.61 22.44 30.63
CA ARG B 1136 -17.68 23.09 29.86
C ARG B 1136 -18.65 23.73 30.85
N GLU B 1137 -18.86 25.04 30.71
CA GLU B 1137 -19.72 25.84 31.56
C GLU B 1137 -20.61 26.76 30.73
N SER B 1138 -21.15 26.21 29.63
CA SER B 1138 -21.94 26.79 28.53
C SER B 1138 -21.03 27.58 27.58
N GLU B 1139 -19.76 27.77 27.90
CA GLU B 1139 -18.71 28.19 27.00
C GLU B 1139 -17.53 27.29 27.32
N ARG B 1140 -17.05 26.56 26.32
CA ARG B 1140 -16.09 25.49 26.58
C ARG B 1140 -14.72 26.10 26.87
N SER B 1141 -14.07 25.64 27.94
CA SER B 1141 -12.81 26.20 28.37
C SER B 1141 -11.78 25.12 28.68
N TYR B 1142 -10.52 25.48 28.53
CA TYR B 1142 -9.37 24.60 28.72
C TYR B 1142 -8.63 25.06 29.96
N PHE B 1143 -8.44 24.17 30.92
CA PHE B 1143 -7.81 24.56 32.18
C PHE B 1143 -6.63 23.64 32.49
N LEU B 1144 -5.49 24.26 32.85
CA LEU B 1144 -4.27 23.47 33.15
C LEU B 1144 -3.41 24.20 34.19
N ILE B 1145 -2.86 23.46 35.15
CA ILE B 1145 -2.01 24.04 36.19
C ILE B 1145 -0.64 23.37 36.07
N ILE B 1146 0.34 24.00 36.70
CA ILE B 1146 1.74 23.57 36.60
C ILE B 1146 2.47 24.15 37.81
N LEU B 1147 3.60 23.54 38.17
CA LEU B 1147 4.32 23.93 39.37
C LEU B 1147 5.81 23.81 39.11
N GLU B 1148 6.51 24.94 39.21
CA GLU B 1148 7.96 24.99 39.06
C GLU B 1148 8.53 25.92 40.12
N LEU B 1149 9.75 25.63 40.58
CA LEU B 1149 10.28 26.35 41.76
C LEU B 1149 11.28 27.45 41.41
N PRO B 1150 10.94 28.73 41.68
CA PRO B 1150 11.88 29.85 41.48
C PRO B 1150 13.10 29.75 42.39
N VAL B 1151 14.22 30.22 41.86
CA VAL B 1151 15.47 30.27 42.63
C VAL B 1151 15.96 31.71 42.72
CAH O6E C . 22.60 -7.01 -45.99
CAC O6E C . 22.65 -7.95 -44.78
CBJ O6E C . 22.31 -7.18 -43.45
CBD O6E C . 23.33 -6.04 -43.17
CAT O6E C . 22.84 -4.61 -43.42
CAX O6E C . 23.61 -6.19 -41.70
OBQ O6E C . 24.18 -5.38 -41.00
NBP O6E C . 23.08 -7.39 -41.22
CBN O6E C . 22.45 -8.11 -42.25
CAQ O6E C . 21.83 -9.32 -42.19
CAY O6E C . 21.65 -10.21 -41.00
NAN O6E C . 22.06 -10.03 -39.65
CBE O6E C . 20.98 -11.43 -41.08
CAU O6E C . 20.38 -12.04 -42.31
CBK O6E C . 20.98 -12.04 -39.77
CAD O6E C . 20.37 -13.37 -39.41
CAI O6E C . 21.44 -14.45 -39.62
CAM O6E C . 21.17 -15.85 -39.00
OBG O6E C . 20.16 -16.48 -39.40
OBA O6E C . 21.97 -16.30 -38.14
CBO O6E C . 21.65 -11.16 -38.89
CAO O6E C . 21.88 -11.38 -37.40
CAV O6E C . 22.52 -10.57 -36.50
NAE O6E C . 23.14 -9.29 -36.75
CBB O6E C . 22.71 -10.88 -35.04
CAA O6E C . 22.24 -12.11 -34.30
CAF O6E C . 23.36 -13.14 -34.23
CAL O6E C . 23.05 -14.28 -35.26
OBF O6E C . 23.99 -15.05 -35.58
OAZ O6E C . 21.90 -14.38 -35.71
CBH O6E C . 23.39 -9.82 -34.49
CAR O6E C . 23.81 -9.67 -33.08
CBL O6E C . 23.66 -8.82 -35.60
CAP O6E C . 24.37 -7.48 -35.52
CAW O6E C . 25.26 -7.13 -34.51
CBC O6E C . 25.23 -5.92 -33.80
CAS O6E C . 24.26 -4.79 -33.95
NAJ O6E C . 26.36 -7.92 -34.04
CBM O6E C . 27.02 -7.22 -33.03
OAK O6E C . 28.00 -7.59 -32.40
CBI O6E C . 26.27 -5.98 -32.91
CAB O6E C . 26.58 -4.89 -31.97
CAG O6E C . 27.62 -4.96 -31.11
CAH O6E D . -40.43 -13.56 29.37
CAC O6E D . -39.24 -13.17 30.26
CBJ O6E D . -37.87 -13.48 29.55
CBD O6E D . -36.77 -13.60 30.64
CAT O6E D . -36.13 -14.96 30.77
CAX O6E D . -35.71 -12.60 30.20
OBQ O6E D . -34.64 -12.42 30.76
NBP O6E D . -36.13 -11.91 29.06
CBN O6E D . -37.41 -12.31 28.63
CAQ O6E D . -38.14 -11.87 27.56
CAY O6E D . -37.72 -10.81 26.57
NAN O6E D . -36.53 -10.05 26.51
CBE O6E D . -38.54 -10.41 25.49
CAU O6E D . -39.90 -10.94 25.16
CBK O6E D . -37.83 -9.39 24.75
CAD O6E D . -38.32 -8.66 23.53
CAI O6E D . -38.79 -7.26 23.97
CAM O6E D . -39.14 -6.22 22.86
OBG O6E D . -40.35 -6.07 22.57
OBA O6E D . -38.21 -5.59 22.30
CBO O6E D . -36.59 -9.18 25.40
CAO O6E D . -35.52 -8.20 24.98
CAV O6E D . -34.31 -7.96 25.56
NAE O6E D . -33.76 -8.61 26.75
CBB O6E D . -33.30 -6.96 25.09
CAA O6E D . -33.40 -6.03 23.89
CAF O6E D . -34.57 -5.05 24.00
CAL O6E D . -34.08 -3.72 24.65
OBF O6E D . -33.02 -3.73 25.30
OAZ O6E D . -34.79 -2.69 24.52
CBH O6E D . -32.24 -7.05 25.94
CAR O6E D . -31.00 -6.26 25.88
CBL O6E D . -32.55 -8.09 27.00
CAP O6E D . -31.68 -8.54 28.17
CAW O6E D . -30.67 -7.76 28.74
CBC O6E D . -29.38 -8.20 29.10
CAS O6E D . -28.83 -9.60 28.98
NAJ O6E D . -30.78 -6.37 29.04
CBM O6E D . -29.57 -5.93 29.59
OAK O6E D . -29.30 -4.79 29.96
CBI O6E D . -28.73 -7.10 29.61
CAB O6E D . -27.34 -7.14 30.13
CAG O6E D . -26.72 -6.04 30.62
#